data_8BLS
#
_entry.id   8BLS
#
_cell.length_a   84.010
_cell.length_b   94.090
_cell.length_c   166.974
_cell.angle_alpha   90.00
_cell.angle_beta   90.64
_cell.angle_gamma   90.00
#
_symmetry.space_group_name_H-M   'P 1 21 1'
#
loop_
_entity.id
_entity.type
_entity.pdbx_description
1 polymer 'Bile salt hydrolase'
2 non-polymer 'GLYCOCHOLIC ACID'
3 water water
#
_entity_poly.entity_id   1
_entity_poly.type   'polypeptide(L)'
_entity_poly.pdbx_seq_one_letter_code
;(OCS)TAITLNGNSNYFGRNLDLDFSYGEEVIITPAEYEFKFRKEKAIKNHKSLIGVGIVANDYPLYFDAINEDGLGMAG
LNFPGNAYYSDALENDKDNITPFEFIPWILGQCSDVNEARNLVEKINLINLSFSEQLPLAGLHWLIADREKSIVVEVTKS
GVHIYDNPIGILTNNPEFNYQMYNLNKYRNLSISTPQNTFSDSVDLKVDGTGFGGIGLPGDVSPESRFVRATFSKLNSSK
GMTVEEDITQFFHILGTVEQIKGVNKTESGKEEYTVYSNCYDLDNKTLYYTTYENRQIVAVTLNKDKDGNRLVTYPFERK
QIINKLNLE
;
_entity_poly.pdbx_strand_id   A,B,C,D,E,F,G,H
#
# COMPACT_ATOMS: atom_id res chain seq x y z
N THR A 2 20.92 -2.31 -5.00
CA THR A 2 21.65 -2.25 -6.26
C THR A 2 22.67 -3.40 -6.33
N ALA A 3 22.67 -4.15 -7.41
CA ALA A 3 23.66 -5.24 -7.68
C ALA A 3 24.45 -4.87 -8.92
N ILE A 4 25.76 -5.07 -8.88
CA ILE A 4 26.66 -4.76 -10.02
C ILE A 4 27.66 -5.91 -10.19
N THR A 5 28.23 -5.97 -11.39
CA THR A 5 29.45 -6.72 -11.73
C THR A 5 30.53 -5.74 -12.17
N LEU A 6 31.77 -6.17 -12.08
CA LEU A 6 32.93 -5.41 -12.54
C LEU A 6 33.95 -6.42 -13.06
N ASN A 7 34.55 -6.12 -14.20
CA ASN A 7 35.67 -6.91 -14.78
C ASN A 7 36.91 -6.04 -14.65
N GLY A 8 37.93 -6.50 -13.92
CA GLY A 8 39.23 -5.81 -13.77
C GLY A 8 40.36 -6.81 -13.80
N ASN A 9 41.21 -6.81 -12.77
CA ASN A 9 42.37 -7.74 -12.58
C ASN A 9 41.81 -9.09 -12.16
N SER A 10 40.78 -9.07 -11.34
CA SER A 10 39.90 -10.25 -11.16
C SER A 10 38.53 -9.87 -11.70
N ASN A 11 37.51 -10.61 -11.28
CA ASN A 11 36.10 -10.43 -11.70
C ASN A 11 35.20 -10.43 -10.45
N TYR A 12 34.32 -9.44 -10.38
CA TYR A 12 33.61 -9.08 -9.14
C TYR A 12 32.12 -9.05 -9.38
N PHE A 13 31.40 -9.19 -8.27
CA PHE A 13 29.93 -9.20 -8.18
C PHE A 13 29.56 -8.78 -6.76
N GLY A 14 28.55 -7.93 -6.59
CA GLY A 14 28.20 -7.39 -5.26
C GLY A 14 26.94 -6.58 -5.26
N ARG A 15 26.51 -6.16 -4.07
CA ARG A 15 25.26 -5.39 -3.93
C ARG A 15 25.25 -4.57 -2.66
N ASN A 16 24.47 -3.51 -2.72
CA ASN A 16 23.87 -2.76 -1.59
C ASN A 16 22.58 -3.46 -1.24
N LEU A 17 22.40 -3.76 0.05
CA LEU A 17 21.08 -4.14 0.60
C LEU A 17 20.46 -2.88 1.21
N ASP A 18 19.31 -2.46 0.69
CA ASP A 18 18.65 -1.18 1.04
C ASP A 18 17.35 -1.55 1.76
N LEU A 19 17.20 -1.20 3.04
CA LEU A 19 16.03 -1.63 3.87
C LEU A 19 15.90 -0.66 5.02
N ASP A 20 14.76 -0.64 5.70
CA ASP A 20 14.50 0.31 6.81
C ASP A 20 14.81 -0.34 8.16
N PHE A 21 15.42 -1.53 8.17
CA PHE A 21 15.90 -2.21 9.41
C PHE A 21 16.92 -3.29 9.03
N SER A 22 17.58 -3.85 10.02
CA SER A 22 18.54 -4.97 9.84
C SER A 22 17.90 -6.27 10.31
N TYR A 23 18.16 -7.37 9.60
CA TYR A 23 17.76 -8.73 10.02
C TYR A 23 18.81 -9.36 10.95
N GLY A 24 19.90 -8.65 11.28
CA GLY A 24 21.05 -9.25 11.97
C GLY A 24 21.85 -10.13 11.00
N GLU A 25 22.17 -9.54 9.85
CA GLU A 25 22.83 -10.22 8.71
C GLU A 25 24.17 -10.80 9.18
N GLU A 26 24.61 -11.86 8.54
CA GLU A 26 25.91 -12.51 8.88
C GLU A 26 26.50 -13.13 7.60
N VAL A 27 27.78 -13.42 7.64
CA VAL A 27 28.45 -14.31 6.65
C VAL A 27 27.99 -15.73 6.93
N ILE A 28 27.48 -16.43 5.91
CA ILE A 28 27.13 -17.87 6.03
C ILE A 28 27.94 -18.66 5.00
N ILE A 29 28.74 -19.59 5.48
CA ILE A 29 29.45 -20.59 4.62
C ILE A 29 28.65 -21.88 4.68
N THR A 30 28.20 -22.37 3.53
CA THR A 30 27.54 -23.67 3.40
C THR A 30 28.53 -24.63 2.77
N PRO A 31 29.04 -25.62 3.53
CA PRO A 31 29.97 -26.59 2.98
C PRO A 31 29.25 -27.59 2.07
N ALA A 32 30.07 -28.31 1.33
CA ALA A 32 29.64 -29.24 0.27
C ALA A 32 28.62 -30.24 0.80
N GLU A 33 28.76 -30.68 2.05
CA GLU A 33 27.96 -31.81 2.56
C GLU A 33 26.92 -31.36 3.56
N TYR A 34 26.62 -30.05 3.64
CA TYR A 34 25.42 -29.57 4.35
C TYR A 34 24.25 -30.05 3.50
N GLU A 35 23.34 -30.79 4.10
CA GLU A 35 22.18 -31.36 3.37
C GLU A 35 21.17 -30.24 3.11
N PHE A 36 20.95 -29.90 1.83
CA PHE A 36 19.89 -28.93 1.40
C PHE A 36 18.56 -29.68 1.36
N LYS A 37 17.62 -29.30 2.21
CA LYS A 37 16.23 -29.80 2.24
C LYS A 37 15.35 -28.83 1.45
N PHE A 38 14.39 -29.40 0.74
CA PHE A 38 13.43 -28.67 -0.12
C PHE A 38 12.02 -29.05 0.34
N ARG A 39 11.13 -28.07 0.44
CA ARG A 39 9.73 -28.31 0.84
C ARG A 39 9.08 -29.35 -0.06
N LYS A 40 9.33 -29.31 -1.37
CA LYS A 40 8.55 -30.12 -2.34
C LYS A 40 9.47 -30.91 -3.28
N GLU A 41 10.76 -31.02 -2.97
CA GLU A 41 11.67 -31.87 -3.78
C GLU A 41 12.62 -32.59 -2.82
N LYS A 42 13.35 -33.54 -3.36
CA LYS A 42 14.26 -34.44 -2.63
C LYS A 42 15.48 -33.65 -2.18
N ALA A 43 15.99 -33.98 -0.99
CA ALA A 43 17.20 -33.41 -0.38
C ALA A 43 18.38 -33.63 -1.31
N ILE A 44 19.32 -32.69 -1.30
CA ILE A 44 20.65 -32.82 -1.95
C ILE A 44 21.76 -32.78 -0.89
N LYS A 45 22.47 -33.90 -0.72
CA LYS A 45 23.37 -34.15 0.43
C LYS A 45 24.80 -33.74 0.09
N ASN A 46 25.11 -33.55 -1.19
CA ASN A 46 26.46 -33.25 -1.72
C ASN A 46 26.31 -32.29 -2.91
N HIS A 47 26.98 -31.15 -2.85
CA HIS A 47 26.74 -30.02 -3.77
C HIS A 47 27.97 -29.13 -3.65
N LYS A 48 27.98 -28.06 -4.42
CA LYS A 48 29.04 -27.03 -4.38
C LYS A 48 28.93 -26.25 -3.07
N SER A 49 30.04 -25.79 -2.52
CA SER A 49 30.05 -24.96 -1.30
C SER A 49 29.69 -23.52 -1.66
N LEU A 50 29.04 -22.81 -0.74
CA LEU A 50 28.62 -21.41 -0.93
C LEU A 50 29.29 -20.57 0.14
N ILE A 51 29.57 -19.32 -0.19
CA ILE A 51 29.79 -18.24 0.83
C ILE A 51 28.81 -17.11 0.49
N GLY A 52 28.16 -16.55 1.50
CA GLY A 52 27.38 -15.34 1.24
C GLY A 52 26.91 -14.66 2.49
N VAL A 53 25.96 -13.74 2.30
CA VAL A 53 25.35 -12.94 3.37
C VAL A 53 23.86 -13.29 3.47
N GLY A 54 23.39 -13.52 4.69
CA GLY A 54 21.96 -13.63 4.97
C GLY A 54 21.75 -13.83 6.44
N ILE A 55 20.73 -14.62 6.77
CA ILE A 55 20.50 -15.07 8.17
C ILE A 55 20.27 -16.57 8.13
N VAL A 56 20.56 -17.23 9.25
CA VAL A 56 20.19 -18.65 9.49
C VAL A 56 18.90 -18.67 10.28
N ALA A 57 17.94 -19.50 9.84
CA ALA A 57 16.70 -19.77 10.57
C ALA A 57 16.39 -21.25 10.43
N ASN A 58 15.96 -21.88 11.53
CA ASN A 58 15.76 -23.33 11.60
C ASN A 58 16.94 -24.06 10.97
N ASP A 59 18.18 -23.62 11.21
CA ASP A 59 19.40 -24.27 10.67
C ASP A 59 19.39 -24.27 9.14
N TYR A 60 18.68 -23.33 8.49
CA TYR A 60 18.65 -23.15 7.01
C TYR A 60 19.31 -21.83 6.62
N PRO A 61 20.23 -21.82 5.62
CA PRO A 61 20.91 -20.58 5.25
C PRO A 61 20.01 -19.78 4.29
N LEU A 62 19.41 -18.67 4.80
CA LEU A 62 18.51 -17.76 4.03
C LEU A 62 19.39 -16.68 3.38
N TYR A 63 19.93 -16.98 2.21
CA TYR A 63 20.90 -16.11 1.52
C TYR A 63 20.19 -14.89 0.95
N PHE A 64 20.77 -13.72 1.22
CA PHE A 64 20.39 -12.47 0.52
C PHE A 64 21.12 -12.46 -0.84
N ASP A 65 22.37 -12.87 -0.79
CA ASP A 65 23.23 -13.05 -1.98
C ASP A 65 24.31 -14.05 -1.60
N ALA A 66 24.94 -14.69 -2.58
CA ALA A 66 26.04 -15.64 -2.36
C ALA A 66 26.81 -15.91 -3.65
N ILE A 67 27.96 -16.54 -3.50
CA ILE A 67 28.68 -17.22 -4.61
C ILE A 67 28.97 -18.66 -4.18
N ASN A 68 29.36 -19.47 -5.15
CA ASN A 68 29.77 -20.88 -4.97
C ASN A 68 31.26 -21.02 -5.27
N GLU A 69 31.73 -22.22 -5.05
CA GLU A 69 33.17 -22.53 -5.12
C GLU A 69 33.67 -22.34 -6.56
N ASP A 70 32.80 -22.25 -7.59
CA ASP A 70 33.22 -22.02 -9.01
C ASP A 70 33.17 -20.54 -9.39
N GLY A 71 32.87 -19.64 -8.46
CA GLY A 71 32.80 -18.21 -8.78
C GLY A 71 31.56 -17.85 -9.57
N LEU A 72 30.46 -18.61 -9.44
CA LEU A 72 29.10 -18.20 -9.84
C LEU A 72 28.41 -17.50 -8.66
N GLY A 73 27.78 -16.36 -8.93
CA GLY A 73 27.08 -15.52 -7.94
C GLY A 73 25.61 -15.38 -8.23
N MET A 74 24.84 -15.16 -7.17
CA MET A 74 23.39 -14.89 -7.31
C MET A 74 22.94 -13.97 -6.18
N ALA A 75 22.11 -12.99 -6.52
CA ALA A 75 21.55 -11.99 -5.58
C ALA A 75 20.06 -11.85 -5.84
N GLY A 76 19.28 -11.89 -4.75
CA GLY A 76 17.86 -11.54 -4.71
C GLY A 76 17.70 -10.07 -4.39
N LEU A 77 17.02 -9.31 -5.24
CA LEU A 77 16.67 -7.89 -4.98
C LEU A 77 15.14 -7.72 -4.93
N ASN A 78 14.69 -6.75 -4.14
CA ASN A 78 13.26 -6.40 -4.02
C ASN A 78 12.65 -6.11 -5.40
N PHE A 79 11.49 -6.71 -5.64
CA PHE A 79 10.74 -6.65 -6.92
C PHE A 79 9.25 -6.62 -6.58
N PRO A 80 8.78 -5.63 -5.80
CA PRO A 80 7.43 -5.72 -5.23
C PRO A 80 6.34 -5.64 -6.30
N GLY A 81 5.37 -6.54 -6.19
CA GLY A 81 4.18 -6.55 -7.04
C GLY A 81 4.41 -7.23 -8.37
N ASN A 82 5.66 -7.37 -8.83
CA ASN A 82 5.90 -7.91 -10.20
C ASN A 82 6.19 -9.41 -10.12
N ALA A 83 6.76 -9.88 -9.02
CA ALA A 83 7.09 -11.31 -8.85
C ALA A 83 5.79 -12.08 -8.76
N TYR A 84 5.71 -13.22 -9.41
CA TYR A 84 4.53 -14.12 -9.41
C TYR A 84 5.08 -15.52 -9.15
N TYR A 85 4.81 -16.07 -7.97
CA TYR A 85 5.19 -17.47 -7.61
C TYR A 85 3.92 -18.30 -7.81
N SER A 86 4.07 -19.54 -8.32
CA SER A 86 2.94 -20.43 -8.67
C SER A 86 2.28 -21.02 -7.41
N ASP A 87 0.93 -21.09 -7.40
CA ASP A 87 0.18 -21.80 -6.34
C ASP A 87 -0.02 -23.27 -6.73
N ALA A 88 0.48 -23.69 -7.88
CA ALA A 88 0.34 -25.09 -8.35
C ALA A 88 1.71 -25.76 -8.39
N LEU A 89 1.76 -27.03 -8.02
CA LEU A 89 2.93 -27.91 -8.19
C LEU A 89 2.89 -28.45 -9.62
N GLU A 90 4.03 -28.60 -10.27
CA GLU A 90 4.15 -29.23 -11.61
C GLU A 90 4.68 -30.64 -11.38
N ASN A 91 4.12 -31.65 -12.05
CA ASN A 91 4.61 -33.06 -11.99
C ASN A 91 5.92 -33.24 -12.76
N ASP A 92 6.18 -32.40 -13.77
CA ASP A 92 7.33 -32.57 -14.69
C ASP A 92 8.39 -31.47 -14.50
N LYS A 93 8.28 -30.68 -13.43
CA LYS A 93 9.29 -29.63 -13.11
C LYS A 93 9.60 -29.68 -11.60
N ASP A 94 10.82 -29.29 -11.26
CA ASP A 94 11.28 -29.07 -9.86
C ASP A 94 10.46 -27.92 -9.30
N ASN A 95 9.77 -28.17 -8.19
CA ASN A 95 8.92 -27.17 -7.49
C ASN A 95 9.76 -26.57 -6.36
N ILE A 96 10.29 -25.39 -6.60
CA ILE A 96 11.33 -24.72 -5.75
C ILE A 96 10.73 -23.43 -5.15
N THR A 97 10.89 -23.24 -3.85
CA THR A 97 10.49 -21.98 -3.18
C THR A 97 11.53 -20.91 -3.52
N PRO A 98 11.16 -19.61 -3.41
CA PRO A 98 12.11 -18.51 -3.56
C PRO A 98 13.31 -18.54 -2.61
N PHE A 99 13.10 -18.97 -1.35
CA PHE A 99 14.18 -19.04 -0.35
C PHE A 99 15.10 -20.23 -0.62
N GLU A 100 14.66 -21.20 -1.41
CA GLU A 100 15.47 -22.36 -1.86
C GLU A 100 16.25 -22.05 -3.14
N PHE A 101 15.97 -20.95 -3.83
CA PHE A 101 16.37 -20.69 -5.24
C PHE A 101 17.88 -20.52 -5.31
N ILE A 102 18.47 -19.80 -4.36
CA ILE A 102 19.93 -19.57 -4.37
C ILE A 102 20.64 -20.90 -4.16
N PRO A 103 20.29 -21.69 -3.11
CA PRO A 103 20.87 -23.02 -2.97
C PRO A 103 20.68 -23.92 -4.22
N TRP A 104 19.49 -23.97 -4.77
CA TRP A 104 19.16 -24.81 -5.95
C TRP A 104 20.11 -24.48 -7.09
N ILE A 105 20.29 -23.20 -7.40
CA ILE A 105 21.17 -22.77 -8.52
C ILE A 105 22.65 -22.88 -8.11
N LEU A 106 23.08 -22.19 -7.06
CA LEU A 106 24.53 -22.09 -6.75
C LEU A 106 25.04 -23.45 -6.28
N GLY A 107 24.16 -24.29 -5.75
CA GLY A 107 24.55 -25.63 -5.28
C GLY A 107 24.96 -26.55 -6.43
N GLN A 108 24.41 -26.34 -7.63
CA GLN A 108 24.44 -27.31 -8.74
C GLN A 108 25.12 -26.70 -9.99
N CYS A 109 25.22 -25.39 -10.10
CA CYS A 109 25.62 -24.75 -11.39
C CYS A 109 26.98 -24.12 -11.29
N SER A 110 27.83 -24.34 -12.30
CA SER A 110 29.22 -23.84 -12.23
C SER A 110 29.31 -22.51 -12.98
N ASP A 111 28.38 -22.22 -13.89
CA ASP A 111 28.49 -20.98 -14.73
C ASP A 111 27.09 -20.49 -15.11
N VAL A 112 27.04 -19.33 -15.77
CA VAL A 112 25.74 -18.69 -16.13
C VAL A 112 24.95 -19.56 -17.11
N ASN A 113 25.60 -20.22 -18.07
CA ASN A 113 24.86 -21.06 -19.07
C ASN A 113 24.15 -22.22 -18.36
N GLU A 114 24.80 -22.85 -17.39
CA GLU A 114 24.17 -23.93 -16.59
C GLU A 114 23.04 -23.33 -15.75
N ALA A 115 23.27 -22.18 -15.10
CA ALA A 115 22.23 -21.52 -14.29
C ALA A 115 21.00 -21.31 -15.19
N ARG A 116 21.21 -20.79 -16.41
CA ARG A 116 20.12 -20.42 -17.32
C ARG A 116 19.31 -21.67 -17.66
N ASN A 117 19.97 -22.77 -18.02
CA ASN A 117 19.25 -24.02 -18.40
C ASN A 117 18.40 -24.50 -17.21
N LEU A 118 18.93 -24.40 -15.97
CA LEU A 118 18.18 -24.83 -14.79
C LEU A 118 17.01 -23.86 -14.53
N VAL A 119 17.26 -22.55 -14.62
CA VAL A 119 16.19 -21.54 -14.39
C VAL A 119 15.06 -21.72 -15.37
N GLU A 120 15.36 -21.98 -16.65
CA GLU A 120 14.36 -22.14 -17.74
C GLU A 120 13.29 -23.15 -17.32
N LYS A 121 13.68 -24.19 -16.57
CA LYS A 121 12.83 -25.35 -16.28
C LYS A 121 12.27 -25.31 -14.86
N ILE A 122 12.47 -24.21 -14.10
CA ILE A 122 12.03 -24.14 -12.67
C ILE A 122 10.54 -23.83 -12.59
N ASN A 123 9.88 -24.33 -11.54
CA ASN A 123 8.56 -23.87 -11.06
C ASN A 123 8.77 -23.22 -9.68
N LEU A 124 8.85 -21.89 -9.64
CA LEU A 124 8.97 -21.11 -8.38
C LEU A 124 7.61 -21.11 -7.71
N ILE A 125 7.53 -21.74 -6.54
CA ILE A 125 6.22 -21.97 -5.86
C ILE A 125 6.01 -20.95 -4.75
N ASN A 126 4.75 -20.62 -4.53
CA ASN A 126 4.32 -19.59 -3.55
C ASN A 126 4.20 -20.23 -2.17
N LEU A 127 5.34 -20.54 -1.54
CA LEU A 127 5.41 -21.19 -0.21
C LEU A 127 6.42 -20.42 0.63
N SER A 128 5.95 -19.82 1.71
CA SER A 128 6.73 -19.02 2.68
C SER A 128 7.65 -19.91 3.51
N PHE A 129 8.81 -19.39 3.93
CA PHE A 129 9.72 -20.08 4.88
C PHE A 129 8.97 -20.44 6.19
N SER A 130 8.26 -19.47 6.75
CA SER A 130 7.57 -19.55 8.06
C SER A 130 6.62 -18.36 8.21
N GLU A 131 5.83 -18.41 9.27
CA GLU A 131 4.93 -17.31 9.71
C GLU A 131 5.74 -16.07 10.06
N GLN A 132 6.90 -16.23 10.70
CA GLN A 132 7.79 -15.11 11.08
C GLN A 132 8.40 -14.47 9.83
N LEU A 133 8.72 -15.24 8.78
CA LEU A 133 9.55 -14.77 7.64
C LEU A 133 8.78 -15.01 6.35
N PRO A 134 7.74 -14.21 6.05
CA PRO A 134 6.86 -14.45 4.91
C PRO A 134 7.59 -14.04 3.62
N LEU A 135 7.14 -14.57 2.49
CA LEU A 135 7.73 -14.24 1.15
C LEU A 135 7.53 -12.76 0.86
N ALA A 136 8.48 -12.13 0.20
CA ALA A 136 8.26 -10.85 -0.51
C ALA A 136 8.76 -10.97 -1.95
N GLY A 137 8.14 -10.28 -2.91
CA GLY A 137 8.54 -10.41 -4.33
C GLY A 137 10.02 -10.16 -4.55
N LEU A 138 10.74 -11.05 -5.23
CA LEU A 138 12.14 -10.79 -5.68
C LEU A 138 12.31 -10.93 -7.20
N HIS A 139 13.43 -10.38 -7.67
CA HIS A 139 14.13 -10.76 -8.91
C HIS A 139 15.61 -10.94 -8.63
N TRP A 140 16.33 -11.61 -9.55
CA TRP A 140 17.71 -12.09 -9.32
C TRP A 140 18.67 -11.57 -10.41
N LEU A 141 19.87 -11.22 -9.98
CA LEU A 141 21.04 -11.16 -10.86
C LEU A 141 21.85 -12.43 -10.64
N ILE A 142 22.20 -13.13 -11.70
CA ILE A 142 23.14 -14.29 -11.68
C ILE A 142 24.38 -13.93 -12.52
N ALA A 143 25.57 -14.02 -11.92
CA ALA A 143 26.82 -13.58 -12.60
C ALA A 143 27.95 -14.60 -12.43
N ASP A 144 28.75 -14.76 -13.49
CA ASP A 144 30.07 -15.42 -13.42
C ASP A 144 31.10 -14.43 -13.91
N ARG A 145 32.36 -14.85 -13.97
CA ARG A 145 33.53 -14.02 -14.38
C ARG A 145 33.36 -13.46 -15.81
N GLU A 146 32.44 -14.00 -16.61
CA GLU A 146 32.31 -13.62 -18.03
C GLU A 146 31.07 -12.77 -18.25
N LYS A 147 29.94 -13.05 -17.57
CA LYS A 147 28.67 -12.41 -17.97
C LYS A 147 27.63 -12.56 -16.87
N SER A 148 26.48 -11.97 -17.10
CA SER A 148 25.39 -11.98 -16.11
C SER A 148 24.05 -12.03 -16.83
N ILE A 149 23.06 -12.56 -16.13
CA ILE A 149 21.65 -12.64 -16.54
C ILE A 149 20.78 -12.11 -15.42
N VAL A 150 19.59 -11.67 -15.80
CA VAL A 150 18.52 -11.23 -14.87
C VAL A 150 17.39 -12.24 -14.99
N VAL A 151 16.87 -12.70 -13.86
CA VAL A 151 15.69 -13.59 -13.77
C VAL A 151 14.56 -12.78 -13.14
N GLU A 152 13.43 -12.68 -13.86
CA GLU A 152 12.18 -12.07 -13.38
C GLU A 152 11.08 -13.07 -13.67
N VAL A 153 10.48 -13.62 -12.60
CA VAL A 153 9.33 -14.54 -12.71
C VAL A 153 8.07 -13.71 -12.42
N THR A 154 7.27 -13.47 -13.46
CA THR A 154 6.07 -12.60 -13.44
C THR A 154 4.88 -13.43 -13.89
N LYS A 155 3.69 -12.82 -13.96
CA LYS A 155 2.44 -13.47 -14.42
C LYS A 155 2.61 -14.01 -15.84
N SER A 156 3.47 -13.41 -16.66
CA SER A 156 3.72 -13.85 -18.07
C SER A 156 4.81 -14.93 -18.15
N GLY A 157 5.40 -15.35 -17.02
CA GLY A 157 6.29 -16.53 -16.99
C GLY A 157 7.69 -16.21 -16.53
N VAL A 158 8.61 -17.13 -16.79
CA VAL A 158 10.03 -17.05 -16.37
C VAL A 158 10.79 -16.27 -17.44
N HIS A 159 11.21 -15.05 -17.16
CA HIS A 159 11.96 -14.22 -18.12
C HIS A 159 13.43 -14.22 -17.71
N ILE A 160 14.31 -14.54 -18.63
CA ILE A 160 15.78 -14.53 -18.42
C ILE A 160 16.31 -13.51 -19.43
N TYR A 161 17.06 -12.53 -18.96
CA TYR A 161 17.60 -11.46 -19.83
C TYR A 161 19.10 -11.57 -19.77
N ASP A 162 19.75 -11.55 -20.91
CA ASP A 162 21.20 -11.20 -20.94
C ASP A 162 21.32 -9.80 -20.36
N ASN A 163 22.32 -9.57 -19.53
CA ASN A 163 22.48 -8.27 -18.86
C ASN A 163 23.75 -7.66 -19.41
N PRO A 164 23.68 -6.79 -20.42
CA PRO A 164 24.90 -6.33 -21.08
C PRO A 164 25.73 -5.39 -20.21
N ILE A 165 25.20 -4.86 -19.09
CA ILE A 165 25.93 -3.83 -18.30
C ILE A 165 26.27 -4.32 -16.87
N GLY A 166 25.74 -5.46 -16.47
CA GLY A 166 25.91 -6.03 -15.12
C GLY A 166 25.45 -5.06 -14.03
N ILE A 167 24.20 -4.60 -14.13
CA ILE A 167 23.50 -3.65 -13.19
C ILE A 167 22.11 -4.21 -12.95
N LEU A 168 21.65 -4.13 -11.71
CA LEU A 168 20.23 -4.41 -11.39
C LEU A 168 19.80 -3.61 -10.13
N THR A 169 18.56 -3.13 -10.12
CA THR A 169 17.96 -2.49 -8.91
C THR A 169 16.64 -3.18 -8.62
N ASN A 170 15.56 -2.41 -8.62
CA ASN A 170 14.22 -2.87 -8.23
C ASN A 170 13.34 -2.70 -9.46
N ASN A 171 12.08 -2.34 -9.27
CA ASN A 171 11.13 -2.05 -10.37
C ASN A 171 11.57 -0.83 -11.13
N PRO A 172 11.19 -0.67 -12.42
CA PRO A 172 10.39 -1.66 -13.14
C PRO A 172 11.18 -2.86 -13.68
N GLU A 173 10.51 -3.67 -14.48
CA GLU A 173 11.05 -4.86 -15.19
C GLU A 173 12.21 -4.43 -16.06
N PHE A 174 13.08 -5.38 -16.40
CA PHE A 174 14.46 -5.10 -16.87
C PHE A 174 14.46 -4.39 -18.23
N ASN A 175 13.55 -4.76 -19.14
CA ASN A 175 13.47 -4.12 -20.48
C ASN A 175 13.16 -2.64 -20.28
N TYR A 176 12.35 -2.29 -19.28
CA TYR A 176 12.00 -0.87 -18.97
C TYR A 176 13.23 -0.15 -18.41
N GLN A 177 13.98 -0.78 -17.52
CA GLN A 177 15.23 -0.19 -16.95
C GLN A 177 16.26 0.04 -18.07
N MET A 178 16.45 -0.95 -18.95
CA MET A 178 17.40 -0.84 -20.10
C MET A 178 16.93 0.26 -21.07
N TYR A 179 15.63 0.29 -21.38
CA TYR A 179 15.08 1.32 -22.29
C TYR A 179 15.31 2.72 -21.67
N ASN A 180 15.13 2.88 -20.38
CA ASN A 180 15.27 4.16 -19.64
C ASN A 180 16.67 4.77 -19.84
N LEU A 181 17.70 3.97 -20.10
CA LEU A 181 19.08 4.49 -20.28
C LEU A 181 19.16 5.32 -21.57
N ASN A 182 18.32 5.06 -22.58
CA ASN A 182 18.46 5.62 -23.96
C ASN A 182 18.45 7.15 -23.92
N LYS A 183 17.65 7.75 -23.03
CA LYS A 183 17.50 9.23 -23.01
C LYS A 183 18.71 9.93 -22.34
N TYR A 184 19.69 9.17 -21.80
CA TYR A 184 20.89 9.70 -21.12
C TYR A 184 22.12 9.62 -22.05
N ARG A 185 21.92 9.35 -23.34
CA ARG A 185 23.05 9.08 -24.28
C ARG A 185 23.99 10.30 -24.33
N ASN A 186 23.47 11.50 -24.04
CA ASN A 186 24.20 12.79 -24.17
C ASN A 186 25.10 13.07 -22.96
N LEU A 187 24.96 12.35 -21.84
CA LEU A 187 25.83 12.54 -20.67
C LEU A 187 27.29 12.25 -21.04
N SER A 188 28.21 12.89 -20.34
CA SER A 188 29.65 12.74 -20.60
C SER A 188 30.48 12.81 -19.32
N ILE A 189 31.69 12.27 -19.37
CA ILE A 189 32.70 12.31 -18.29
C ILE A 189 33.54 13.57 -18.46
N SER A 190 33.43 14.30 -19.57
CA SER A 190 34.21 15.56 -19.74
C SER A 190 33.35 16.73 -20.16
N THR A 191 33.91 17.94 -19.98
CA THR A 191 33.26 19.22 -20.32
C THR A 191 32.79 19.08 -21.77
N PRO A 192 31.48 19.16 -22.05
CA PRO A 192 31.04 19.08 -23.44
C PRO A 192 31.30 20.41 -24.16
N GLN A 193 31.24 20.38 -25.48
CA GLN A 193 31.15 21.59 -26.34
C GLN A 193 29.77 22.25 -26.19
N ASN A 194 29.72 23.55 -26.48
CA ASN A 194 28.48 24.34 -26.52
C ASN A 194 27.76 24.00 -27.82
N THR A 195 26.86 23.02 -27.78
CA THR A 195 25.92 22.67 -28.87
C THR A 195 24.60 23.40 -28.65
N PHE A 196 24.42 24.11 -27.55
CA PHE A 196 23.15 24.84 -27.27
C PHE A 196 22.93 25.88 -28.36
N SER A 197 23.95 26.72 -28.59
CA SER A 197 24.00 27.70 -29.69
C SER A 197 25.39 28.36 -29.71
N ASP A 198 26.04 28.47 -30.87
CA ASP A 198 27.31 29.23 -30.93
C ASP A 198 26.99 30.74 -31.01
N SER A 199 25.73 31.17 -30.86
CA SER A 199 25.36 32.62 -30.78
C SER A 199 25.33 33.13 -29.33
N VAL A 200 25.61 32.31 -28.33
CA VAL A 200 25.73 32.79 -26.93
C VAL A 200 27.00 32.18 -26.36
N ASP A 201 27.74 32.95 -25.60
CA ASP A 201 29.07 32.54 -25.07
C ASP A 201 28.87 31.91 -23.67
N LEU A 202 28.46 30.65 -23.65
CA LEU A 202 28.20 29.90 -22.40
C LEU A 202 29.56 29.62 -21.77
N LYS A 203 29.65 29.86 -20.46
CA LYS A 203 30.89 29.77 -19.66
C LYS A 203 30.87 28.51 -18.81
N VAL A 204 32.02 27.89 -18.65
CA VAL A 204 32.19 26.72 -17.76
C VAL A 204 33.09 27.18 -16.62
N ASP A 205 32.62 27.12 -15.38
CA ASP A 205 33.31 27.71 -14.20
C ASP A 205 33.66 26.60 -13.19
N GLY A 206 33.54 25.34 -13.61
CA GLY A 206 33.93 24.19 -12.78
C GLY A 206 34.04 22.93 -13.62
N THR A 207 34.53 21.86 -13.01
CA THR A 207 34.58 20.51 -13.64
C THR A 207 33.24 19.79 -13.42
N GLY A 208 33.06 18.70 -14.16
CA GLY A 208 31.88 17.81 -14.07
C GLY A 208 30.64 18.25 -14.84
N PHE A 209 30.71 19.26 -15.72
CA PHE A 209 29.51 19.74 -16.44
C PHE A 209 28.95 18.66 -17.37
N GLY A 210 29.77 17.74 -17.82
CA GLY A 210 29.33 16.67 -18.74
C GLY A 210 28.28 15.72 -18.12
N GLY A 211 28.28 15.54 -16.78
CA GLY A 211 27.30 14.70 -16.06
C GLY A 211 25.94 15.35 -15.83
N ILE A 212 25.77 16.65 -16.13
CA ILE A 212 24.52 17.39 -15.80
C ILE A 212 23.35 16.69 -16.49
N GLY A 213 22.30 16.32 -15.76
CA GLY A 213 21.22 15.46 -16.28
C GLY A 213 21.21 14.11 -15.60
N LEU A 214 22.35 13.66 -15.08
CA LEU A 214 22.40 12.37 -14.32
C LEU A 214 21.47 12.50 -13.10
N PRO A 215 20.49 11.61 -12.90
CA PRO A 215 19.63 11.71 -11.71
C PRO A 215 20.41 11.33 -10.43
N GLY A 216 20.10 12.02 -9.33
CA GLY A 216 20.80 11.88 -8.06
C GLY A 216 19.97 11.33 -6.91
N ASP A 217 18.69 11.04 -7.13
CA ASP A 217 17.76 10.55 -6.08
C ASP A 217 17.97 9.04 -5.86
N VAL A 218 17.28 8.43 -4.90
CA VAL A 218 17.46 6.97 -4.60
C VAL A 218 16.24 6.16 -5.02
N SER A 219 15.43 6.65 -5.95
CA SER A 219 14.41 5.83 -6.64
C SER A 219 15.15 4.76 -7.42
N PRO A 220 14.53 3.57 -7.60
CA PRO A 220 15.23 2.49 -8.28
C PRO A 220 15.70 2.84 -9.69
N GLU A 221 14.92 3.55 -10.51
CA GLU A 221 15.32 3.88 -11.90
C GLU A 221 16.51 4.84 -11.84
N SER A 222 16.48 5.84 -10.95
CA SER A 222 17.60 6.80 -10.79
C SER A 222 18.88 6.05 -10.41
N ARG A 223 18.78 5.07 -9.49
CA ARG A 223 19.95 4.31 -9.01
C ARG A 223 20.46 3.43 -10.16
N PHE A 224 19.58 2.81 -10.93
CA PHE A 224 19.94 2.00 -12.13
C PHE A 224 20.76 2.88 -13.11
N VAL A 225 20.31 4.11 -13.39
CA VAL A 225 21.06 5.00 -14.36
C VAL A 225 22.40 5.42 -13.76
N ARG A 226 22.39 5.88 -12.50
CA ARG A 226 23.60 6.42 -11.84
C ARG A 226 24.62 5.30 -11.65
N ALA A 227 24.19 4.10 -11.26
CA ALA A 227 25.12 2.96 -11.11
C ALA A 227 25.73 2.59 -12.47
N THR A 228 24.89 2.52 -13.51
CA THR A 228 25.38 2.22 -14.88
C THR A 228 26.46 3.23 -15.28
N PHE A 229 26.21 4.52 -15.12
CA PHE A 229 27.16 5.59 -15.54
C PHE A 229 28.48 5.45 -14.77
N SER A 230 28.35 5.27 -13.45
CA SER A 230 29.49 5.19 -12.50
C SER A 230 30.30 3.93 -12.82
N LYS A 231 29.65 2.81 -13.04
CA LYS A 231 30.31 1.50 -13.26
C LYS A 231 31.02 1.52 -14.63
N LEU A 232 30.29 1.84 -15.69
CA LEU A 232 30.83 1.72 -17.07
C LEU A 232 31.97 2.71 -17.26
N ASN A 233 31.98 3.84 -16.55
CA ASN A 233 33.05 4.85 -16.73
C ASN A 233 34.10 4.73 -15.62
N SER A 234 34.03 3.78 -14.69
CA SER A 234 35.04 3.79 -13.60
C SER A 234 36.44 3.43 -14.13
N SER A 235 37.47 4.16 -13.66
CA SER A 235 38.87 3.93 -14.06
C SER A 235 39.31 2.50 -13.73
N LYS A 236 40.09 1.91 -14.62
CA LYS A 236 40.81 0.63 -14.42
C LYS A 236 41.76 0.76 -13.23
N GLY A 237 41.82 -0.27 -12.39
CA GLY A 237 42.77 -0.41 -11.29
C GLY A 237 43.98 -1.23 -11.74
N MET A 238 45.10 -1.01 -11.07
CA MET A 238 46.41 -1.70 -11.31
C MET A 238 46.43 -3.06 -10.61
N THR A 239 45.72 -3.22 -9.52
CA THR A 239 45.74 -4.47 -8.69
C THR A 239 44.30 -4.86 -8.34
N VAL A 240 44.12 -6.09 -7.91
CA VAL A 240 42.84 -6.60 -7.33
C VAL A 240 42.41 -5.68 -6.19
N GLU A 241 43.31 -5.25 -5.32
CA GLU A 241 42.98 -4.42 -4.13
C GLU A 241 42.42 -3.08 -4.60
N GLU A 242 43.03 -2.46 -5.61
CA GLU A 242 42.51 -1.20 -6.19
C GLU A 242 41.11 -1.45 -6.80
N ASP A 243 40.86 -2.58 -7.46
CA ASP A 243 39.52 -2.94 -7.99
C ASP A 243 38.48 -2.96 -6.86
N ILE A 244 38.77 -3.62 -5.74
CA ILE A 244 37.82 -3.82 -4.59
C ILE A 244 37.51 -2.42 -4.06
N THR A 245 38.55 -1.63 -3.83
CA THR A 245 38.45 -0.22 -3.39
C THR A 245 37.52 0.51 -4.36
N GLN A 246 37.75 0.33 -5.67
CA GLN A 246 36.94 0.99 -6.72
C GLN A 246 35.48 0.49 -6.67
N PHE A 247 35.29 -0.80 -6.46
CA PHE A 247 33.93 -1.41 -6.39
C PHE A 247 33.10 -0.75 -5.28
N PHE A 248 33.65 -0.60 -4.08
CA PHE A 248 32.92 0.04 -2.97
C PHE A 248 32.63 1.51 -3.33
N HIS A 249 33.52 2.22 -4.01
CA HIS A 249 33.22 3.58 -4.52
C HIS A 249 32.00 3.57 -5.47
N ILE A 250 31.89 2.57 -6.35
CA ILE A 250 30.76 2.53 -7.33
C ILE A 250 29.45 2.31 -6.56
N LEU A 251 29.44 1.37 -5.60
CA LEU A 251 28.24 1.08 -4.77
C LEU A 251 27.89 2.35 -3.96
N GLY A 252 28.90 3.08 -3.47
CA GLY A 252 28.69 4.35 -2.74
C GLY A 252 27.90 5.40 -3.51
N THR A 253 28.04 5.50 -4.86
CA THR A 253 27.35 6.53 -5.69
C THR A 253 25.84 6.31 -5.58
N VAL A 254 25.38 5.11 -5.21
CA VAL A 254 23.91 4.83 -5.14
C VAL A 254 23.51 4.40 -3.73
N GLU A 255 24.35 4.71 -2.76
CA GLU A 255 24.12 4.35 -1.33
C GLU A 255 22.93 5.19 -0.83
N GLN A 256 22.13 4.65 0.08
CA GLN A 256 21.01 5.36 0.70
C GLN A 256 21.42 5.72 2.12
N ILE A 257 21.51 7.01 2.41
CA ILE A 257 21.78 7.45 3.80
C ILE A 257 20.46 7.58 4.56
N LYS A 258 20.50 7.36 5.85
CA LYS A 258 19.33 7.48 6.75
C LYS A 258 18.79 8.90 6.75
N GLY A 259 17.53 9.08 6.33
CA GLY A 259 16.83 10.37 6.39
C GLY A 259 16.35 10.84 5.02
N VAL A 260 16.83 10.29 3.91
CA VAL A 260 16.52 10.86 2.56
C VAL A 260 15.37 10.08 1.94
N ASN A 261 15.05 8.91 2.49
CA ASN A 261 14.04 8.01 1.88
C ASN A 261 13.17 7.39 2.98
N LYS A 262 12.02 7.99 3.25
CA LYS A 262 11.14 7.56 4.37
C LYS A 262 10.04 6.68 3.78
N THR A 263 9.95 5.42 4.20
CA THR A 263 8.98 4.43 3.67
C THR A 263 7.56 4.75 4.16
N GLU A 264 6.58 3.94 3.77
CA GLU A 264 5.15 4.08 4.19
C GLU A 264 5.04 4.00 5.73
N SER A 265 5.77 3.08 6.36
CA SER A 265 5.82 2.89 7.85
C SER A 265 6.38 4.13 8.58
N GLY A 266 7.05 5.06 7.88
CA GLY A 266 7.72 6.23 8.50
C GLY A 266 9.13 5.89 8.94
N LYS A 267 9.62 4.68 8.64
CA LYS A 267 11.04 4.32 8.93
C LYS A 267 11.92 4.76 7.75
N GLU A 268 13.21 4.90 7.98
CA GLU A 268 14.19 5.45 7.00
C GLU A 268 14.82 4.27 6.25
N GLU A 269 14.71 4.23 4.93
CA GLU A 269 15.42 3.22 4.10
C GLU A 269 16.90 3.59 4.12
N TYR A 270 17.81 2.64 4.28
CA TYR A 270 19.27 2.90 4.23
C TYR A 270 20.01 1.69 3.68
N THR A 271 21.25 1.88 3.26
CA THR A 271 22.14 0.79 2.80
C THR A 271 22.69 0.07 4.05
N VAL A 272 22.04 -1.03 4.39
CA VAL A 272 22.35 -1.84 5.59
C VAL A 272 23.77 -2.38 5.43
N TYR A 273 24.09 -2.88 4.25
CA TYR A 273 25.45 -3.37 3.95
C TYR A 273 25.75 -3.24 2.47
N SER A 274 27.04 -3.26 2.16
CA SER A 274 27.57 -3.32 0.78
C SER A 274 28.53 -4.48 0.70
N ASN A 275 28.59 -5.18 -0.41
CA ASN A 275 29.61 -6.25 -0.52
C ASN A 275 30.14 -6.30 -1.94
N CYS A 276 31.29 -6.94 -2.03
CA CYS A 276 32.08 -7.21 -3.25
C CYS A 276 32.64 -8.63 -3.11
N TYR A 277 32.18 -9.54 -3.96
CA TYR A 277 32.79 -10.89 -4.10
C TYR A 277 33.81 -10.88 -5.23
N ASP A 278 35.03 -11.31 -4.92
CA ASP A 278 36.07 -11.66 -5.90
C ASP A 278 35.74 -13.07 -6.37
N LEU A 279 35.14 -13.18 -7.55
CA LEU A 279 34.68 -14.47 -8.09
C LEU A 279 35.90 -15.38 -8.34
N ASP A 280 36.99 -14.87 -8.89
CA ASP A 280 38.14 -15.75 -9.26
C ASP A 280 38.78 -16.32 -7.99
N ASN A 281 38.82 -15.53 -6.90
CA ASN A 281 39.49 -15.87 -5.61
C ASN A 281 38.45 -16.28 -4.55
N LYS A 282 37.16 -16.34 -4.89
CA LYS A 282 36.05 -16.82 -4.01
C LYS A 282 36.19 -16.15 -2.64
N THR A 283 36.28 -14.83 -2.61
CA THR A 283 36.42 -14.08 -1.34
C THR A 283 35.31 -13.04 -1.25
N LEU A 284 34.66 -12.97 -0.11
CA LEU A 284 33.62 -11.95 0.19
C LEU A 284 34.29 -10.81 0.97
N TYR A 285 34.04 -9.59 0.51
CA TYR A 285 34.43 -8.34 1.20
C TYR A 285 33.13 -7.61 1.51
N TYR A 286 33.00 -7.03 2.69
CA TYR A 286 31.75 -6.28 2.99
C TYR A 286 32.02 -5.11 3.92
N THR A 287 31.07 -4.20 3.87
CA THR A 287 30.95 -3.04 4.80
C THR A 287 29.50 -3.02 5.29
N THR A 288 29.23 -2.26 6.34
CA THR A 288 27.89 -2.07 6.91
C THR A 288 27.64 -0.57 7.04
N TYR A 289 26.39 -0.16 7.23
CA TYR A 289 26.09 1.27 7.50
C TYR A 289 26.94 1.76 8.68
N GLU A 290 27.12 0.92 9.69
CA GLU A 290 27.73 1.30 10.99
C GLU A 290 29.26 1.23 10.97
N ASN A 291 29.86 0.53 10.00
CA ASN A 291 31.33 0.25 9.99
C ASN A 291 31.93 0.44 8.61
N ARG A 292 32.83 1.41 8.43
CA ARG A 292 33.42 1.67 7.10
C ARG A 292 34.49 0.65 6.76
N GLN A 293 35.11 -0.01 7.74
CA GLN A 293 36.26 -0.88 7.46
C GLN A 293 35.77 -2.10 6.68
N ILE A 294 36.40 -2.39 5.55
CA ILE A 294 36.06 -3.61 4.77
C ILE A 294 36.47 -4.85 5.60
N VAL A 295 35.64 -5.88 5.59
CA VAL A 295 35.89 -7.17 6.27
C VAL A 295 35.89 -8.23 5.16
N ALA A 296 36.85 -9.15 5.17
CA ALA A 296 37.05 -10.20 4.14
C ALA A 296 36.89 -11.57 4.80
N VAL A 297 36.18 -12.47 4.14
CA VAL A 297 36.12 -13.93 4.46
C VAL A 297 36.26 -14.72 3.16
N THR A 298 37.17 -15.72 3.12
CA THR A 298 37.46 -16.51 1.90
C THR A 298 36.72 -17.85 2.00
N LEU A 299 36.19 -18.33 0.88
CA LEU A 299 35.61 -19.69 0.81
C LEU A 299 36.72 -20.71 0.54
N ASN A 300 36.95 -21.66 1.45
CA ASN A 300 37.94 -22.77 1.31
C ASN A 300 37.21 -24.07 0.95
N GLY A 305 32.60 -31.01 5.73
CA GLY A 305 31.67 -30.48 6.74
C GLY A 305 30.24 -30.59 6.31
N ASN A 306 29.33 -30.76 7.26
CA ASN A 306 27.87 -30.80 7.00
C ASN A 306 27.17 -29.75 7.85
N ARG A 307 27.92 -28.81 8.45
CA ARG A 307 27.35 -27.72 9.30
C ARG A 307 27.62 -26.32 8.71
N LEU A 308 26.64 -25.44 8.78
CA LEU A 308 26.82 -24.01 8.42
C LEU A 308 27.90 -23.43 9.32
N VAL A 309 28.75 -22.59 8.73
CA VAL A 309 29.77 -21.80 9.47
C VAL A 309 29.35 -20.33 9.34
N THR A 310 29.24 -19.61 10.46
CA THR A 310 28.68 -18.24 10.43
C THR A 310 29.63 -17.26 11.12
N TYR A 311 29.72 -16.05 10.57
CA TYR A 311 30.44 -14.91 11.18
C TYR A 311 29.48 -13.73 11.23
N PRO A 312 28.97 -13.34 12.41
CA PRO A 312 28.07 -12.18 12.49
C PRO A 312 28.76 -10.84 12.16
N PHE A 313 28.07 -9.94 11.48
CA PHE A 313 28.55 -8.57 11.17
C PHE A 313 28.80 -7.75 12.47
N GLU A 314 29.91 -6.99 12.49
CA GLU A 314 30.27 -5.90 13.45
C GLU A 314 29.47 -4.66 13.06
N ARG A 315 28.59 -4.17 13.92
CA ARG A 315 27.79 -2.96 13.61
C ARG A 315 28.27 -1.82 14.51
N LYS A 316 29.57 -1.61 14.56
CA LYS A 316 30.21 -0.50 15.29
C LYS A 316 31.38 -0.02 14.45
N GLN A 317 31.60 1.29 14.46
CA GLN A 317 32.63 1.95 13.63
C GLN A 317 33.99 1.58 14.22
N ILE A 318 34.81 0.89 13.45
CA ILE A 318 36.15 0.44 13.89
C ILE A 318 37.12 1.50 13.42
N ILE A 319 37.58 2.37 14.33
CA ILE A 319 38.39 3.56 13.97
C ILE A 319 39.84 3.27 14.33
N ASN A 320 40.78 3.65 13.46
CA ASN A 320 42.22 3.57 13.77
C ASN A 320 42.62 4.83 14.56
N LYS A 321 42.59 4.74 15.91
CA LYS A 321 42.87 5.91 16.79
C LYS A 321 44.38 6.01 17.01
N LEU A 322 45.01 7.08 16.50
CA LEU A 322 46.47 7.33 16.58
C LEU A 322 46.82 7.70 18.01
N ASN A 323 45.90 8.34 18.75
CA ASN A 323 46.19 8.75 20.14
C ASN A 323 44.91 8.66 20.97
N LEU A 324 45.09 8.61 22.29
CA LEU A 324 44.01 8.47 23.30
C LEU A 324 43.42 9.84 23.68
N GLU A 325 42.18 9.78 24.21
CA GLU A 325 41.46 10.83 24.99
C GLU A 325 41.16 12.00 24.06
N THR B 2 33.71 19.76 -1.33
CA THR B 2 32.47 20.01 -0.61
C THR B 2 32.81 20.09 0.89
N ALA B 3 32.38 21.16 1.55
CA ALA B 3 32.56 21.37 2.99
C ALA B 3 31.19 21.49 3.62
N ILE B 4 31.02 20.86 4.79
CA ILE B 4 29.75 20.80 5.53
C ILE B 4 30.04 20.97 7.01
N THR B 5 29.02 21.39 7.73
CA THR B 5 28.91 21.31 9.19
C THR B 5 27.77 20.39 9.57
N LEU B 6 27.78 19.90 10.80
CA LEU B 6 26.66 19.10 11.32
C LEU B 6 26.54 19.34 12.83
N ASN B 7 25.32 19.58 13.30
CA ASN B 7 25.02 19.71 14.73
C ASN B 7 24.32 18.43 15.18
N GLY B 8 24.90 17.75 16.15
CA GLY B 8 24.32 16.50 16.68
C GLY B 8 24.57 16.42 18.17
N ASN B 9 25.18 15.34 18.63
CA ASN B 9 25.50 15.13 20.07
C ASN B 9 26.69 15.99 20.42
N SER B 10 27.63 16.11 19.50
CA SER B 10 28.68 17.14 19.48
C SER B 10 28.47 17.92 18.18
N ASN B 11 29.48 18.63 17.71
CA ASN B 11 29.34 19.60 16.60
C ASN B 11 30.53 19.41 15.69
N TYR B 12 30.26 19.31 14.39
CA TYR B 12 31.22 18.81 13.38
C TYR B 12 31.37 19.78 12.19
N PHE B 13 32.49 19.58 11.51
CA PHE B 13 32.94 20.42 10.38
C PHE B 13 33.94 19.59 9.59
N GLY B 14 33.85 19.62 8.27
CA GLY B 14 34.72 18.75 7.48
C GLY B 14 34.48 18.91 6.01
N ARG B 15 35.27 18.22 5.19
CA ARG B 15 35.24 18.46 3.74
C ARG B 15 35.76 17.24 2.98
N ASN B 16 35.35 17.15 1.73
CA ASN B 16 36.00 16.29 0.70
C ASN B 16 37.01 17.17 -0.02
N LEU B 17 38.18 16.63 -0.34
CA LEU B 17 39.15 17.31 -1.22
C LEU B 17 39.13 16.57 -2.56
N ASP B 18 38.69 17.26 -3.61
CA ASP B 18 38.47 16.66 -4.95
C ASP B 18 39.52 17.25 -5.88
N LEU B 19 40.37 16.39 -6.43
CA LEU B 19 41.53 16.82 -7.26
C LEU B 19 41.96 15.64 -8.14
N ASP B 20 42.85 15.83 -9.11
CA ASP B 20 43.26 14.76 -10.05
C ASP B 20 44.55 14.06 -9.60
N PHE B 21 45.07 14.41 -8.45
CA PHE B 21 46.34 13.87 -7.88
C PHE B 21 46.38 14.29 -6.41
N SER B 22 47.16 13.58 -5.61
CA SER B 22 47.40 13.88 -4.18
C SER B 22 48.64 14.76 -4.06
N TYR B 23 48.63 15.75 -3.16
CA TYR B 23 49.79 16.61 -2.85
C TYR B 23 50.71 15.94 -1.81
N GLY B 24 50.40 14.73 -1.36
CA GLY B 24 51.13 14.08 -0.25
C GLY B 24 50.75 14.73 1.07
N GLU B 25 49.48 15.13 1.18
CA GLU B 25 48.91 15.81 2.35
C GLU B 25 48.96 14.88 3.56
N GLU B 26 49.03 15.47 4.75
CA GLU B 26 49.19 14.74 6.03
C GLU B 26 48.49 15.50 7.14
N VAL B 27 48.31 14.87 8.31
CA VAL B 27 47.90 15.60 9.55
C VAL B 27 49.07 16.51 9.97
N ILE B 28 48.82 17.81 10.15
CA ILE B 28 49.80 18.78 10.73
C ILE B 28 49.21 19.36 12.01
N ILE B 29 49.95 19.22 13.12
CA ILE B 29 49.63 19.93 14.39
C ILE B 29 50.63 21.06 14.52
N THR B 30 50.14 22.29 14.70
CA THR B 30 50.96 23.50 14.87
C THR B 30 50.79 23.93 16.32
N PRO B 31 51.84 23.82 17.15
CA PRO B 31 51.69 24.09 18.58
C PRO B 31 51.63 25.61 18.83
N ALA B 32 51.13 25.97 20.02
CA ALA B 32 50.95 27.35 20.53
C ALA B 32 52.17 28.22 20.20
N GLU B 33 53.38 27.70 20.33
CA GLU B 33 54.59 28.55 20.28
C GLU B 33 55.35 28.34 18.98
N TYR B 34 54.79 27.65 17.97
CA TYR B 34 55.37 27.71 16.61
C TYR B 34 55.18 29.15 16.14
N GLU B 35 56.26 29.82 15.72
CA GLU B 35 56.17 31.24 15.29
C GLU B 35 55.62 31.34 13.85
N PHE B 36 54.44 31.96 13.74
CA PHE B 36 53.78 32.36 12.46
C PHE B 36 54.41 33.66 11.96
N LYS B 37 55.13 33.58 10.84
CA LYS B 37 55.64 34.75 10.08
C LYS B 37 54.67 35.08 8.95
N PHE B 38 54.48 36.38 8.67
CA PHE B 38 53.60 36.91 7.62
C PHE B 38 54.44 37.79 6.69
N ARG B 39 54.11 37.85 5.39
CA ARG B 39 54.93 38.56 4.40
C ARG B 39 54.87 40.06 4.68
N LYS B 40 53.76 40.56 5.22
CA LYS B 40 53.54 42.03 5.34
C LYS B 40 53.01 42.40 6.72
N GLU B 41 53.06 41.48 7.68
CA GLU B 41 52.56 41.76 9.05
C GLU B 41 53.51 41.15 10.08
N LYS B 42 53.43 41.68 11.30
CA LYS B 42 54.26 41.28 12.46
C LYS B 42 54.00 39.81 12.77
N ALA B 43 55.06 39.08 13.09
CA ALA B 43 55.00 37.66 13.49
C ALA B 43 54.13 37.50 14.74
N ILE B 44 53.50 36.33 14.88
CA ILE B 44 52.69 35.93 16.07
C ILE B 44 53.47 34.77 16.71
N LYS B 45 54.05 35.03 17.90
CA LYS B 45 55.00 34.11 18.59
C LYS B 45 54.17 33.16 19.45
N ASN B 46 52.98 33.58 19.87
CA ASN B 46 52.11 32.83 20.81
C ASN B 46 50.68 32.87 20.27
N HIS B 47 50.02 31.73 20.06
CA HIS B 47 48.71 31.69 19.37
C HIS B 47 47.96 30.41 19.73
N LYS B 48 46.73 30.26 19.23
CA LYS B 48 45.97 29.01 19.51
C LYS B 48 46.70 27.89 18.75
N SER B 49 46.70 26.69 19.29
CA SER B 49 47.25 25.51 18.55
C SER B 49 46.22 25.04 17.50
N LEU B 50 46.72 24.46 16.41
CA LEU B 50 45.94 24.01 15.24
C LEU B 50 46.14 22.51 15.06
N ILE B 51 45.08 21.80 14.65
CA ILE B 51 45.23 20.49 13.98
C ILE B 51 44.50 20.58 12.64
N GLY B 52 45.10 20.06 11.59
CA GLY B 52 44.47 20.07 10.26
C GLY B 52 45.20 19.16 9.29
N VAL B 53 44.90 19.37 8.01
CA VAL B 53 45.43 18.54 6.88
C VAL B 53 46.11 19.48 5.91
N GLY B 54 47.31 19.13 5.47
CA GLY B 54 47.94 19.89 4.38
C GLY B 54 49.33 19.39 4.09
N ILE B 55 50.20 20.31 3.65
CA ILE B 55 51.60 19.98 3.36
C ILE B 55 52.50 20.94 4.12
N VAL B 56 53.72 20.49 4.38
CA VAL B 56 54.73 21.34 5.04
C VAL B 56 55.72 21.68 3.95
N ALA B 57 55.86 22.96 3.62
CA ALA B 57 56.94 23.38 2.70
C ALA B 57 57.76 24.50 3.39
N ASN B 58 59.08 24.40 3.33
CA ASN B 58 59.99 25.34 4.04
C ASN B 58 59.54 25.54 5.49
N ASP B 59 59.25 24.44 6.20
CA ASP B 59 58.92 24.44 7.66
C ASP B 59 57.66 25.28 7.94
N TYR B 60 56.79 25.50 6.94
CA TYR B 60 55.55 26.32 7.08
C TYR B 60 54.35 25.41 6.80
N PRO B 61 53.32 25.41 7.69
CA PRO B 61 52.17 24.52 7.55
C PRO B 61 51.16 25.08 6.54
N LEU B 62 51.18 24.56 5.32
CA LEU B 62 50.19 24.92 4.26
C LEU B 62 48.91 24.11 4.43
N TYR B 63 47.97 24.63 5.22
CA TYR B 63 46.71 23.94 5.59
C TYR B 63 45.68 24.02 4.45
N PHE B 64 45.13 22.86 4.07
CA PHE B 64 43.92 22.75 3.21
C PHE B 64 42.70 23.12 4.06
N ASP B 65 42.70 22.62 5.30
CA ASP B 65 41.63 22.83 6.29
C ASP B 65 42.23 22.52 7.67
N ALA B 66 41.62 23.05 8.73
CA ALA B 66 42.15 22.98 10.11
C ALA B 66 41.10 23.45 11.10
N ILE B 67 41.28 23.05 12.36
CA ILE B 67 40.58 23.61 13.55
C ILE B 67 41.65 24.04 14.54
N ASN B 68 41.25 24.89 15.47
CA ASN B 68 42.10 25.32 16.59
C ASN B 68 41.57 24.72 17.89
N GLU B 69 42.27 25.02 18.98
CA GLU B 69 42.05 24.43 20.31
C GLU B 69 40.68 24.88 20.80
N ASP B 70 40.09 25.92 20.23
CA ASP B 70 38.76 26.42 20.67
C ASP B 70 37.62 25.73 19.91
N GLY B 71 37.90 24.97 18.84
CA GLY B 71 36.83 24.35 18.05
C GLY B 71 36.30 25.27 16.96
N LEU B 72 37.12 26.23 16.54
CA LEU B 72 36.88 27.02 15.31
C LEU B 72 37.60 26.32 14.16
N GLY B 73 36.89 26.11 13.05
CA GLY B 73 37.38 25.46 11.83
C GLY B 73 37.37 26.39 10.66
N MET B 74 38.21 26.10 9.67
CA MET B 74 38.34 26.91 8.44
C MET B 74 38.83 25.98 7.33
N ALA B 75 38.15 26.01 6.19
CA ALA B 75 38.57 25.23 5.00
C ALA B 75 38.66 26.16 3.80
N GLY B 76 39.73 26.00 3.01
CA GLY B 76 39.89 26.63 1.69
C GLY B 76 39.40 25.67 0.62
N LEU B 77 38.51 26.14 -0.26
CA LEU B 77 37.95 25.33 -1.36
C LEU B 77 38.21 26.07 -2.68
N ASN B 78 38.44 25.33 -3.77
CA ASN B 78 38.70 25.91 -5.10
C ASN B 78 37.58 26.90 -5.48
N PHE B 79 37.98 28.01 -6.08
CA PHE B 79 37.10 29.13 -6.48
C PHE B 79 37.73 29.77 -7.72
N PRO B 80 37.92 28.99 -8.80
CA PRO B 80 38.74 29.42 -9.93
C PRO B 80 38.11 30.62 -10.65
N GLY B 81 38.91 31.66 -10.86
CA GLY B 81 38.50 32.81 -11.68
C GLY B 81 37.76 33.88 -10.89
N ASN B 82 36.95 33.52 -9.89
CA ASN B 82 36.22 34.51 -9.05
C ASN B 82 37.11 35.11 -7.95
N ALA B 83 38.04 34.35 -7.36
CA ALA B 83 38.92 34.84 -6.29
C ALA B 83 39.77 35.98 -6.87
N TYR B 84 39.83 37.12 -6.20
CA TYR B 84 40.67 38.25 -6.62
C TYR B 84 41.53 38.68 -5.43
N TYR B 85 42.85 38.59 -5.57
CA TYR B 85 43.84 38.98 -4.55
C TYR B 85 44.53 40.30 -4.96
N SER B 86 44.68 41.28 -4.06
CA SER B 86 45.10 42.65 -4.46
C SER B 86 46.61 42.73 -4.57
N ASP B 87 47.07 43.41 -5.60
CA ASP B 87 48.50 43.76 -5.78
C ASP B 87 48.86 44.91 -4.86
N ALA B 88 47.87 45.66 -4.34
CA ALA B 88 48.08 46.86 -3.51
C ALA B 88 47.95 46.53 -2.01
N LEU B 89 48.93 46.95 -1.20
CA LEU B 89 48.81 46.90 0.29
C LEU B 89 47.90 48.05 0.77
N GLU B 90 47.18 47.88 1.87
CA GLU B 90 46.31 48.95 2.45
C GLU B 90 46.73 49.20 3.90
N ASN B 91 47.03 50.45 4.27
CA ASN B 91 47.63 50.77 5.59
C ASN B 91 46.53 50.67 6.67
N ASP B 92 45.26 50.71 6.28
CA ASP B 92 44.12 50.58 7.24
C ASP B 92 43.56 49.13 7.24
N LYS B 93 44.30 48.17 6.70
CA LYS B 93 43.91 46.73 6.69
C LYS B 93 45.09 45.85 7.14
N ASP B 94 44.77 44.63 7.60
CA ASP B 94 45.77 43.55 7.77
C ASP B 94 46.07 43.00 6.37
N ASN B 95 47.29 43.17 5.88
CA ASN B 95 47.72 42.67 4.54
C ASN B 95 48.23 41.21 4.66
N ILE B 96 47.42 40.23 4.22
CA ILE B 96 47.59 38.77 4.50
C ILE B 96 47.56 37.99 3.18
N THR B 97 48.44 37.02 2.97
CA THR B 97 48.41 36.16 1.75
C THR B 97 47.30 35.12 1.94
N PRO B 98 46.73 34.59 0.84
CA PRO B 98 45.79 33.49 0.96
C PRO B 98 46.35 32.30 1.77
N PHE B 99 47.63 31.96 1.65
CA PHE B 99 48.21 30.77 2.35
C PHE B 99 48.45 31.09 3.83
N GLU B 100 48.47 32.38 4.21
CA GLU B 100 48.58 32.84 5.64
C GLU B 100 47.20 32.95 6.30
N PHE B 101 46.11 32.78 5.54
CA PHE B 101 44.74 33.18 5.99
C PHE B 101 44.24 32.24 7.08
N ILE B 102 44.49 30.92 6.95
CA ILE B 102 44.05 29.96 8.00
C ILE B 102 44.82 30.24 9.29
N PRO B 103 46.17 30.35 9.29
CA PRO B 103 46.90 30.75 10.49
C PRO B 103 46.44 32.09 11.13
N TRP B 104 46.23 33.10 10.29
CA TRP B 104 45.82 34.47 10.72
C TRP B 104 44.52 34.40 11.51
N ILE B 105 43.51 33.70 11.00
CA ILE B 105 42.19 33.59 11.67
C ILE B 105 42.28 32.56 12.79
N LEU B 106 42.71 31.31 12.53
CA LEU B 106 42.58 30.23 13.57
C LEU B 106 43.61 30.47 14.72
N GLY B 107 44.70 31.15 14.44
CA GLY B 107 45.69 31.45 15.48
C GLY B 107 45.13 32.39 16.53
N GLN B 108 44.15 33.22 16.16
CA GLN B 108 43.79 34.47 16.90
C GLN B 108 42.34 34.47 17.36
N CYS B 109 41.46 33.68 16.72
CA CYS B 109 40.00 33.77 16.98
C CYS B 109 39.51 32.49 17.62
N SER B 110 38.58 32.62 18.57
CA SER B 110 37.97 31.49 19.31
C SER B 110 36.63 31.07 18.72
N ASP B 111 36.01 31.91 17.88
CA ASP B 111 34.65 31.68 17.37
C ASP B 111 34.40 32.52 16.11
N VAL B 112 33.25 32.29 15.50
CA VAL B 112 32.88 32.87 14.18
C VAL B 112 32.75 34.40 14.29
N ASN B 113 32.14 34.92 15.36
CA ASN B 113 32.01 36.39 15.56
C ASN B 113 33.41 37.04 15.57
N GLU B 114 34.35 36.46 16.31
CA GLU B 114 35.75 36.95 16.27
C GLU B 114 36.32 36.80 14.87
N ALA B 115 36.03 35.70 14.16
CA ALA B 115 36.56 35.52 12.78
C ALA B 115 36.03 36.62 11.86
N ARG B 116 34.73 36.85 11.89
CA ARG B 116 34.07 37.90 11.06
CA ARG B 116 34.07 37.90 11.06
CA ARG B 116 34.08 37.89 11.04
C ARG B 116 34.73 39.26 11.34
N ASN B 117 34.89 39.60 12.61
CA ASN B 117 35.55 40.90 12.98
C ASN B 117 36.91 41.00 12.30
N LEU B 118 37.72 39.93 12.30
CA LEU B 118 39.09 39.99 11.73
C LEU B 118 39.03 40.03 10.21
N VAL B 119 38.10 39.27 9.61
CA VAL B 119 37.95 39.23 8.13
C VAL B 119 37.59 40.64 7.64
N GLU B 120 36.69 41.32 8.36
CA GLU B 120 36.21 42.70 8.04
C GLU B 120 37.42 43.64 7.91
N LYS B 121 38.53 43.39 8.61
CA LYS B 121 39.76 44.23 8.51
C LYS B 121 40.78 43.64 7.53
N ILE B 122 40.46 42.63 6.71
CA ILE B 122 41.54 41.95 5.95
C ILE B 122 41.67 42.52 4.55
N ASN B 123 42.88 42.42 4.01
CA ASN B 123 43.20 42.66 2.58
C ASN B 123 44.01 41.45 2.12
N LEU B 124 43.39 40.54 1.37
CA LEU B 124 44.08 39.35 0.84
C LEU B 124 44.94 39.81 -0.31
N ILE B 125 46.26 39.63 -0.18
CA ILE B 125 47.22 40.18 -1.16
C ILE B 125 47.74 39.09 -2.08
N ASN B 126 48.09 39.50 -3.29
CA ASN B 126 48.53 38.61 -4.39
C ASN B 126 50.03 38.33 -4.26
N LEU B 127 50.48 37.65 -3.22
CA LEU B 127 51.86 37.12 -3.11
C LEU B 127 51.79 35.60 -2.96
N SER B 128 52.47 34.86 -3.83
CA SER B 128 52.50 33.38 -3.81
C SER B 128 53.48 32.89 -2.74
N PHE B 129 53.28 31.66 -2.25
CA PHE B 129 54.21 31.01 -1.31
C PHE B 129 55.61 30.88 -1.94
N SER B 130 55.70 30.38 -3.17
CA SER B 130 56.99 30.16 -3.88
C SER B 130 56.74 30.01 -5.38
N GLU B 131 57.81 30.00 -6.18
CA GLU B 131 57.78 29.76 -7.65
C GLU B 131 57.11 28.40 -7.92
N GLN B 132 57.35 27.40 -7.06
CA GLN B 132 56.81 26.00 -7.20
C GLN B 132 55.36 25.87 -6.71
N LEU B 133 54.87 26.71 -5.79
CA LEU B 133 53.46 26.66 -5.30
C LEU B 133 52.79 28.02 -5.53
N PRO B 134 52.38 28.35 -6.78
CA PRO B 134 51.75 29.65 -7.06
C PRO B 134 50.32 29.71 -6.47
N LEU B 135 49.79 30.91 -6.24
CA LEU B 135 48.41 31.08 -5.71
C LEU B 135 47.39 30.43 -6.67
N ALA B 136 46.38 29.76 -6.13
CA ALA B 136 45.15 29.42 -6.88
C ALA B 136 43.97 30.13 -6.21
N GLY B 137 42.88 30.35 -6.96
CA GLY B 137 41.68 31.02 -6.42
C GLY B 137 40.96 30.13 -5.41
N LEU B 138 40.69 30.64 -4.19
CA LEU B 138 40.00 29.95 -3.08
C LEU B 138 38.86 30.80 -2.54
N HIS B 139 37.88 30.17 -1.90
CA HIS B 139 36.93 30.78 -0.94
C HIS B 139 36.90 29.93 0.32
N TRP B 140 36.38 30.45 1.41
CA TRP B 140 36.51 29.76 2.70
C TRP B 140 35.15 29.58 3.37
N LEU B 141 35.05 28.44 4.05
CA LEU B 141 34.07 28.16 5.12
C LEU B 141 34.77 28.29 6.47
N ILE B 142 34.22 29.12 7.35
CA ILE B 142 34.66 29.26 8.76
C ILE B 142 33.46 28.82 9.58
N ALA B 143 33.65 27.86 10.50
CA ALA B 143 32.55 27.28 11.32
C ALA B 143 33.01 27.13 12.75
N ASP B 144 32.06 27.33 13.68
CA ASP B 144 32.20 26.92 15.09
C ASP B 144 31.05 25.98 15.39
N ARG B 145 30.94 25.60 16.66
CA ARG B 145 29.92 24.65 17.15
C ARG B 145 28.52 25.21 16.89
N GLU B 146 28.36 26.51 16.64
CA GLU B 146 27.01 27.12 16.56
C GLU B 146 26.63 27.51 15.11
N LYS B 147 27.54 28.05 14.31
CA LYS B 147 27.19 28.63 12.99
C LYS B 147 28.40 28.68 12.08
N SER B 148 28.20 29.18 10.86
CA SER B 148 29.27 29.26 9.86
C SER B 148 29.05 30.47 8.97
N ILE B 149 30.15 30.94 8.41
CA ILE B 149 30.19 32.04 7.42
C ILE B 149 31.01 31.56 6.24
N VAL B 150 30.78 32.20 5.12
CA VAL B 150 31.53 31.98 3.86
C VAL B 150 32.28 33.27 3.60
N VAL B 151 33.52 33.16 3.18
CA VAL B 151 34.31 34.36 2.82
C VAL B 151 34.67 34.20 1.38
N GLU B 152 34.24 35.14 0.56
CA GLU B 152 34.61 35.18 -0.87
C GLU B 152 35.22 36.55 -1.14
N VAL B 153 36.46 36.56 -1.58
CA VAL B 153 37.15 37.81 -1.96
C VAL B 153 37.24 37.83 -3.49
N THR B 154 36.56 38.79 -4.09
CA THR B 154 36.35 38.93 -5.56
C THR B 154 36.74 40.34 -5.96
N LYS B 155 36.59 40.67 -7.24
CA LYS B 155 36.86 42.02 -7.78
C LYS B 155 36.09 43.07 -6.98
N SER B 156 34.86 42.78 -6.59
CA SER B 156 33.96 43.76 -5.92
C SER B 156 34.25 43.85 -4.41
N GLY B 157 35.16 43.02 -3.86
CA GLY B 157 35.72 43.16 -2.50
C GLY B 157 35.60 41.89 -1.64
N VAL B 158 35.70 42.07 -0.33
CA VAL B 158 35.67 41.00 0.70
C VAL B 158 34.23 40.75 1.09
N HIS B 159 33.63 39.64 0.66
CA HIS B 159 32.23 39.30 1.01
C HIS B 159 32.22 38.24 2.10
N ILE B 160 31.42 38.48 3.13
CA ILE B 160 31.19 37.53 4.23
C ILE B 160 29.71 37.25 4.19
N TYR B 161 29.33 35.99 4.15
CA TYR B 161 27.91 35.57 4.25
C TYR B 161 27.73 34.67 5.46
N ASP B 162 26.61 34.88 6.13
CA ASP B 162 26.02 33.89 7.04
C ASP B 162 25.71 32.66 6.16
N ASN B 163 26.09 31.48 6.63
CA ASN B 163 25.80 30.22 5.91
C ASN B 163 24.67 29.52 6.65
N PRO B 164 23.40 29.64 6.19
CA PRO B 164 22.28 29.16 6.99
C PRO B 164 22.18 27.62 7.01
N ILE B 165 22.89 26.94 6.13
CA ILE B 165 22.76 25.48 5.92
C ILE B 165 24.10 24.77 6.19
N GLY B 166 25.22 25.49 6.30
CA GLY B 166 26.51 24.84 6.60
C GLY B 166 27.00 23.99 5.42
N ILE B 167 26.90 24.50 4.18
CA ILE B 167 27.33 23.80 2.95
C ILE B 167 28.19 24.76 2.13
N LEU B 168 29.25 24.26 1.50
CA LEU B 168 29.97 25.04 0.44
C LEU B 168 30.63 24.05 -0.54
N THR B 169 30.69 24.43 -1.80
CA THR B 169 31.40 23.71 -2.86
C THR B 169 32.32 24.70 -3.54
N ASN B 170 32.20 24.86 -4.85
CA ASN B 170 33.14 25.65 -5.69
C ASN B 170 32.31 26.79 -6.28
N ASN B 171 32.53 27.15 -7.55
CA ASN B 171 31.73 28.18 -8.26
C ASN B 171 30.32 27.66 -8.51
N PRO B 172 29.31 28.55 -8.69
CA PRO B 172 29.50 29.99 -8.55
C PRO B 172 29.53 30.56 -7.12
N GLU B 173 29.46 31.89 -7.05
CA GLU B 173 29.45 32.72 -5.82
C GLU B 173 28.27 32.33 -4.94
N PHE B 174 28.39 32.56 -3.63
CA PHE B 174 27.50 31.90 -2.65
C PHE B 174 26.03 32.29 -2.86
N ASN B 175 25.74 33.55 -3.21
CA ASN B 175 24.34 34.03 -3.40
C ASN B 175 23.72 33.25 -4.56
N TYR B 176 24.50 32.86 -5.55
CA TYR B 176 23.99 32.06 -6.70
C TYR B 176 23.72 30.61 -6.22
N GLN B 177 24.61 30.04 -5.43
CA GLN B 177 24.45 28.65 -4.93
C GLN B 177 23.17 28.59 -4.10
N MET B 178 22.96 29.59 -3.22
CA MET B 178 21.79 29.65 -2.32
C MET B 178 20.53 29.87 -3.16
N TYR B 179 20.56 30.79 -4.12
CA TYR B 179 19.40 31.06 -4.99
C TYR B 179 19.04 29.76 -5.74
N ASN B 180 20.05 29.01 -6.19
CA ASN B 180 19.86 27.76 -6.98
C ASN B 180 19.02 26.72 -6.23
N LEU B 181 19.05 26.71 -4.89
CA LEU B 181 18.23 25.76 -4.10
C LEU B 181 16.73 26.01 -4.31
N ASN B 182 16.32 27.23 -4.64
CA ASN B 182 14.86 27.60 -4.60
C ASN B 182 14.05 26.69 -5.54
N LYS B 183 14.63 26.28 -6.69
CA LYS B 183 13.84 25.53 -7.70
C LYS B 183 13.66 24.08 -7.27
N TYR B 184 14.30 23.67 -6.17
CA TYR B 184 14.19 22.27 -5.66
C TYR B 184 13.19 22.18 -4.50
N ARG B 185 12.34 23.18 -4.28
CA ARG B 185 11.48 23.22 -3.08
C ARG B 185 10.54 22.00 -3.02
N ASN B 186 10.19 21.42 -4.18
CA ASN B 186 9.20 20.34 -4.39
C ASN B 186 9.79 18.96 -4.02
N LEU B 187 11.10 18.84 -3.91
CA LEU B 187 11.71 17.53 -3.57
C LEU B 187 11.21 17.14 -2.17
N SER B 188 11.14 15.84 -1.93
CA SER B 188 10.61 15.28 -0.66
C SER B 188 11.40 14.03 -0.27
N ILE B 189 11.41 13.69 1.03
CA ILE B 189 11.99 12.42 1.54
C ILE B 189 10.94 11.31 1.40
N SER B 190 9.69 11.65 1.12
CA SER B 190 8.52 10.71 1.15
C SER B 190 7.90 10.60 -0.24
N THR B 191 7.15 9.54 -0.48
CA THR B 191 6.34 9.42 -1.72
C THR B 191 5.37 10.59 -1.78
N PRO B 192 5.42 11.44 -2.82
CA PRO B 192 4.47 12.52 -2.94
C PRO B 192 3.07 12.07 -3.37
N GLN B 193 2.08 12.91 -3.09
CA GLN B 193 0.72 12.79 -3.69
C GLN B 193 0.88 12.96 -5.22
N ASN B 194 0.01 12.33 -5.98
CA ASN B 194 -0.18 12.64 -7.41
C ASN B 194 -0.85 14.02 -7.51
N THR B 195 -0.05 15.06 -7.74
CA THR B 195 -0.55 16.43 -8.02
C THR B 195 -0.54 16.66 -9.53
N PHE B 196 -0.07 15.67 -10.31
CA PHE B 196 0.15 15.80 -11.78
C PHE B 196 -1.22 15.96 -12.41
N SER B 197 -2.10 15.00 -12.12
CA SER B 197 -3.55 15.11 -12.44
C SER B 197 -4.35 14.03 -11.70
N ASP B 198 -5.47 14.42 -11.13
CA ASP B 198 -6.47 13.49 -10.52
C ASP B 198 -7.07 12.59 -11.65
N SER B 199 -6.94 12.96 -12.93
CA SER B 199 -7.57 12.20 -14.05
C SER B 199 -6.66 11.11 -14.61
N VAL B 200 -5.47 10.85 -14.08
CA VAL B 200 -4.68 9.66 -14.51
C VAL B 200 -4.21 8.88 -13.29
N ASP B 201 -4.21 7.56 -13.36
CA ASP B 201 -3.83 6.71 -12.20
C ASP B 201 -2.32 6.47 -12.21
N LEU B 202 -1.54 7.40 -11.69
CA LEU B 202 -0.06 7.25 -11.60
C LEU B 202 0.26 6.30 -10.44
N LYS B 203 1.10 5.30 -10.72
CA LYS B 203 1.46 4.28 -9.71
C LYS B 203 2.93 4.44 -9.31
N VAL B 204 3.17 4.09 -8.08
CA VAL B 204 4.48 4.06 -7.39
C VAL B 204 4.85 2.59 -7.20
N ASP B 205 5.94 2.12 -7.85
CA ASP B 205 6.40 0.71 -7.83
C ASP B 205 7.70 0.63 -7.02
N GLY B 206 8.05 1.69 -6.31
CA GLY B 206 9.26 1.67 -5.45
C GLY B 206 9.31 2.85 -4.51
N THR B 207 10.26 2.84 -3.59
CA THR B 207 10.45 3.95 -2.63
C THR B 207 11.39 5.00 -3.25
N GLY B 208 11.43 6.21 -2.68
CA GLY B 208 12.39 7.27 -3.06
C GLY B 208 11.86 8.14 -4.20
N PHE B 209 10.59 8.03 -4.59
CA PHE B 209 10.04 8.89 -5.68
C PHE B 209 10.09 10.39 -5.29
N GLY B 210 10.10 10.71 -3.99
CA GLY B 210 10.07 12.10 -3.48
C GLY B 210 11.27 12.90 -3.95
N GLY B 211 12.39 12.21 -4.17
CA GLY B 211 13.67 12.85 -4.51
C GLY B 211 13.82 13.11 -5.99
N ILE B 212 12.87 12.65 -6.82
CA ILE B 212 13.07 12.72 -8.30
C ILE B 212 13.22 14.21 -8.68
N GLY B 213 14.28 14.53 -9.42
CA GLY B 213 14.71 15.90 -9.72
C GLY B 213 15.97 16.29 -8.97
N LEU B 214 16.38 15.59 -7.91
CA LEU B 214 17.69 15.89 -7.27
C LEU B 214 18.79 15.58 -8.29
N PRO B 215 19.79 16.47 -8.49
CA PRO B 215 20.83 16.22 -9.48
C PRO B 215 21.88 15.24 -8.92
N GLY B 216 22.42 14.38 -9.80
CA GLY B 216 23.33 13.27 -9.45
C GLY B 216 24.76 13.50 -9.88
N ASP B 217 25.06 14.48 -10.73
CA ASP B 217 26.42 14.61 -11.35
C ASP B 217 27.36 15.26 -10.32
N VAL B 218 28.64 15.46 -10.67
CA VAL B 218 29.64 16.02 -9.72
C VAL B 218 30.05 17.44 -10.12
N SER B 219 29.29 18.16 -10.94
CA SER B 219 29.43 19.64 -11.06
C SER B 219 29.28 20.26 -9.66
N PRO B 220 29.97 21.38 -9.38
CA PRO B 220 29.85 22.05 -8.08
C PRO B 220 28.43 22.43 -7.65
N GLU B 221 27.60 22.91 -8.57
CA GLU B 221 26.20 23.32 -8.21
C GLU B 221 25.41 22.04 -7.91
N SER B 222 25.59 20.95 -8.66
CA SER B 222 24.83 19.72 -8.37
C SER B 222 25.19 19.19 -6.97
N ARG B 223 26.47 19.19 -6.65
CA ARG B 223 26.99 18.74 -5.33
C ARG B 223 26.48 19.69 -4.22
N PHE B 224 26.42 20.99 -4.45
CA PHE B 224 25.86 21.93 -3.45
C PHE B 224 24.42 21.50 -3.12
N VAL B 225 23.60 21.24 -4.15
CA VAL B 225 22.17 20.86 -3.94
C VAL B 225 22.09 19.49 -3.24
N ARG B 226 22.85 18.50 -3.72
CA ARG B 226 22.74 17.12 -3.22
C ARG B 226 23.27 17.07 -1.78
N ALA B 227 24.40 17.72 -1.50
CA ALA B 227 24.95 17.80 -0.11
C ALA B 227 23.91 18.42 0.83
N THR B 228 23.24 19.49 0.39
CA THR B 228 22.27 20.26 1.21
C THR B 228 21.08 19.35 1.51
N PHE B 229 20.50 18.73 0.49
CA PHE B 229 19.36 17.80 0.68
C PHE B 229 19.72 16.66 1.66
N SER B 230 20.88 16.01 1.46
CA SER B 230 21.39 14.87 2.27
C SER B 230 21.68 15.29 3.71
N LYS B 231 22.34 16.43 3.89
CA LYS B 231 22.69 16.95 5.22
C LYS B 231 21.43 17.39 5.97
N LEU B 232 20.60 18.25 5.40
CA LEU B 232 19.44 18.79 6.19
C LEU B 232 18.44 17.69 6.53
N ASN B 233 18.32 16.63 5.72
CA ASN B 233 17.35 15.53 6.00
C ASN B 233 18.00 14.38 6.78
N SER B 234 19.29 14.43 7.10
CA SER B 234 19.94 13.22 7.66
C SER B 234 19.39 12.96 9.07
N SER B 235 19.10 11.71 9.38
CA SER B 235 18.57 11.28 10.70
C SER B 235 19.56 11.68 11.78
N LYS B 236 19.04 12.12 12.91
CA LYS B 236 19.83 12.36 14.15
C LYS B 236 20.39 11.00 14.62
N GLY B 237 21.67 10.96 15.01
CA GLY B 237 22.27 9.82 15.73
C GLY B 237 22.01 9.93 17.24
N MET B 238 22.19 8.83 17.96
CA MET B 238 22.04 8.74 19.44
C MET B 238 23.39 8.90 20.16
N THR B 239 24.51 8.83 19.44
CA THR B 239 25.84 9.00 20.04
C THR B 239 26.70 9.86 19.12
N VAL B 240 27.84 10.30 19.63
CA VAL B 240 28.87 10.96 18.80
C VAL B 240 29.37 9.99 17.71
N GLU B 241 29.62 8.71 18.01
CA GLU B 241 30.04 7.72 16.96
C GLU B 241 28.96 7.66 15.85
N GLU B 242 27.67 7.54 16.19
CA GLU B 242 26.62 7.55 15.13
C GLU B 242 26.67 8.82 14.27
N ASP B 243 26.92 9.98 14.88
CA ASP B 243 27.08 11.28 14.19
C ASP B 243 28.28 11.22 13.23
N ILE B 244 29.46 10.75 13.67
CA ILE B 244 30.65 10.66 12.78
C ILE B 244 30.35 9.74 11.59
N THR B 245 29.77 8.57 11.82
CA THR B 245 29.32 7.61 10.78
C THR B 245 28.41 8.34 9.76
N GLN B 246 27.39 9.06 10.27
CA GLN B 246 26.38 9.80 9.46
C GLN B 246 27.09 10.89 8.64
N PHE B 247 28.04 11.60 9.25
CA PHE B 247 28.82 12.66 8.61
C PHE B 247 29.53 12.10 7.37
N PHE B 248 30.18 10.95 7.53
CA PHE B 248 30.94 10.35 6.41
C PHE B 248 29.95 9.87 5.33
N HIS B 249 28.79 9.37 5.72
CA HIS B 249 27.75 9.04 4.70
C HIS B 249 27.37 10.30 3.91
N ILE B 250 27.24 11.44 4.57
CA ILE B 250 26.78 12.69 3.89
C ILE B 250 27.87 13.09 2.87
N LEU B 251 29.13 13.12 3.27
CA LEU B 251 30.22 13.48 2.33
C LEU B 251 30.24 12.44 1.19
N GLY B 252 29.91 11.19 1.47
CA GLY B 252 29.83 10.10 0.47
C GLY B 252 28.81 10.39 -0.62
N THR B 253 27.73 11.10 -0.30
CA THR B 253 26.67 11.40 -1.30
C THR B 253 27.20 12.34 -2.39
N VAL B 254 28.29 13.07 -2.15
CA VAL B 254 28.87 14.03 -3.15
C VAL B 254 30.35 13.73 -3.43
N GLU B 255 30.77 12.51 -3.15
CA GLU B 255 32.12 11.97 -3.47
C GLU B 255 32.28 11.84 -5.00
N GLN B 256 33.50 12.05 -5.45
CA GLN B 256 33.89 11.91 -6.88
C GLN B 256 34.71 10.63 -7.03
N ILE B 257 34.18 9.64 -7.73
CA ILE B 257 34.93 8.39 -8.02
C ILE B 257 35.74 8.61 -9.30
N LYS B 258 36.86 7.88 -9.36
CA LYS B 258 37.79 7.95 -10.51
C LYS B 258 37.06 7.45 -11.76
N GLY B 259 37.02 8.27 -12.80
CA GLY B 259 36.46 7.87 -14.10
C GLY B 259 35.30 8.75 -14.57
N VAL B 260 34.51 9.34 -13.65
CA VAL B 260 33.26 10.08 -14.03
C VAL B 260 33.51 11.57 -14.32
N ASN B 261 34.69 12.12 -14.02
CA ASN B 261 34.97 13.57 -14.15
C ASN B 261 36.40 13.73 -14.69
N LYS B 262 36.56 13.89 -15.99
CA LYS B 262 37.89 13.91 -16.66
C LYS B 262 38.20 15.37 -16.98
N THR B 263 39.30 15.90 -16.44
CA THR B 263 39.61 17.36 -16.49
C THR B 263 40.04 17.74 -17.91
N GLU B 264 40.25 19.04 -18.15
CA GLU B 264 40.85 19.59 -19.40
C GLU B 264 42.14 18.81 -19.71
N SER B 265 43.02 18.64 -18.71
CA SER B 265 44.30 17.89 -18.84
C SER B 265 44.10 16.42 -19.24
N GLY B 266 42.91 15.82 -19.05
CA GLY B 266 42.64 14.38 -19.30
C GLY B 266 42.86 13.52 -18.05
N LYS B 267 43.11 14.14 -16.87
CA LYS B 267 43.26 13.38 -15.61
C LYS B 267 41.86 13.24 -14.98
N GLU B 268 41.66 12.22 -14.15
CA GLU B 268 40.39 11.90 -13.45
C GLU B 268 40.35 12.67 -12.11
N GLU B 269 39.39 13.61 -11.95
CA GLU B 269 39.08 14.28 -10.64
C GLU B 269 38.51 13.23 -9.68
N TYR B 270 38.98 13.19 -8.43
CA TYR B 270 38.46 12.20 -7.43
C TYR B 270 38.55 12.77 -6.03
N THR B 271 37.75 12.19 -5.12
CA THR B 271 37.77 12.56 -3.69
C THR B 271 39.03 11.95 -3.06
N VAL B 272 40.08 12.77 -3.00
CA VAL B 272 41.42 12.41 -2.46
C VAL B 272 41.29 12.03 -0.98
N TYR B 273 40.60 12.85 -0.17
CA TYR B 273 40.30 12.51 1.24
C TYR B 273 38.99 13.15 1.65
N SER B 274 38.43 12.60 2.72
CA SER B 274 37.20 13.07 3.41
C SER B 274 37.54 13.22 4.89
N ASN B 275 37.15 14.33 5.51
CA ASN B 275 37.39 14.46 6.96
C ASN B 275 36.19 15.07 7.69
N CYS B 276 36.15 14.77 8.97
CA CYS B 276 35.14 15.21 9.94
C CYS B 276 35.94 15.65 11.18
N TYR B 277 35.85 16.91 11.55
CA TYR B 277 36.39 17.42 12.83
C TYR B 277 35.28 17.45 13.85
N ASP B 278 35.48 16.79 15.00
CA ASP B 278 34.63 16.97 16.20
C ASP B 278 35.12 18.26 16.88
N LEU B 279 34.38 19.36 16.73
CA LEU B 279 34.82 20.71 17.22
C LEU B 279 34.88 20.71 18.76
N ASP B 280 33.92 20.11 19.44
CA ASP B 280 33.86 20.14 20.93
C ASP B 280 34.98 19.29 21.54
N ASN B 281 35.33 18.16 20.92
CA ASN B 281 36.37 17.21 21.39
C ASN B 281 37.73 17.46 20.71
N LYS B 282 37.80 18.40 19.76
CA LYS B 282 39.03 18.78 19.02
C LYS B 282 39.72 17.51 18.49
N THR B 283 38.95 16.69 17.80
CA THR B 283 39.44 15.42 17.20
C THR B 283 39.22 15.43 15.69
N LEU B 284 40.27 15.18 14.92
CA LEU B 284 40.18 15.00 13.44
C LEU B 284 39.95 13.51 13.11
N TYR B 285 38.88 13.22 12.36
CA TYR B 285 38.60 11.91 11.70
C TYR B 285 38.79 12.07 10.18
N TYR B 286 39.46 11.13 9.52
CA TYR B 286 39.60 11.19 8.05
C TYR B 286 39.61 9.79 7.41
N THR B 287 39.31 9.82 6.11
CA THR B 287 39.43 8.67 5.18
C THR B 287 40.15 9.18 3.95
N THR B 288 40.70 8.27 3.16
CA THR B 288 41.32 8.58 1.84
C THR B 288 40.63 7.75 0.78
N TYR B 289 40.80 8.14 -0.48
CA TYR B 289 40.28 7.37 -1.63
C TYR B 289 40.69 5.90 -1.47
N GLU B 290 41.90 5.67 -0.97
CA GLU B 290 42.53 4.32 -0.98
C GLU B 290 42.16 3.56 0.31
N ASN B 291 41.68 4.24 1.35
CA ASN B 291 41.49 3.55 2.66
C ASN B 291 40.15 3.97 3.25
N ARG B 292 39.19 3.03 3.34
CA ARG B 292 37.82 3.34 3.85
C ARG B 292 37.85 3.54 5.37
N GLN B 293 38.80 2.90 6.06
CA GLN B 293 38.81 2.88 7.55
C GLN B 293 39.21 4.26 8.09
N ILE B 294 38.33 4.84 8.90
CA ILE B 294 38.49 6.18 9.50
C ILE B 294 39.72 6.14 10.39
N VAL B 295 40.57 7.17 10.32
CA VAL B 295 41.72 7.41 11.21
C VAL B 295 41.36 8.60 12.10
N ALA B 296 41.71 8.59 13.39
CA ALA B 296 41.40 9.67 14.36
C ALA B 296 42.70 10.19 14.98
N VAL B 297 42.82 11.50 15.08
CA VAL B 297 43.86 12.09 15.96
C VAL B 297 43.25 13.27 16.71
N THR B 298 43.41 13.27 18.03
CA THR B 298 42.99 14.35 18.95
C THR B 298 44.09 15.39 19.14
N LEU B 299 43.72 16.67 19.18
CA LEU B 299 44.63 17.78 19.54
C LEU B 299 44.71 17.80 21.08
N ASN B 300 45.85 17.48 21.70
CA ASN B 300 46.01 17.41 23.19
C ASN B 300 47.02 18.46 23.69
N GLY B 305 54.98 22.56 22.07
CA GLY B 305 56.35 22.95 21.71
C GLY B 305 56.35 24.09 20.72
N ASN B 306 57.39 24.18 19.88
CA ASN B 306 57.48 25.20 18.81
C ASN B 306 57.71 24.52 17.45
N ARG B 307 57.67 23.20 17.36
CA ARG B 307 57.92 22.45 16.08
C ARG B 307 56.61 21.85 15.52
N LEU B 308 56.42 21.93 14.20
CA LEU B 308 55.30 21.23 13.51
C LEU B 308 55.35 19.73 13.83
N VAL B 309 54.23 19.13 14.25
CA VAL B 309 54.09 17.66 14.41
C VAL B 309 53.22 17.09 13.27
N THR B 310 53.72 16.09 12.54
CA THR B 310 53.03 15.51 11.35
C THR B 310 52.75 14.01 11.55
N TYR B 311 51.65 13.54 10.97
CA TYR B 311 51.25 12.11 10.85
C TYR B 311 50.88 11.89 9.38
N PRO B 312 51.77 11.27 8.58
CA PRO B 312 51.49 10.89 7.19
C PRO B 312 50.21 10.06 7.02
N PHE B 313 49.50 10.30 5.92
CA PHE B 313 48.30 9.52 5.52
C PHE B 313 48.78 8.15 5.01
N GLU B 314 48.07 7.09 5.34
CA GLU B 314 48.35 5.71 4.81
C GLU B 314 47.38 5.45 3.65
N ARG B 315 47.86 5.37 2.42
CA ARG B 315 46.97 5.25 1.23
C ARG B 315 46.91 3.78 0.82
N LYS B 316 46.64 2.89 1.78
CA LYS B 316 46.46 1.43 1.56
C LYS B 316 45.17 1.03 2.27
N GLN B 317 44.36 0.19 1.62
CA GLN B 317 43.06 -0.27 2.13
C GLN B 317 43.31 -1.18 3.34
N ILE B 318 42.85 -0.79 4.53
CA ILE B 318 43.07 -1.64 5.74
C ILE B 318 41.85 -2.54 5.90
N ILE B 319 42.00 -3.80 5.50
CA ILE B 319 40.93 -4.83 5.43
C ILE B 319 41.02 -5.73 6.66
N ASN B 320 39.92 -5.94 7.37
CA ASN B 320 39.89 -6.89 8.51
C ASN B 320 39.67 -8.31 7.95
N LYS B 321 40.69 -9.16 7.89
CA LYS B 321 40.57 -10.53 7.29
C LYS B 321 40.28 -11.55 8.42
N LEU B 322 39.07 -12.14 8.46
CA LEU B 322 38.60 -13.07 9.54
C LEU B 322 39.16 -14.49 9.35
N THR C 2 2.35 -18.01 35.26
CA THR C 2 2.87 -17.82 33.92
C THR C 2 1.92 -16.90 33.14
N ALA C 3 2.42 -15.80 32.60
CA ALA C 3 1.61 -14.91 31.73
C ALA C 3 2.23 -14.89 30.33
N ILE C 4 1.38 -14.82 29.32
CA ILE C 4 1.80 -14.85 27.89
C ILE C 4 0.93 -13.89 27.07
N THR C 5 1.48 -13.48 25.93
CA THR C 5 0.70 -12.85 24.83
C THR C 5 0.69 -13.79 23.64
N LEU C 6 -0.26 -13.59 22.72
CA LEU C 6 -0.29 -14.33 21.44
C LEU C 6 -0.84 -13.40 20.37
N ASN C 7 -0.21 -13.39 19.20
CA ASN C 7 -0.63 -12.59 18.02
C ASN C 7 -1.15 -13.58 16.98
N GLY C 8 -2.43 -13.48 16.64
CA GLY C 8 -3.10 -14.40 15.69
C GLY C 8 -4.06 -13.64 14.80
N ASN C 9 -5.22 -14.24 14.57
CA ASN C 9 -6.43 -13.63 13.95
C ASN C 9 -6.85 -12.44 14.79
N SER C 10 -6.89 -12.56 16.11
CA SER C 10 -7.00 -11.40 17.03
C SER C 10 -5.70 -11.32 17.84
N ASN C 11 -5.67 -10.55 18.93
CA ASN C 11 -4.48 -10.46 19.81
C ASN C 11 -4.90 -10.77 21.24
N TYR C 12 -4.08 -11.55 21.96
CA TYR C 12 -4.47 -12.18 23.23
C TYR C 12 -3.42 -11.94 24.30
N PHE C 13 -3.87 -12.11 25.53
CA PHE C 13 -3.08 -11.87 26.75
C PHE C 13 -3.78 -12.64 27.85
N GLY C 14 -3.01 -13.30 28.72
CA GLY C 14 -3.60 -14.13 29.78
C GLY C 14 -2.56 -14.81 30.61
N ARG C 15 -3.01 -15.57 31.59
CA ARG C 15 -2.09 -16.11 32.60
C ARG C 15 -2.69 -17.32 33.26
N ASN C 16 -1.80 -18.18 33.76
CA ASN C 16 -2.07 -19.14 34.84
C ASN C 16 -1.82 -18.41 36.15
N LEU C 17 -2.73 -18.61 37.10
CA LEU C 17 -2.50 -18.23 38.52
C LEU C 17 -2.21 -19.52 39.27
N ASP C 18 -1.01 -19.62 39.85
CA ASP C 18 -0.44 -20.81 40.51
C ASP C 18 -0.30 -20.46 41.99
N LEU C 19 -1.17 -21.02 42.84
CA LEU C 19 -1.19 -20.76 44.29
C LEU C 19 -1.46 -22.07 45.04
N ASP C 20 -1.20 -22.07 46.34
CA ASP C 20 -1.55 -23.18 47.26
C ASP C 20 -3.08 -23.23 47.46
N PHE C 21 -3.78 -22.11 47.28
CA PHE C 21 -5.23 -21.98 47.52
C PHE C 21 -5.84 -20.99 46.55
N SER C 22 -7.11 -21.16 46.18
CA SER C 22 -7.93 -20.07 45.59
C SER C 22 -8.05 -18.97 46.64
N TYR C 23 -8.34 -17.74 46.24
CA TYR C 23 -8.67 -16.64 47.19
C TYR C 23 -10.13 -16.24 47.00
N GLY C 24 -10.94 -17.07 46.31
CA GLY C 24 -12.35 -16.73 46.07
C GLY C 24 -12.49 -15.73 44.94
N GLU C 25 -11.51 -15.70 44.03
CA GLU C 25 -11.54 -14.74 42.89
C GLU C 25 -12.82 -14.92 42.06
N GLU C 26 -13.13 -13.87 41.31
CA GLU C 26 -14.32 -13.81 40.43
C GLU C 26 -14.00 -12.83 39.30
N VAL C 27 -14.90 -12.75 38.32
CA VAL C 27 -14.90 -11.71 37.27
C VAL C 27 -15.39 -10.43 37.93
N ILE C 28 -14.61 -9.35 37.77
CA ILE C 28 -15.00 -7.98 38.19
C ILE C 28 -14.89 -7.05 36.98
N ILE C 29 -16.01 -6.45 36.60
CA ILE C 29 -16.03 -5.29 35.67
C ILE C 29 -16.07 -4.01 36.52
N THR C 30 -15.13 -3.10 36.29
CA THR C 30 -15.13 -1.73 36.86
C THR C 30 -15.56 -0.77 35.75
N PRO C 31 -16.74 -0.13 35.88
CA PRO C 31 -17.25 0.74 34.82
C PRO C 31 -16.56 2.10 34.90
N ALA C 32 -16.75 2.92 33.89
CA ALA C 32 -16.00 4.19 33.65
C ALA C 32 -16.15 5.17 34.82
N GLU C 33 -17.24 5.07 35.59
CA GLU C 33 -17.61 6.09 36.60
C GLU C 33 -17.57 5.49 38.02
N TYR C 34 -17.07 4.26 38.17
CA TYR C 34 -16.65 3.79 39.50
C TYR C 34 -15.48 4.69 39.90
N GLU C 35 -15.57 5.33 41.07
CA GLU C 35 -14.57 6.33 41.50
C GLU C 35 -13.42 5.56 42.16
N PHE C 36 -12.22 5.64 41.55
CA PHE C 36 -10.97 5.05 42.08
C PHE C 36 -10.38 5.99 43.14
N LYS C 37 -10.35 5.55 44.40
CA LYS C 37 -9.67 6.26 45.51
C LYS C 37 -8.24 5.72 45.60
N PHE C 38 -7.29 6.62 45.87
CA PHE C 38 -5.86 6.32 46.05
C PHE C 38 -5.43 6.82 47.43
N ARG C 39 -4.55 6.11 48.13
CA ARG C 39 -4.12 6.51 49.49
C ARG C 39 -3.37 7.85 49.45
N LYS C 40 -2.69 8.20 48.35
CA LYS C 40 -1.74 9.35 48.34
C LYS C 40 -1.81 10.17 47.07
N GLU C 41 -2.90 10.06 46.31
CA GLU C 41 -3.12 10.77 45.02
C GLU C 41 -4.61 11.10 44.92
N LYS C 42 -4.95 12.02 44.02
CA LYS C 42 -6.34 12.49 43.82
C LYS C 42 -7.14 11.33 43.22
N ALA C 43 -8.41 11.23 43.64
CA ALA C 43 -9.44 10.30 43.13
C ALA C 43 -9.58 10.47 41.62
N ILE C 44 -9.94 9.41 40.91
CA ILE C 44 -10.27 9.48 39.46
C ILE C 44 -11.74 9.04 39.32
N LYS C 45 -12.61 9.97 38.94
CA LYS C 45 -14.08 9.76 38.89
C LYS C 45 -14.51 9.29 37.49
N ASN C 46 -13.68 9.56 36.49
CA ASN C 46 -13.94 9.16 35.10
C ASN C 46 -12.68 8.46 34.60
N HIS C 47 -12.81 7.27 34.02
CA HIS C 47 -11.64 6.51 33.51
C HIS C 47 -12.12 5.40 32.56
N LYS C 48 -11.16 4.69 31.99
CA LYS C 48 -11.44 3.54 31.10
C LYS C 48 -12.03 2.45 32.00
N SER C 49 -13.01 1.73 31.47
CA SER C 49 -13.67 0.61 32.14
C SER C 49 -12.75 -0.63 32.01
N LEU C 50 -12.73 -1.46 33.05
CA LEU C 50 -11.85 -2.65 33.18
C LEU C 50 -12.73 -3.90 33.24
N ILE C 51 -12.24 -4.98 32.64
CA ILE C 51 -12.66 -6.37 32.99
C ILE C 51 -11.43 -7.18 33.39
N GLY C 52 -11.56 -7.89 34.50
CA GLY C 52 -10.50 -8.75 35.04
C GLY C 52 -10.99 -9.70 36.11
N VAL C 53 -10.02 -10.34 36.76
CA VAL C 53 -10.21 -11.40 37.78
C VAL C 53 -9.51 -10.89 39.03
N GLY C 54 -10.21 -10.96 40.14
CA GLY C 54 -9.66 -10.68 41.47
C GLY C 54 -10.70 -10.86 42.54
N ILE C 55 -10.53 -10.17 43.66
CA ILE C 55 -11.53 -10.15 44.76
C ILE C 55 -11.94 -8.70 45.00
N VAL C 56 -13.14 -8.54 45.55
CA VAL C 56 -13.69 -7.25 46.04
C VAL C 56 -13.54 -7.21 47.55
N ALA C 57 -12.91 -6.16 48.05
CA ALA C 57 -12.78 -5.93 49.49
C ALA C 57 -13.19 -4.48 49.75
N ASN C 58 -14.15 -4.27 50.65
CA ASN C 58 -14.65 -2.92 51.03
C ASN C 58 -14.96 -2.15 49.74
N ASP C 59 -15.66 -2.78 48.80
CA ASP C 59 -16.13 -2.16 47.54
C ASP C 59 -14.95 -1.64 46.71
N TYR C 60 -13.75 -2.21 46.89
CA TYR C 60 -12.56 -1.91 46.04
C TYR C 60 -12.20 -3.12 45.17
N PRO C 61 -11.96 -2.98 43.82
CA PRO C 61 -11.54 -4.11 42.98
C PRO C 61 -10.03 -4.44 43.10
N LEU C 62 -9.69 -5.56 43.75
CA LEU C 62 -8.30 -6.04 43.96
C LEU C 62 -7.97 -7.04 42.86
N TYR C 63 -7.52 -6.52 41.72
CA TYR C 63 -7.29 -7.33 40.49
C TYR C 63 -6.01 -8.16 40.59
N PHE C 64 -6.08 -9.40 40.10
CA PHE C 64 -4.89 -10.27 39.85
C PHE C 64 -4.40 -9.91 38.45
N ASP C 65 -5.34 -9.65 37.56
CA ASP C 65 -5.11 -9.30 36.15
C ASP C 65 -6.38 -8.66 35.60
N ALA C 66 -6.25 -7.88 34.52
CA ALA C 66 -7.37 -7.17 33.88
C ALA C 66 -6.97 -6.61 32.50
N ILE C 67 -7.95 -6.29 31.69
CA ILE C 67 -7.77 -5.42 30.49
C ILE C 67 -8.71 -4.24 30.61
N ASN C 68 -8.49 -3.23 29.78
CA ASN C 68 -9.40 -2.06 29.72
C ASN C 68 -10.08 -2.07 28.35
N GLU C 69 -10.95 -1.08 28.14
CA GLU C 69 -11.78 -0.92 26.94
C GLU C 69 -10.90 -0.72 25.70
N ASP C 70 -9.64 -0.36 25.85
CA ASP C 70 -8.75 -0.12 24.69
C ASP C 70 -7.98 -1.39 24.33
N GLY C 71 -8.11 -2.47 25.12
CA GLY C 71 -7.38 -3.73 24.92
C GLY C 71 -5.95 -3.64 25.44
N LEU C 72 -5.72 -2.83 26.47
CA LEU C 72 -4.46 -2.84 27.23
C LEU C 72 -4.67 -3.80 28.40
N GLY C 73 -3.73 -4.73 28.61
CA GLY C 73 -3.78 -5.73 29.69
C GLY C 73 -2.65 -5.55 30.68
N MET C 74 -2.87 -6.03 31.90
CA MET C 74 -1.84 -5.97 32.97
C MET C 74 -2.08 -7.07 33.99
N ALA C 75 -1.02 -7.78 34.36
CA ALA C 75 -1.07 -8.92 35.30
C ALA C 75 0.03 -8.79 36.35
N GLY C 76 -0.34 -9.01 37.62
CA GLY C 76 0.66 -9.10 38.69
C GLY C 76 1.07 -10.54 38.87
N LEU C 77 2.37 -10.85 38.91
CA LEU C 77 2.87 -12.22 39.14
C LEU C 77 3.75 -12.17 40.37
N ASN C 78 3.78 -13.28 41.12
CA ASN C 78 4.63 -13.47 42.31
C ASN C 78 6.10 -13.18 41.95
N PHE C 79 6.75 -12.39 42.81
CA PHE C 79 8.14 -11.95 42.67
C PHE C 79 8.74 -11.87 44.07
N PRO C 80 8.69 -12.97 44.86
CA PRO C 80 9.06 -12.93 46.28
C PRO C 80 10.49 -12.43 46.49
N GLY C 81 10.66 -11.52 47.45
CA GLY C 81 11.99 -11.09 47.95
C GLY C 81 12.60 -10.03 47.08
N ASN C 82 12.29 -10.01 45.77
CA ASN C 82 12.94 -9.08 44.81
C ASN C 82 12.14 -7.78 44.71
N ALA C 83 10.81 -7.83 44.83
CA ALA C 83 9.95 -6.62 44.79
C ALA C 83 10.37 -5.73 45.97
N TYR C 84 10.50 -4.42 45.76
CA TYR C 84 10.79 -3.43 46.84
C TYR C 84 9.81 -2.27 46.69
N TYR C 85 9.05 -2.01 47.76
CA TYR C 85 8.06 -0.91 47.85
C TYR C 85 8.65 0.14 48.82
N SER C 86 8.59 1.43 48.49
CA SER C 86 9.28 2.49 49.26
C SER C 86 8.42 2.86 50.46
N ASP C 87 9.08 3.17 51.56
CA ASP C 87 8.47 3.76 52.78
C ASP C 87 8.44 5.28 52.65
N ALA C 88 8.93 5.83 51.53
CA ALA C 88 9.06 7.28 51.33
C ALA C 88 8.13 7.73 50.23
N LEU C 89 7.48 8.87 50.43
CA LEU C 89 6.71 9.53 49.37
C LEU C 89 7.70 10.36 48.55
N GLU C 90 7.41 10.60 47.28
CA GLU C 90 8.29 11.42 46.40
C GLU C 90 7.43 12.50 45.76
N ASN C 91 7.90 13.75 45.81
CA ASN C 91 7.11 14.91 45.36
C ASN C 91 7.09 14.92 43.83
N ASP C 92 8.14 14.42 43.18
CA ASP C 92 8.22 14.45 41.69
C ASP C 92 7.69 13.13 41.11
N LYS C 93 7.03 12.30 41.93
CA LYS C 93 6.46 10.99 41.48
C LYS C 93 5.00 10.88 41.90
N ASP C 94 4.23 10.11 41.14
CA ASP C 94 2.93 9.54 41.56
C ASP C 94 3.19 8.42 42.57
N ASN C 95 2.76 8.61 43.82
CA ASN C 95 2.92 7.65 44.95
C ASN C 95 1.71 6.69 44.94
N ILE C 96 1.88 5.49 44.36
CA ILE C 96 0.79 4.50 44.10
C ILE C 96 1.13 3.21 44.86
N THR C 97 0.14 2.58 45.52
CA THR C 97 0.35 1.27 46.21
C THR C 97 0.37 0.19 45.13
N PRO C 98 0.95 -0.99 45.41
CA PRO C 98 0.84 -2.12 44.48
C PRO C 98 -0.59 -2.55 44.12
N PHE C 99 -1.55 -2.50 45.07
CA PHE C 99 -2.99 -2.86 44.80
C PHE C 99 -3.67 -1.79 43.94
N GLU C 100 -3.18 -0.55 43.95
CA GLU C 100 -3.68 0.56 43.09
C GLU C 100 -3.08 0.49 41.68
N PHE C 101 -1.97 -0.25 41.50
CA PHE C 101 -1.13 -0.17 40.27
C PHE C 101 -1.95 -0.52 39.02
N ILE C 102 -2.76 -1.60 39.04
CA ILE C 102 -3.57 -2.00 37.85
C ILE C 102 -4.62 -0.91 37.54
N PRO C 103 -5.45 -0.47 38.50
CA PRO C 103 -6.32 0.71 38.28
C PRO C 103 -5.60 1.95 37.73
N TRP C 104 -4.47 2.34 38.34
CA TRP C 104 -3.67 3.53 37.93
C TRP C 104 -3.27 3.44 36.44
N ILE C 105 -2.78 2.30 35.97
CA ILE C 105 -2.34 2.16 34.56
C ILE C 105 -3.55 1.98 33.63
N LEU C 106 -4.40 0.98 33.88
CA LEU C 106 -5.42 0.57 32.90
C LEU C 106 -6.55 1.61 32.90
N GLY C 107 -6.71 2.31 34.03
CA GLY C 107 -7.68 3.42 34.12
C GLY C 107 -7.39 4.52 33.11
N GLN C 108 -6.12 4.77 32.80
CA GLN C 108 -5.70 6.05 32.17
C GLN C 108 -4.94 5.84 30.87
N CYS C 109 -4.51 4.62 30.56
CA CYS C 109 -3.56 4.36 29.44
C CYS C 109 -4.25 3.48 28.40
N SER C 110 -4.03 3.78 27.14
CA SER C 110 -4.71 3.12 26.01
C SER C 110 -3.76 2.09 25.36
N ASP C 111 -2.45 2.21 25.57
CA ASP C 111 -1.42 1.38 24.91
C ASP C 111 -0.19 1.27 25.81
N VAL C 112 0.77 0.44 25.40
CA VAL C 112 2.01 0.19 26.18
C VAL C 112 2.85 1.46 26.29
N ASN C 113 2.99 2.22 25.21
CA ASN C 113 3.78 3.47 25.19
C ASN C 113 3.29 4.40 26.32
N GLU C 114 1.98 4.60 26.44
CA GLU C 114 1.37 5.41 27.53
C GLU C 114 1.64 4.74 28.88
N ALA C 115 1.48 3.41 28.97
CA ALA C 115 1.75 2.69 30.23
C ALA C 115 3.20 2.96 30.65
N ARG C 116 4.15 2.83 29.74
CA ARG C 116 5.60 3.05 30.05
C ARG C 116 5.83 4.49 30.55
N ASN C 117 5.25 5.49 29.87
CA ASN C 117 5.43 6.94 30.25
C ASN C 117 4.94 7.13 31.68
N LEU C 118 3.85 6.46 32.05
CA LEU C 118 3.23 6.64 33.38
C LEU C 118 4.04 5.87 34.42
N VAL C 119 4.54 4.67 34.07
CA VAL C 119 5.39 3.87 35.01
C VAL C 119 6.70 4.61 35.29
N GLU C 120 7.26 5.33 34.32
CA GLU C 120 8.52 6.13 34.47
C GLU C 120 8.34 7.27 35.50
N LYS C 121 7.10 7.65 35.86
CA LYS C 121 6.87 8.66 36.91
C LYS C 121 6.36 8.03 38.21
N ILE C 122 6.42 6.68 38.35
CA ILE C 122 5.74 6.04 39.50
C ILE C 122 6.71 5.91 40.67
N ASN C 123 6.13 5.89 41.86
CA ASN C 123 6.80 5.46 43.10
C ASN C 123 5.84 4.48 43.77
N LEU C 124 6.20 3.19 43.78
CA LEU C 124 5.35 2.13 44.39
C LEU C 124 5.62 2.12 45.89
N ILE C 125 4.62 2.51 46.69
CA ILE C 125 4.76 2.74 48.15
C ILE C 125 4.25 1.54 48.93
N ASN C 126 4.87 1.32 50.07
CA ASN C 126 4.76 0.12 50.93
C ASN C 126 3.52 0.23 51.83
N LEU C 127 2.32 0.47 51.29
CA LEU C 127 1.08 0.54 52.10
C LEU C 127 0.18 -0.62 51.70
N SER C 128 -0.17 -1.46 52.67
CA SER C 128 -1.10 -2.60 52.53
C SER C 128 -2.56 -2.13 52.37
N PHE C 129 -3.37 -2.91 51.67
CA PHE C 129 -4.81 -2.64 51.56
C PHE C 129 -5.42 -2.61 52.98
N SER C 130 -5.08 -3.58 53.83
CA SER C 130 -5.62 -3.73 55.21
C SER C 130 -4.70 -4.65 56.01
N GLU C 131 -4.93 -4.75 57.32
CA GLU C 131 -4.26 -5.78 58.19
C GLU C 131 -4.53 -7.19 57.63
N GLN C 132 -5.74 -7.44 57.13
CA GLN C 132 -6.18 -8.78 56.65
C GLN C 132 -5.57 -9.12 55.27
N LEU C 133 -5.15 -8.11 54.48
CA LEU C 133 -4.59 -8.30 53.11
C LEU C 133 -3.22 -7.62 52.99
N PRO C 134 -2.14 -8.19 53.58
CA PRO C 134 -0.81 -7.58 53.53
C PRO C 134 -0.19 -7.67 52.13
N LEU C 135 0.75 -6.77 51.81
CA LEU C 135 1.42 -6.69 50.49
C LEU C 135 2.24 -7.96 50.28
N ALA C 136 2.21 -8.50 49.08
CA ALA C 136 3.17 -9.53 48.61
C ALA C 136 4.05 -8.95 47.51
N GLY C 137 5.26 -9.50 47.34
CA GLY C 137 6.19 -9.10 46.26
C GLY C 137 5.64 -9.49 44.89
N LEU C 138 5.41 -8.51 44.00
CA LEU C 138 4.92 -8.73 42.62
C LEU C 138 5.84 -8.07 41.58
N HIS C 139 5.76 -8.57 40.35
CA HIS C 139 6.20 -7.89 39.10
C HIS C 139 5.06 -8.01 38.09
N TRP C 140 5.13 -7.24 37.01
CA TRP C 140 3.97 -7.03 36.12
C TRP C 140 4.36 -7.25 34.66
N LEU C 141 3.45 -7.87 33.92
CA LEU C 141 3.41 -7.86 32.46
C LEU C 141 2.33 -6.88 32.03
N ILE C 142 2.67 -5.95 31.12
CA ILE C 142 1.72 -4.99 30.52
C ILE C 142 1.76 -5.25 29.02
N ALA C 143 0.62 -5.53 28.39
CA ALA C 143 0.54 -5.92 26.97
C ALA C 143 -0.61 -5.20 26.28
N ASP C 144 -0.39 -4.84 25.01
CA ASP C 144 -1.45 -4.42 24.06
C ASP C 144 -1.42 -5.35 22.84
N ARG C 145 -2.20 -5.02 21.80
CA ARG C 145 -2.31 -5.88 20.59
C ARG C 145 -0.93 -6.03 19.90
N GLU C 146 0.02 -5.18 20.24
CA GLU C 146 1.30 -5.04 19.48
C GLU C 146 2.50 -5.61 20.24
N LYS C 147 2.63 -5.34 21.53
CA LYS C 147 3.89 -5.63 22.23
C LYS C 147 3.63 -5.71 23.73
N SER C 148 4.67 -5.97 24.51
CA SER C 148 4.54 -6.05 25.98
C SER C 148 5.81 -5.55 26.64
N ILE C 149 5.67 -5.10 27.88
CA ILE C 149 6.80 -4.71 28.74
C ILE C 149 6.67 -5.47 30.07
N VAL C 150 7.78 -5.62 30.74
CA VAL C 150 7.84 -6.12 32.14
C VAL C 150 8.16 -4.94 33.03
N VAL C 151 7.49 -4.82 34.16
CA VAL C 151 7.88 -3.83 35.18
C VAL C 151 8.36 -4.61 36.39
N GLU C 152 9.57 -4.30 36.83
CA GLU C 152 10.20 -4.88 38.05
C GLU C 152 10.68 -3.72 38.91
N VAL C 153 10.10 -3.58 40.09
CA VAL C 153 10.52 -2.58 41.11
C VAL C 153 11.31 -3.29 42.19
N THR C 154 12.61 -3.01 42.25
CA THR C 154 13.58 -3.73 43.12
C THR C 154 14.32 -2.68 43.97
N LYS C 155 15.24 -3.10 44.85
CA LYS C 155 16.06 -2.16 45.66
C LYS C 155 16.79 -1.17 44.75
N SER C 156 17.17 -1.53 43.53
CA SER C 156 17.91 -0.65 42.56
C SER C 156 16.97 0.25 41.74
N GLY C 157 15.64 0.18 41.93
CA GLY C 157 14.69 1.15 41.32
C GLY C 157 13.69 0.50 40.39
N VAL C 158 13.07 1.30 39.52
CA VAL C 158 11.93 0.91 38.68
C VAL C 158 12.46 0.48 37.32
N HIS C 159 12.48 -0.83 37.04
CA HIS C 159 13.01 -1.39 35.77
C HIS C 159 11.83 -1.73 34.87
N ILE C 160 11.89 -1.23 33.65
CA ILE C 160 10.93 -1.49 32.55
C ILE C 160 11.70 -2.22 31.45
N TYR C 161 11.20 -3.36 31.00
CA TYR C 161 11.88 -4.17 29.96
C TYR C 161 10.96 -4.31 28.76
N ASP C 162 11.45 -4.07 27.56
CA ASP C 162 10.79 -4.58 26.34
C ASP C 162 10.76 -6.11 26.50
N ASN C 163 9.62 -6.74 26.26
CA ASN C 163 9.49 -8.20 26.38
C ASN C 163 9.37 -8.76 24.96
N PRO C 164 10.46 -9.24 24.35
CA PRO C 164 10.42 -9.62 22.94
C PRO C 164 9.74 -10.97 22.72
N ILE C 165 9.38 -11.71 23.76
CA ILE C 165 8.72 -13.03 23.56
C ILE C 165 7.31 -13.04 24.17
N GLY C 166 6.94 -12.02 24.95
CA GLY C 166 5.60 -11.99 25.55
C GLY C 166 5.40 -13.13 26.53
N ILE C 167 6.35 -13.32 27.45
CA ILE C 167 6.39 -14.40 28.48
C ILE C 167 6.86 -13.80 29.80
N LEU C 168 6.18 -14.15 30.91
CA LEU C 168 6.68 -13.84 32.26
C LEU C 168 6.24 -14.94 33.24
N THR C 169 7.14 -15.29 34.15
CA THR C 169 6.82 -16.18 35.30
C THR C 169 7.16 -15.44 36.58
N ASN C 170 8.07 -16.00 37.36
CA ASN C 170 8.39 -15.51 38.72
C ASN C 170 9.88 -15.21 38.70
N ASN C 171 10.56 -15.49 39.80
CA ASN C 171 12.00 -15.19 39.97
C ASN C 171 12.76 -16.15 39.08
N PRO C 172 13.97 -15.81 38.61
CA PRO C 172 14.60 -14.52 38.90
C PRO C 172 14.19 -13.34 38.00
N GLU C 173 14.89 -12.23 38.20
CA GLU C 173 14.76 -10.93 37.48
C GLU C 173 14.83 -11.18 35.98
N PHE C 174 14.12 -10.35 35.22
CA PHE C 174 13.82 -10.61 33.79
C PHE C 174 15.11 -10.86 32.98
N ASN C 175 16.18 -10.11 33.19
CA ASN C 175 17.41 -10.30 32.35
C ASN C 175 18.00 -11.69 32.58
N TYR C 176 17.90 -12.24 33.79
CA TYR C 176 18.27 -13.64 34.12
C TYR C 176 17.37 -14.64 33.37
N GLN C 177 16.05 -14.43 33.41
CA GLN C 177 15.10 -15.32 32.67
C GLN C 177 15.50 -15.33 31.18
N MET C 178 15.75 -14.14 30.63
CA MET C 178 16.07 -14.02 29.18
C MET C 178 17.42 -14.66 28.91
N TYR C 179 18.42 -14.43 29.77
CA TYR C 179 19.76 -15.04 29.56
C TYR C 179 19.67 -16.57 29.61
N ASN C 180 18.80 -17.11 30.46
CA ASN C 180 18.65 -18.57 30.71
C ASN C 180 18.13 -19.28 29.44
N LEU C 181 17.40 -18.60 28.54
CA LEU C 181 16.88 -19.21 27.27
C LEU C 181 18.05 -19.66 26.37
N ASN C 182 19.16 -18.92 26.38
CA ASN C 182 20.32 -19.09 25.47
C ASN C 182 20.85 -20.53 25.47
N LYS C 183 20.82 -21.21 26.61
CA LYS C 183 21.39 -22.58 26.68
C LYS C 183 20.50 -23.58 25.94
N TYR C 184 19.30 -23.19 25.51
CA TYR C 184 18.31 -24.13 24.89
C TYR C 184 18.24 -23.92 23.37
N ARG C 185 19.20 -23.20 22.80
CA ARG C 185 19.16 -22.86 21.35
C ARG C 185 19.07 -24.13 20.47
N ASN C 186 19.59 -25.29 20.92
CA ASN C 186 19.70 -26.53 20.10
C ASN C 186 18.36 -27.28 20.04
N LEU C 187 17.38 -26.90 20.89
CA LEU C 187 16.10 -27.61 20.87
C LEU C 187 15.44 -27.45 19.50
N SER C 188 14.55 -28.38 19.13
CA SER C 188 13.87 -28.33 17.82
C SER C 188 12.49 -28.98 17.89
N ILE C 189 11.60 -28.62 16.97
CA ILE C 189 10.27 -29.27 16.83
C ILE C 189 10.40 -30.47 15.90
N SER C 190 11.56 -30.74 15.31
CA SER C 190 11.64 -31.90 14.38
C SER C 190 12.83 -32.79 14.70
N THR C 191 12.81 -34.04 14.25
CA THR C 191 13.87 -35.03 14.54
C THR C 191 15.23 -34.43 14.14
N PRO C 192 16.23 -34.33 15.04
CA PRO C 192 17.52 -33.79 14.65
C PRO C 192 18.33 -34.80 13.82
N GLN C 193 19.27 -34.27 13.06
CA GLN C 193 20.36 -35.08 12.47
C GLN C 193 21.24 -35.65 13.60
N ASN C 194 21.89 -36.74 13.33
CA ASN C 194 22.91 -37.27 14.26
C ASN C 194 24.16 -36.37 14.15
N THR C 195 24.30 -35.38 15.03
CA THR C 195 25.55 -34.57 15.15
C THR C 195 26.43 -35.11 16.28
N PHE C 196 25.93 -36.10 17.04
CA PHE C 196 26.71 -36.69 18.16
C PHE C 196 28.01 -37.29 17.61
N SER C 197 27.85 -38.13 16.58
CA SER C 197 28.93 -38.75 15.77
C SER C 197 28.31 -39.62 14.68
N ASP C 198 28.75 -39.44 13.45
CA ASP C 198 28.33 -40.33 12.34
C ASP C 198 29.16 -41.63 12.37
N SER C 199 30.07 -41.83 13.33
CA SER C 199 30.77 -43.12 13.52
C SER C 199 29.90 -44.12 14.30
N VAL C 200 28.74 -43.72 14.82
CA VAL C 200 27.78 -44.62 15.52
C VAL C 200 26.41 -44.41 14.90
N ASP C 201 25.75 -45.51 14.57
CA ASP C 201 24.41 -45.53 13.92
C ASP C 201 23.32 -45.25 14.97
N LEU C 202 23.10 -44.01 15.36
CA LEU C 202 22.02 -43.69 16.33
C LEU C 202 20.62 -43.77 15.67
N LYS C 203 19.71 -44.44 16.36
CA LYS C 203 18.36 -44.77 15.84
C LYS C 203 17.30 -43.91 16.52
N VAL C 204 16.29 -43.56 15.75
CA VAL C 204 15.13 -42.76 16.22
C VAL C 204 13.92 -43.69 16.15
N ASP C 205 13.34 -44.03 17.31
CA ASP C 205 12.24 -45.04 17.41
C ASP C 205 10.96 -44.33 17.85
N GLY C 206 10.92 -43.00 17.74
CA GLY C 206 9.68 -42.23 17.95
C GLY C 206 9.84 -40.79 17.54
N THR C 207 8.75 -40.02 17.56
CA THR C 207 8.71 -38.57 17.25
C THR C 207 9.04 -37.77 18.54
N GLY C 208 9.29 -36.48 18.40
CA GLY C 208 9.58 -35.57 19.53
C GLY C 208 11.03 -35.52 19.96
N PHE C 209 11.96 -36.21 19.29
CA PHE C 209 13.37 -36.25 19.77
C PHE C 209 14.00 -34.86 19.73
N GLY C 210 13.55 -33.96 18.86
CA GLY C 210 14.15 -32.60 18.78
C GLY C 210 14.01 -31.82 20.07
N GLY C 211 13.02 -32.17 20.89
CA GLY C 211 12.70 -31.42 22.12
C GLY C 211 13.55 -31.83 23.30
N ILE C 212 14.32 -32.93 23.19
CA ILE C 212 15.05 -33.55 24.32
C ILE C 212 16.03 -32.50 24.83
N GLY C 213 15.97 -32.19 26.14
CA GLY C 213 16.66 -31.07 26.79
C GLY C 213 15.66 -30.06 27.31
N LEU C 214 14.45 -30.01 26.76
CA LEU C 214 13.42 -29.09 27.29
C LEU C 214 13.10 -29.47 28.73
N PRO C 215 13.13 -28.55 29.70
CA PRO C 215 12.76 -28.87 31.09
C PRO C 215 11.24 -29.03 31.32
N GLY C 216 10.91 -30.02 32.13
CA GLY C 216 9.52 -30.48 32.40
C GLY C 216 9.00 -30.18 33.79
N ASP C 217 9.80 -29.59 34.69
CA ASP C 217 9.38 -29.31 36.09
C ASP C 217 8.64 -27.97 36.17
N VAL C 218 8.21 -27.59 37.36
CA VAL C 218 7.33 -26.39 37.53
C VAL C 218 8.07 -25.30 38.30
N SER C 219 9.39 -25.36 38.36
CA SER C 219 10.22 -24.20 38.81
C SER C 219 9.88 -23.04 37.88
N PRO C 220 9.97 -21.80 38.36
CA PRO C 220 9.70 -20.66 37.49
C PRO C 220 10.58 -20.60 36.23
N GLU C 221 11.87 -20.89 36.34
CA GLU C 221 12.78 -20.83 35.16
C GLU C 221 12.40 -21.90 34.15
N SER C 222 12.09 -23.11 34.62
CA SER C 222 11.67 -24.22 33.73
C SER C 222 10.35 -23.81 33.03
N ARG C 223 9.39 -23.22 33.75
CA ARG C 223 8.12 -22.84 33.08
C ARG C 223 8.38 -21.71 32.09
N PHE C 224 9.28 -20.78 32.41
CA PHE C 224 9.62 -19.65 31.51
C PHE C 224 10.10 -20.23 30.16
N VAL C 225 11.03 -21.19 30.21
CA VAL C 225 11.66 -21.84 29.01
C VAL C 225 10.60 -22.68 28.29
N ARG C 226 9.82 -23.48 29.04
CA ARG C 226 8.77 -24.36 28.42
C ARG C 226 7.66 -23.51 27.80
N ALA C 227 7.19 -22.46 28.49
CA ALA C 227 6.13 -21.60 27.92
C ALA C 227 6.65 -20.95 26.64
N THR C 228 7.89 -20.50 26.65
CA THR C 228 8.47 -19.79 25.48
C THR C 228 8.51 -20.76 24.29
N PHE C 229 8.99 -21.97 24.52
CA PHE C 229 9.15 -22.99 23.46
C PHE C 229 7.78 -23.33 22.87
N SER C 230 6.80 -23.52 23.75
CA SER C 230 5.43 -23.94 23.38
C SER C 230 4.76 -22.81 22.59
N LYS C 231 4.90 -21.60 23.06
CA LYS C 231 4.23 -20.44 22.47
C LYS C 231 4.87 -20.10 21.11
N LEU C 232 6.20 -20.01 21.02
CA LEU C 232 6.86 -19.50 19.79
C LEU C 232 6.71 -20.54 18.71
N ASN C 233 6.53 -21.80 19.07
CA ASN C 233 6.40 -22.91 18.09
C ASN C 233 4.94 -23.29 17.83
N SER C 234 3.96 -22.67 18.51
CA SER C 234 2.53 -23.09 18.34
C SER C 234 2.06 -22.73 16.90
N SER C 235 1.36 -23.68 16.27
CA SER C 235 0.73 -23.50 14.94
C SER C 235 -0.25 -22.32 15.00
N LYS C 236 -0.24 -21.51 13.96
CA LYS C 236 -1.24 -20.44 13.73
C LYS C 236 -2.63 -21.06 13.63
N GLY C 237 -3.63 -20.44 14.24
CA GLY C 237 -5.06 -20.80 14.07
C GLY C 237 -5.61 -20.16 12.81
N MET C 238 -6.59 -20.78 12.15
CA MET C 238 -7.34 -20.17 11.01
C MET C 238 -8.47 -19.26 11.52
N THR C 239 -8.88 -19.39 12.78
CA THR C 239 -9.99 -18.57 13.34
C THR C 239 -9.64 -18.09 14.74
N VAL C 240 -10.34 -17.05 15.20
CA VAL C 240 -10.23 -16.54 16.59
C VAL C 240 -10.45 -17.75 17.53
N GLU C 241 -11.44 -18.61 17.27
CA GLU C 241 -11.77 -19.78 18.10
C GLU C 241 -10.55 -20.72 18.18
N GLU C 242 -9.91 -21.03 17.05
CA GLU C 242 -8.69 -21.85 17.02
C GLU C 242 -7.56 -21.19 17.83
N ASP C 243 -7.41 -19.86 17.74
CA ASP C 243 -6.44 -19.09 18.57
C ASP C 243 -6.72 -19.33 20.07
N ILE C 244 -7.98 -19.21 20.48
CA ILE C 244 -8.41 -19.31 21.90
C ILE C 244 -8.05 -20.72 22.36
N THR C 245 -8.45 -21.73 21.58
CA THR C 245 -8.14 -23.16 21.84
C THR C 245 -6.62 -23.29 21.98
N GLN C 246 -5.86 -22.72 21.06
CA GLN C 246 -4.39 -22.88 21.08
C GLN C 246 -3.84 -22.24 22.36
N PHE C 247 -4.38 -21.08 22.73
CA PHE C 247 -3.87 -20.29 23.87
C PHE C 247 -3.98 -21.14 25.15
N PHE C 248 -5.11 -21.82 25.36
CA PHE C 248 -5.34 -22.67 26.57
C PHE C 248 -4.43 -23.89 26.53
N HIS C 249 -4.17 -24.44 25.34
CA HIS C 249 -3.21 -25.55 25.20
C HIS C 249 -1.81 -25.04 25.58
N ILE C 250 -1.44 -23.81 25.17
CA ILE C 250 -0.10 -23.25 25.54
C ILE C 250 0.00 -23.12 27.06
N LEU C 251 -0.98 -22.52 27.73
CA LEU C 251 -0.92 -22.38 29.23
C LEU C 251 -0.86 -23.77 29.88
N GLY C 252 -1.56 -24.74 29.29
CA GLY C 252 -1.57 -26.14 29.74
C GLY C 252 -0.16 -26.72 29.84
N THR C 253 0.74 -26.40 28.91
CA THR C 253 2.11 -27.02 28.87
C THR C 253 2.87 -26.63 30.13
N VAL C 254 2.46 -25.56 30.83
CA VAL C 254 3.17 -25.10 32.07
C VAL C 254 2.20 -25.02 33.25
N GLU C 255 1.05 -25.69 33.17
CA GLU C 255 0.07 -25.81 34.28
C GLU C 255 0.70 -26.59 35.43
N GLN C 256 0.33 -26.26 36.67
CA GLN C 256 0.76 -27.03 37.86
C GLN C 256 -0.41 -27.87 38.34
N ILE C 257 -0.31 -29.19 38.20
CA ILE C 257 -1.35 -30.13 38.71
C ILE C 257 -1.10 -30.33 40.21
N LYS C 258 -2.16 -30.66 40.93
CA LYS C 258 -2.11 -30.91 42.39
C LYS C 258 -1.26 -32.14 42.70
N GLY C 259 -0.18 -31.93 43.43
CA GLY C 259 0.64 -33.02 43.98
C GLY C 259 2.09 -32.95 43.58
N VAL C 260 2.45 -32.21 42.51
CA VAL C 260 3.85 -32.23 42.00
C VAL C 260 4.66 -31.11 42.68
N ASN C 261 4.01 -30.14 43.31
CA ASN C 261 4.71 -28.98 43.91
C ASN C 261 4.16 -28.73 45.31
N LYS C 262 4.85 -29.19 46.36
CA LYS C 262 4.36 -29.19 47.76
C LYS C 262 5.09 -28.08 48.51
N THR C 263 4.34 -27.06 48.93
CA THR C 263 4.86 -25.89 49.67
C THR C 263 5.21 -26.27 51.12
N GLU C 264 5.84 -25.35 51.84
CA GLU C 264 6.27 -25.50 53.26
C GLU C 264 5.07 -25.88 54.15
N SER C 265 3.86 -25.42 53.82
CA SER C 265 2.60 -25.64 54.58
C SER C 265 2.14 -27.10 54.41
N GLY C 266 2.66 -27.78 53.39
CA GLY C 266 2.23 -29.14 53.04
C GLY C 266 1.09 -29.09 52.04
N LYS C 267 0.63 -27.90 51.69
CA LYS C 267 -0.38 -27.67 50.64
C LYS C 267 0.30 -27.70 49.27
N GLU C 268 -0.40 -28.25 48.27
CA GLU C 268 0.08 -28.34 46.86
C GLU C 268 -0.13 -26.97 46.23
N GLU C 269 0.87 -26.48 45.51
CA GLU C 269 0.72 -25.33 44.59
C GLU C 269 0.12 -25.87 43.30
N TYR C 270 -0.90 -25.21 42.77
CA TYR C 270 -1.63 -25.68 41.56
C TYR C 270 -2.09 -24.48 40.77
N THR C 271 -2.44 -24.71 39.51
CA THR C 271 -3.01 -23.69 38.60
C THR C 271 -4.50 -23.49 38.95
N VAL C 272 -4.78 -22.46 39.75
CA VAL C 272 -6.14 -22.15 40.27
C VAL C 272 -7.07 -21.81 39.12
N TYR C 273 -6.59 -20.97 38.22
CA TYR C 273 -7.29 -20.60 36.97
C TYR C 273 -6.30 -20.28 35.86
N SER C 274 -6.77 -20.40 34.64
CA SER C 274 -6.11 -19.96 33.39
C SER C 274 -7.07 -19.01 32.68
N ASN C 275 -6.58 -17.93 32.09
CA ASN C 275 -7.46 -17.04 31.32
C ASN C 275 -6.77 -16.59 30.04
N CYS C 276 -7.61 -16.14 29.12
CA CYS C 276 -7.25 -15.61 27.79
C CYS C 276 -8.14 -14.40 27.48
N TYR C 277 -7.57 -13.21 27.51
CA TYR C 277 -8.29 -11.99 27.06
C TYR C 277 -8.07 -11.81 25.58
N ASP C 278 -9.14 -11.77 24.80
CA ASP C 278 -9.13 -11.28 23.40
C ASP C 278 -9.13 -9.76 23.49
N LEU C 279 -7.99 -9.13 23.26
CA LEU C 279 -7.76 -7.68 23.46
C LEU C 279 -8.56 -6.89 22.42
N ASP C 280 -8.69 -7.37 21.18
CA ASP C 280 -9.39 -6.63 20.09
C ASP C 280 -10.90 -6.63 20.36
N ASN C 281 -11.45 -7.74 20.88
CA ASN C 281 -12.90 -7.94 21.14
C ASN C 281 -13.18 -7.80 22.64
N LYS C 282 -12.20 -7.37 23.45
CA LYS C 282 -12.33 -7.15 24.92
C LYS C 282 -13.21 -8.23 25.56
N THR C 283 -12.83 -9.49 25.36
CA THR C 283 -13.55 -10.64 25.96
C THR C 283 -12.61 -11.46 26.84
N LEU C 284 -13.04 -11.75 28.04
CA LEU C 284 -12.31 -12.59 29.03
C LEU C 284 -12.82 -14.02 28.86
N TYR C 285 -11.89 -14.94 28.55
CA TYR C 285 -12.13 -16.40 28.56
C TYR C 285 -11.37 -17.00 29.74
N TYR C 286 -11.98 -17.88 30.51
CA TYR C 286 -11.26 -18.51 31.63
C TYR C 286 -11.70 -19.96 31.88
N THR C 287 -10.78 -20.69 32.49
CA THR C 287 -11.03 -22.04 33.05
C THR C 287 -10.54 -22.00 34.49
N THR C 288 -10.93 -23.01 35.26
CA THR C 288 -10.46 -23.21 36.65
C THR C 288 -9.92 -24.62 36.78
N TYR C 289 -9.21 -24.89 37.86
CA TYR C 289 -8.75 -26.25 38.13
C TYR C 289 -9.95 -27.18 38.08
N GLU C 290 -11.11 -26.73 38.60
CA GLU C 290 -12.30 -27.59 38.84
C GLU C 290 -13.16 -27.76 37.59
N ASN C 291 -13.06 -26.83 36.64
CA ASN C 291 -13.98 -26.75 35.49
C ASN C 291 -13.18 -26.53 34.20
N ARG C 292 -13.25 -27.50 33.28
CA ARG C 292 -12.45 -27.49 32.03
C ARG C 292 -13.15 -26.63 30.99
N GLN C 293 -14.47 -26.44 31.14
CA GLN C 293 -15.24 -25.72 30.10
C GLN C 293 -14.88 -24.24 30.17
N ILE C 294 -14.53 -23.67 29.02
CA ILE C 294 -14.17 -22.23 28.91
C ILE C 294 -15.45 -21.43 29.17
N VAL C 295 -15.34 -20.42 30.04
CA VAL C 295 -16.39 -19.43 30.35
C VAL C 295 -15.95 -18.10 29.75
N ALA C 296 -16.88 -17.39 29.08
CA ALA C 296 -16.61 -16.11 28.36
C ALA C 296 -17.43 -14.99 29.02
N VAL C 297 -16.82 -13.85 29.27
CA VAL C 297 -17.52 -12.61 29.70
C VAL C 297 -17.00 -11.46 28.84
N THR C 298 -17.89 -10.67 28.23
CA THR C 298 -17.53 -9.46 27.46
C THR C 298 -17.64 -8.20 28.33
N LEU C 299 -16.76 -7.23 28.11
CA LEU C 299 -16.78 -5.91 28.79
C LEU C 299 -18.01 -5.10 28.35
N ASN C 300 -18.22 -4.88 27.05
CA ASN C 300 -19.32 -4.06 26.46
C ASN C 300 -20.43 -3.78 27.50
N LYS C 301 -21.25 -4.79 27.82
CA LYS C 301 -22.60 -4.70 28.47
C LYS C 301 -22.60 -4.05 29.87
N ASP C 302 -21.47 -3.99 30.59
CA ASP C 302 -21.43 -3.49 32.00
C ASP C 302 -20.43 -2.31 32.14
N LYS C 303 -19.96 -1.72 31.03
CA LYS C 303 -18.90 -0.66 30.99
C LYS C 303 -19.44 0.73 31.38
N ASP C 304 -20.77 0.93 31.40
CA ASP C 304 -21.45 2.19 31.80
C ASP C 304 -22.06 2.00 33.20
N GLY C 305 -21.73 2.88 34.16
CA GLY C 305 -22.28 2.86 35.53
C GLY C 305 -21.24 3.28 36.55
N ASN C 306 -21.49 3.13 37.85
CA ASN C 306 -20.53 3.53 38.90
C ASN C 306 -20.36 2.45 39.98
N ARG C 307 -20.94 1.26 39.79
CA ARG C 307 -20.82 0.14 40.77
C ARG C 307 -20.01 -1.00 40.14
N LEU C 308 -19.15 -1.64 40.92
CA LEU C 308 -18.48 -2.89 40.44
C LEU C 308 -19.58 -3.89 40.05
N VAL C 309 -19.38 -4.64 38.97
CA VAL C 309 -20.29 -5.75 38.55
C VAL C 309 -19.45 -7.04 38.62
N THR C 310 -19.92 -8.05 39.34
CA THR C 310 -19.14 -9.30 39.58
C THR C 310 -19.91 -10.52 39.07
N TYR C 311 -19.18 -11.52 38.58
CA TYR C 311 -19.67 -12.85 38.14
C TYR C 311 -18.80 -13.91 38.81
N PRO C 312 -19.33 -14.64 39.82
CA PRO C 312 -18.62 -15.75 40.45
C PRO C 312 -18.15 -16.87 39.51
N PHE C 313 -17.01 -17.47 39.85
CA PHE C 313 -16.43 -18.63 39.14
C PHE C 313 -17.31 -19.85 39.44
N GLU C 314 -17.60 -20.66 38.42
CA GLU C 314 -18.26 -21.99 38.59
C GLU C 314 -17.14 -22.99 38.86
N ARG C 315 -17.02 -23.49 40.09
CA ARG C 315 -15.92 -24.42 40.44
C ARG C 315 -16.50 -25.83 40.64
N LYS C 316 -17.44 -26.18 39.76
CA LYS C 316 -17.93 -27.53 39.43
C LYS C 316 -17.52 -27.85 37.98
N GLN C 317 -17.13 -29.09 37.74
CA GLN C 317 -16.81 -29.64 36.39
C GLN C 317 -18.12 -29.72 35.61
N ILE C 318 -18.28 -28.90 34.58
CA ILE C 318 -19.53 -28.89 33.76
C ILE C 318 -19.34 -29.88 32.61
N ILE C 319 -19.99 -31.03 32.72
CA ILE C 319 -19.80 -32.21 31.82
C ILE C 319 -21.01 -32.30 30.90
N ASN C 320 -20.78 -32.57 29.62
CA ASN C 320 -21.85 -32.80 28.64
C ASN C 320 -22.22 -34.30 28.68
N LYS C 321 -23.27 -34.67 29.42
CA LYS C 321 -23.74 -36.09 29.59
C LYS C 321 -24.69 -36.46 28.45
N LEU C 322 -24.29 -37.38 27.55
CA LEU C 322 -25.06 -37.80 26.32
C LEU C 322 -26.11 -38.88 26.63
N THR D 2 -0.17 -41.65 25.30
CA THR D 2 0.07 -42.02 26.68
C THR D 2 -1.19 -42.68 27.22
N ALA D 3 -1.07 -43.81 27.91
CA ALA D 3 -2.20 -44.45 28.63
C ALA D 3 -1.85 -44.53 30.12
N ILE D 4 -2.79 -44.23 30.99
CA ILE D 4 -2.56 -44.33 32.46
C ILE D 4 -3.73 -45.04 33.13
N THR D 5 -3.52 -45.49 34.36
CA THR D 5 -4.61 -45.84 35.29
C THR D 5 -4.52 -44.94 36.53
N LEU D 6 -5.61 -44.86 37.28
CA LEU D 6 -5.65 -44.09 38.53
C LEU D 6 -6.61 -44.80 39.49
N ASN D 7 -6.19 -44.91 40.75
CA ASN D 7 -6.97 -45.49 41.85
C ASN D 7 -7.37 -44.32 42.76
N GLY D 8 -8.67 -44.14 42.97
CA GLY D 8 -9.18 -43.04 43.81
C GLY D 8 -10.44 -43.51 44.51
N ASN D 9 -11.52 -42.72 44.41
CA ASN D 9 -12.85 -43.03 44.95
C ASN D 9 -13.46 -44.12 44.08
N SER D 10 -13.31 -44.02 42.77
CA SER D 10 -13.53 -45.13 41.84
C SER D 10 -12.16 -45.49 41.28
N ASN D 11 -12.13 -46.20 40.16
CA ASN D 11 -10.88 -46.68 39.53
C ASN D 11 -10.95 -46.40 38.04
N TYR D 12 -9.86 -45.92 37.47
CA TYR D 12 -9.88 -45.26 36.15
C TYR D 12 -8.78 -45.80 35.25
N PHE D 13 -8.96 -45.51 33.96
CA PHE D 13 -8.07 -45.95 32.88
C PHE D 13 -8.36 -45.08 31.67
N GLY D 14 -7.34 -44.72 30.93
CA GLY D 14 -7.60 -43.88 29.74
C GLY D 14 -6.32 -43.49 29.06
N ARG D 15 -6.43 -42.64 28.04
CA ARG D 15 -5.24 -42.37 27.20
C ARG D 15 -5.41 -41.07 26.42
N ASN D 16 -4.28 -40.54 26.01
CA ASN D 16 -4.13 -39.57 24.92
C ASN D 16 -3.87 -40.34 23.62
N LEU D 17 -4.55 -39.92 22.56
CA LEU D 17 -4.24 -40.36 21.18
C LEU D 17 -3.51 -39.21 20.51
N ASP D 18 -2.24 -39.44 20.18
CA ASP D 18 -1.31 -38.42 19.63
C ASP D 18 -1.08 -38.77 18.16
N LEU D 19 -1.49 -37.91 17.24
CA LEU D 19 -1.40 -38.22 15.79
C LEU D 19 -1.45 -36.89 15.04
N ASP D 20 -1.16 -36.89 13.75
CA ASP D 20 -1.06 -35.64 12.94
C ASP D 20 -2.41 -35.37 12.25
N PHE D 21 -3.40 -36.27 12.40
CA PHE D 21 -4.77 -36.07 11.86
C PHE D 21 -5.76 -36.91 12.66
N SER D 22 -7.06 -36.59 12.52
CA SER D 22 -8.16 -37.38 13.09
C SER D 22 -8.62 -38.42 12.07
N TYR D 23 -8.91 -39.64 12.52
CA TYR D 23 -9.57 -40.72 11.73
C TYR D 23 -11.09 -40.49 11.64
N GLY D 24 -11.67 -39.51 12.34
CA GLY D 24 -13.14 -39.42 12.47
C GLY D 24 -13.67 -40.31 13.58
N GLU D 25 -12.86 -40.54 14.61
CA GLU D 25 -13.17 -41.48 15.73
C GLU D 25 -14.41 -41.01 16.50
N GLU D 26 -15.13 -41.95 17.09
CA GLU D 26 -16.42 -41.74 17.79
C GLU D 26 -16.55 -42.74 18.97
N VAL D 27 -17.53 -42.51 19.83
CA VAL D 27 -17.91 -43.53 20.83
C VAL D 27 -18.56 -44.69 20.08
N ILE D 28 -18.08 -45.91 20.30
CA ILE D 28 -18.75 -47.14 19.85
C ILE D 28 -19.11 -47.98 21.06
N ILE D 29 -20.41 -48.24 21.22
CA ILE D 29 -20.95 -49.30 22.10
C ILE D 29 -21.19 -50.54 21.25
N THR D 30 -20.61 -51.66 21.64
CA THR D 30 -20.94 -52.97 21.03
C THR D 30 -21.76 -53.78 22.01
N PRO D 31 -23.03 -54.06 21.68
CA PRO D 31 -23.92 -54.79 22.59
C PRO D 31 -23.47 -56.24 22.64
N ALA D 32 -23.95 -56.94 23.65
CA ALA D 32 -23.63 -58.36 23.98
C ALA D 32 -23.86 -59.28 22.78
N GLU D 33 -24.89 -59.04 21.97
CA GLU D 33 -25.22 -59.97 20.86
C GLU D 33 -24.83 -59.36 19.51
N TYR D 34 -24.00 -58.33 19.48
CA TYR D 34 -23.32 -57.98 18.21
C TYR D 34 -22.40 -59.16 17.93
N GLU D 35 -22.49 -59.77 16.76
CA GLU D 35 -21.70 -61.00 16.47
C GLU D 35 -20.30 -60.56 16.08
N PHE D 36 -19.28 -61.04 16.81
CA PHE D 36 -17.83 -60.80 16.52
C PHE D 36 -17.39 -61.92 15.60
N LYS D 37 -17.04 -61.59 14.37
CA LYS D 37 -16.43 -62.53 13.42
C LYS D 37 -14.92 -62.33 13.50
N PHE D 38 -14.18 -63.43 13.35
CA PHE D 38 -12.70 -63.50 13.36
C PHE D 38 -12.27 -64.17 12.06
N ARG D 39 -11.21 -63.66 11.46
CA ARG D 39 -10.69 -64.12 10.15
C ARG D 39 -10.29 -65.59 10.27
N LYS D 40 -9.89 -66.07 11.45
CA LYS D 40 -9.25 -67.40 11.57
C LYS D 40 -9.73 -68.13 12.83
N GLU D 41 -10.80 -67.67 13.45
CA GLU D 41 -11.35 -68.34 14.66
C GLU D 41 -12.87 -68.27 14.54
N LYS D 42 -13.56 -69.09 15.33
CA LYS D 42 -15.03 -69.20 15.36
C LYS D 42 -15.62 -67.86 15.81
N ALA D 43 -16.78 -67.53 15.27
CA ALA D 43 -17.57 -66.34 15.67
C ALA D 43 -17.96 -66.43 17.15
N ILE D 44 -18.12 -65.28 17.81
CA ILE D 44 -18.62 -65.18 19.21
C ILE D 44 -19.94 -64.42 19.14
N LYS D 45 -21.07 -65.13 19.28
CA LYS D 45 -22.42 -64.54 19.08
C LYS D 45 -22.89 -63.81 20.34
N ASN D 46 -22.35 -64.16 21.51
CA ASN D 46 -22.82 -63.62 22.80
C ASN D 46 -21.58 -63.34 23.65
N HIS D 47 -21.35 -62.13 24.13
CA HIS D 47 -20.08 -61.76 24.79
C HIS D 47 -20.36 -60.57 25.70
N LYS D 48 -19.32 -60.03 26.33
CA LYS D 48 -19.45 -58.85 27.22
C LYS D 48 -19.72 -57.65 26.31
N SER D 49 -20.51 -56.68 26.75
CA SER D 49 -20.74 -55.45 25.98
C SER D 49 -19.52 -54.54 26.16
N LEU D 50 -19.23 -53.72 25.17
CA LEU D 50 -18.05 -52.83 25.10
C LEU D 50 -18.55 -51.39 24.97
N ILE D 51 -17.87 -50.45 25.60
CA ILE D 51 -17.95 -49.03 25.18
C ILE D 51 -16.51 -48.59 24.96
N GLY D 52 -16.22 -47.93 23.85
CA GLY D 52 -14.88 -47.38 23.64
C GLY D 52 -14.88 -46.35 22.57
N VAL D 53 -13.67 -45.99 22.13
CA VAL D 53 -13.44 -45.03 21.02
C VAL D 53 -12.78 -45.74 19.84
N GLY D 54 -13.25 -45.43 18.63
CA GLY D 54 -12.64 -45.86 17.37
C GLY D 54 -13.48 -45.48 16.16
N ILE D 55 -13.32 -46.23 15.08
CA ILE D 55 -14.12 -46.06 13.82
C ILE D 55 -14.87 -47.36 13.54
N VAL D 56 -15.98 -47.24 12.82
CA VAL D 56 -16.76 -48.38 12.26
C VAL D 56 -16.42 -48.45 10.78
N ALA D 57 -15.83 -49.55 10.32
CA ALA D 57 -15.62 -49.84 8.88
C ALA D 57 -16.34 -51.15 8.60
N ASN D 58 -17.24 -51.18 7.60
CA ASN D 58 -17.95 -52.41 7.15
C ASN D 58 -18.67 -53.03 8.34
N ASP D 59 -19.33 -52.20 9.15
CA ASP D 59 -20.15 -52.60 10.32
C ASP D 59 -19.30 -53.41 11.32
N TYR D 60 -18.00 -53.13 11.40
CA TYR D 60 -17.05 -53.73 12.39
C TYR D 60 -16.45 -52.62 13.24
N PRO D 61 -16.46 -52.73 14.59
CA PRO D 61 -15.93 -51.69 15.47
C PRO D 61 -14.41 -51.84 15.64
N LEU D 62 -13.67 -50.89 15.08
CA LEU D 62 -12.19 -50.81 15.12
C LEU D 62 -11.85 -49.87 16.28
N TYR D 63 -11.67 -50.46 17.46
CA TYR D 63 -11.43 -49.75 18.74
C TYR D 63 -9.98 -49.33 18.85
N PHE D 64 -9.80 -48.07 19.20
CA PHE D 64 -8.48 -47.51 19.58
C PHE D 64 -8.21 -47.94 21.04
N ASP D 65 -9.28 -47.97 21.82
CA ASP D 65 -9.32 -48.29 23.26
C ASP D 65 -10.79 -48.51 23.62
N ALA D 66 -11.05 -49.31 24.66
CA ALA D 66 -12.41 -49.65 25.13
C ALA D 66 -12.32 -50.25 26.54
N ILE D 67 -13.46 -50.35 27.21
CA ILE D 67 -13.68 -51.17 28.44
C ILE D 67 -14.89 -52.05 28.17
N ASN D 68 -15.06 -53.11 28.96
CA ASN D 68 -16.26 -53.95 28.88
C ASN D 68 -17.13 -53.65 30.09
N GLU D 69 -18.26 -54.34 30.16
CA GLU D 69 -19.28 -54.12 31.22
C GLU D 69 -18.73 -54.59 32.58
N ASP D 70 -17.64 -55.36 32.62
CA ASP D 70 -16.99 -55.81 33.90
C ASP D 70 -15.95 -54.80 34.39
N GLY D 71 -15.69 -53.74 33.63
CA GLY D 71 -14.68 -52.74 34.03
C GLY D 71 -13.28 -53.21 33.69
N LEU D 72 -13.10 -54.08 32.70
CA LEU D 72 -11.77 -54.41 32.12
C LEU D 72 -11.54 -53.51 30.88
N GLY D 73 -10.36 -52.89 30.83
CA GLY D 73 -9.98 -51.91 29.80
C GLY D 73 -8.84 -52.41 28.96
N MET D 74 -8.76 -51.99 27.70
CA MET D 74 -7.60 -52.29 26.84
C MET D 74 -7.40 -51.12 25.87
N ALA D 75 -6.14 -50.71 25.64
CA ALA D 75 -5.80 -49.63 24.69
C ALA D 75 -4.61 -50.09 23.85
N GLY D 76 -4.69 -49.78 22.56
CA GLY D 76 -3.61 -50.02 21.60
C GLY D 76 -2.86 -48.72 21.39
N LEU D 77 -1.56 -48.73 21.62
CA LEU D 77 -0.71 -47.53 21.43
C LEU D 77 0.35 -47.86 20.41
N ASN D 78 0.75 -46.86 19.64
CA ASN D 78 1.78 -46.98 18.60
C ASN D 78 3.05 -47.63 19.18
N PHE D 79 3.61 -48.59 18.41
CA PHE D 79 4.81 -49.36 18.78
C PHE D 79 5.59 -49.66 17.50
N PRO D 80 6.07 -48.64 16.75
CA PRO D 80 6.51 -48.87 15.38
C PRO D 80 7.85 -49.62 15.37
N GLY D 81 8.00 -50.54 14.42
CA GLY D 81 9.22 -51.34 14.25
C GLY D 81 9.38 -52.43 15.28
N ASN D 82 8.85 -52.28 16.50
CA ASN D 82 8.99 -53.35 17.53
C ASN D 82 7.86 -54.38 17.40
N ALA D 83 6.65 -53.96 17.07
CA ALA D 83 5.52 -54.92 16.96
C ALA D 83 5.86 -55.91 15.85
N TYR D 84 5.68 -57.20 16.12
CA TYR D 84 5.83 -58.27 15.10
C TYR D 84 4.57 -59.15 15.05
N TYR D 85 3.90 -59.15 13.90
CA TYR D 85 2.72 -60.00 13.64
C TYR D 85 3.19 -61.22 12.83
N SER D 86 2.68 -62.41 13.17
N SER D 86 2.72 -62.42 13.20
CA SER D 86 3.18 -63.70 12.65
CA SER D 86 3.23 -63.71 12.65
C SER D 86 2.66 -63.96 11.23
C SER D 86 2.67 -63.97 11.26
N ASP D 87 3.51 -64.55 10.41
CA ASP D 87 3.14 -64.99 9.04
C ASP D 87 2.81 -66.49 9.10
N ALA D 88 2.67 -67.01 10.32
CA ALA D 88 2.35 -68.42 10.62
C ALA D 88 1.07 -68.55 11.44
N LEU D 89 0.28 -69.58 11.16
CA LEU D 89 -0.76 -70.01 12.10
C LEU D 89 -0.12 -71.01 13.07
N GLU D 90 -0.59 -71.04 14.30
CA GLU D 90 -0.15 -72.04 15.30
C GLU D 90 -1.39 -72.83 15.69
N ASN D 91 -1.32 -74.16 15.72
CA ASN D 91 -2.50 -75.02 16.01
C ASN D 91 -2.77 -75.06 17.50
N ASP D 92 -1.78 -74.78 18.35
CA ASP D 92 -2.02 -74.78 19.82
C ASP D 92 -2.27 -73.34 20.33
N LYS D 93 -2.57 -72.38 19.44
CA LYS D 93 -2.88 -71.00 19.85
C LYS D 93 -4.14 -70.53 19.13
N ASP D 94 -4.75 -69.49 19.67
CA ASP D 94 -5.82 -68.68 19.03
C ASP D 94 -5.16 -67.72 18.02
N ASN D 95 -5.50 -67.87 16.74
CA ASN D 95 -4.91 -67.03 15.65
C ASN D 95 -5.79 -65.79 15.45
N ILE D 96 -5.32 -64.66 15.97
CA ILE D 96 -6.13 -63.44 16.15
C ILE D 96 -5.41 -62.28 15.47
N THR D 97 -6.12 -61.48 14.68
CA THR D 97 -5.53 -60.29 14.02
C THR D 97 -5.33 -59.21 15.08
N PRO D 98 -4.40 -58.24 14.89
CA PRO D 98 -4.29 -57.11 15.81
C PRO D 98 -5.59 -56.34 16.02
N PHE D 99 -6.40 -56.11 14.98
CA PHE D 99 -7.64 -55.32 15.06
C PHE D 99 -8.77 -56.14 15.73
N GLU D 100 -8.59 -57.45 15.87
CA GLU D 100 -9.53 -58.37 16.57
C GLU D 100 -9.16 -58.47 18.05
N PHE D 101 -7.97 -57.99 18.44
CA PHE D 101 -7.38 -58.30 19.76
C PHE D 101 -8.29 -57.75 20.87
N ILE D 102 -8.76 -56.50 20.74
CA ILE D 102 -9.59 -55.85 21.79
C ILE D 102 -10.92 -56.61 21.93
N PRO D 103 -11.69 -56.89 20.85
CA PRO D 103 -12.87 -57.74 20.97
C PRO D 103 -12.55 -59.10 21.61
N TRP D 104 -11.45 -59.76 21.21
CA TRP D 104 -11.08 -61.12 21.69
C TRP D 104 -10.90 -61.10 23.19
N ILE D 105 -10.16 -60.13 23.73
CA ILE D 105 -9.95 -60.04 25.19
C ILE D 105 -11.18 -59.51 25.92
N LEU D 106 -11.63 -58.30 25.59
CA LEU D 106 -12.70 -57.59 26.34
C LEU D 106 -14.05 -58.32 26.17
N GLY D 107 -14.23 -59.04 25.07
CA GLY D 107 -15.45 -59.82 24.81
C GLY D 107 -15.58 -60.96 25.79
N GLN D 108 -14.46 -61.53 26.23
CA GLN D 108 -14.44 -62.85 26.94
C GLN D 108 -13.86 -62.77 28.35
N CYS D 109 -13.21 -61.67 28.76
CA CYS D 109 -12.45 -61.62 30.04
C CYS D 109 -13.08 -60.59 30.97
N SER D 110 -13.19 -60.91 32.26
CA SER D 110 -13.74 -60.01 33.29
C SER D 110 -12.61 -59.34 34.08
N ASP D 111 -11.39 -59.91 34.08
CA ASP D 111 -10.27 -59.26 34.82
C ASP D 111 -8.93 -59.44 34.11
N VAL D 112 -7.92 -58.78 34.65
CA VAL D 112 -6.57 -58.79 34.06
C VAL D 112 -6.02 -60.21 34.05
N ASN D 113 -6.15 -60.98 35.13
CA ASN D 113 -5.63 -62.37 35.18
C ASN D 113 -6.20 -63.19 34.02
N GLU D 114 -7.49 -63.07 33.75
CA GLU D 114 -8.17 -63.80 32.63
C GLU D 114 -7.61 -63.29 31.30
N ALA D 115 -7.35 -61.99 31.19
CA ALA D 115 -6.75 -61.42 29.96
C ALA D 115 -5.41 -62.11 29.72
N ARG D 116 -4.65 -62.23 30.79
CA ARG D 116 -3.30 -62.85 30.76
C ARG D 116 -3.42 -64.30 30.27
N ASN D 117 -4.42 -65.05 30.73
CA ASN D 117 -4.62 -66.47 30.35
C ASN D 117 -4.74 -66.54 28.83
N LEU D 118 -5.54 -65.67 28.24
CA LEU D 118 -5.80 -65.69 26.77
C LEU D 118 -4.55 -65.24 26.03
N VAL D 119 -3.87 -64.18 26.52
CA VAL D 119 -2.68 -63.65 25.82
C VAL D 119 -1.59 -64.73 25.80
N GLU D 120 -1.41 -65.48 26.89
CA GLU D 120 -0.49 -66.65 26.98
C GLU D 120 -0.81 -67.65 25.86
N LYS D 121 -2.03 -67.69 25.34
CA LYS D 121 -2.40 -68.70 24.31
C LYS D 121 -2.58 -67.99 22.96
N ILE D 122 -2.13 -66.75 22.79
CA ILE D 122 -2.49 -66.00 21.54
C ILE D 122 -1.33 -66.09 20.54
N ASN D 123 -1.69 -65.93 19.28
CA ASN D 123 -0.79 -65.74 18.12
C ASN D 123 -1.38 -64.60 17.30
N LEU D 124 -0.78 -63.42 17.38
CA LEU D 124 -1.20 -62.22 16.63
C LEU D 124 -0.75 -62.38 15.18
N ILE D 125 -1.69 -62.52 14.25
CA ILE D 125 -1.40 -62.86 12.84
C ILE D 125 -1.34 -61.60 11.97
N ASN D 126 -0.44 -61.66 10.99
CA ASN D 126 -0.20 -60.59 10.02
C ASN D 126 -1.32 -60.60 8.96
N LEU D 127 -2.49 -60.10 9.30
CA LEU D 127 -3.61 -60.01 8.34
C LEU D 127 -4.33 -58.70 8.63
N SER D 128 -4.30 -57.78 7.67
CA SER D 128 -4.87 -56.41 7.81
C SER D 128 -6.38 -56.42 7.60
N PHE D 129 -7.03 -55.39 8.11
CA PHE D 129 -8.50 -55.25 8.03
C PHE D 129 -8.94 -55.14 6.57
N SER D 130 -8.26 -54.32 5.78
CA SER D 130 -8.62 -54.04 4.36
C SER D 130 -7.41 -53.33 3.74
N GLU D 131 -7.43 -53.11 2.43
CA GLU D 131 -6.39 -52.32 1.71
C GLU D 131 -6.34 -50.90 2.24
N GLN D 132 -7.50 -50.31 2.55
CA GLN D 132 -7.60 -48.88 2.95
C GLN D 132 -7.03 -48.73 4.37
N LEU D 133 -7.07 -49.78 5.22
CA LEU D 133 -6.64 -49.73 6.65
C LEU D 133 -5.61 -50.82 6.93
N PRO D 134 -4.32 -50.62 6.54
CA PRO D 134 -3.31 -51.64 6.75
C PRO D 134 -2.90 -51.69 8.24
N LEU D 135 -2.23 -52.76 8.63
CA LEU D 135 -1.74 -52.98 10.01
C LEU D 135 -0.64 -51.97 10.29
N ALA D 136 -0.63 -51.42 11.49
CA ALA D 136 0.55 -50.73 12.05
C ALA D 136 0.88 -51.38 13.41
N GLY D 137 2.11 -51.17 13.84
CA GLY D 137 2.64 -51.76 15.07
C GLY D 137 2.02 -51.14 16.29
N LEU D 138 1.52 -51.98 17.19
CA LEU D 138 0.89 -51.56 18.46
C LEU D 138 1.52 -52.40 19.57
N HIS D 139 1.44 -51.86 20.79
CA HIS D 139 1.48 -52.60 22.07
C HIS D 139 0.25 -52.18 22.89
N TRP D 140 -0.05 -52.92 23.94
CA TRP D 140 -1.33 -52.77 24.64
C TRP D 140 -1.10 -52.62 26.13
N LEU D 141 -1.93 -51.76 26.74
CA LEU D 141 -2.18 -51.71 28.19
C LEU D 141 -3.54 -52.34 28.43
N ILE D 142 -3.58 -53.34 29.31
CA ILE D 142 -4.82 -54.01 29.77
C ILE D 142 -4.92 -53.75 31.28
N ALA D 143 -6.03 -53.17 31.76
CA ALA D 143 -6.16 -52.64 33.13
C ALA D 143 -7.55 -52.97 33.67
N ASP D 144 -7.63 -53.41 34.90
CA ASP D 144 -8.87 -53.41 35.72
C ASP D 144 -8.63 -52.49 36.91
N ARG D 145 -9.57 -52.49 37.86
CA ARG D 145 -9.57 -51.59 39.03
C ARG D 145 -8.38 -51.89 39.95
N GLU D 146 -7.82 -53.09 39.89
CA GLU D 146 -6.76 -53.50 40.82
C GLU D 146 -5.37 -53.27 40.18
N LYS D 147 -5.17 -53.61 38.91
CA LYS D 147 -3.80 -53.69 38.37
C LYS D 147 -3.83 -53.62 36.84
N SER D 148 -2.65 -53.65 36.23
CA SER D 148 -2.54 -53.59 34.76
C SER D 148 -1.34 -54.42 34.29
N ILE D 149 -1.37 -54.84 33.04
CA ILE D 149 -0.27 -55.57 32.34
C ILE D 149 -0.04 -54.89 31.00
N VAL D 150 1.17 -55.05 30.48
CA VAL D 150 1.56 -54.53 29.14
C VAL D 150 1.76 -55.75 28.28
N VAL D 151 1.24 -55.72 27.06
CA VAL D 151 1.47 -56.82 26.10
C VAL D 151 2.29 -56.24 24.93
N GLU D 152 3.46 -56.84 24.68
CA GLU D 152 4.34 -56.46 23.56
C GLU D 152 4.65 -57.74 22.81
N VAL D 153 4.20 -57.79 21.56
CA VAL D 153 4.47 -58.97 20.69
C VAL D 153 5.55 -58.51 19.72
N THR D 154 6.72 -59.11 19.89
CA THR D 154 7.96 -58.74 19.14
C THR D 154 8.50 -60.00 18.46
N LYS D 155 9.52 -59.83 17.61
CA LYS D 155 10.25 -60.94 16.97
C LYS D 155 10.59 -62.03 17.99
N SER D 156 10.83 -61.69 19.27
CA SER D 156 11.23 -62.68 20.31
C SER D 156 10.01 -63.33 21.00
N GLY D 157 8.78 -63.05 20.57
CA GLY D 157 7.58 -63.73 21.09
C GLY D 157 6.57 -62.77 21.74
N VAL D 158 5.62 -63.33 22.45
CA VAL D 158 4.53 -62.60 23.17
C VAL D 158 5.02 -62.32 24.59
N HIS D 159 5.27 -61.06 24.92
CA HIS D 159 5.76 -60.65 26.27
C HIS D 159 4.59 -60.01 27.04
N ILE D 160 4.43 -60.42 28.28
CA ILE D 160 3.44 -59.84 29.22
C ILE D 160 4.25 -59.32 30.41
N TYR D 161 4.09 -58.03 30.72
CA TYR D 161 4.74 -57.38 31.88
C TYR D 161 3.66 -56.94 32.88
N ASP D 162 3.84 -57.32 34.13
CA ASP D 162 3.16 -56.60 35.24
C ASP D 162 3.55 -55.13 35.13
N ASN D 163 2.57 -54.24 35.19
CA ASN D 163 2.83 -52.79 35.12
C ASN D 163 2.64 -52.20 36.50
N PRO D 164 3.72 -52.01 37.27
CA PRO D 164 3.58 -51.57 38.66
C PRO D 164 3.12 -50.10 38.80
N ILE D 165 3.14 -49.31 37.73
CA ILE D 165 2.85 -47.86 37.83
C ILE D 165 1.62 -47.49 36.99
N GLY D 166 1.13 -48.39 36.14
CA GLY D 166 -0.05 -48.12 35.29
C GLY D 166 0.23 -46.97 34.31
N ILE D 167 1.38 -47.01 33.63
CA ILE D 167 1.77 -45.99 32.62
C ILE D 167 2.20 -46.73 31.36
N LEU D 168 1.85 -46.22 30.18
CA LEU D 168 2.45 -46.74 28.93
C LEU D 168 2.53 -45.64 27.86
N THR D 169 3.65 -45.55 27.12
CA THR D 169 3.70 -44.62 25.95
C THR D 169 3.95 -45.45 24.68
N ASN D 170 5.08 -45.20 24.03
CA ASN D 170 5.42 -45.77 22.71
C ASN D 170 6.72 -46.54 22.93
N ASN D 171 7.63 -46.51 21.96
CA ASN D 171 8.99 -47.08 22.10
C ASN D 171 9.76 -46.29 23.15
N PRO D 172 10.76 -46.92 23.82
CA PRO D 172 11.08 -48.33 23.60
C PRO D 172 10.25 -49.37 24.36
N GLU D 173 10.73 -50.62 24.35
CA GLU D 173 10.08 -51.78 25.00
C GLU D 173 9.97 -51.52 26.49
N PHE D 174 9.04 -52.23 27.12
CA PHE D 174 8.57 -51.85 28.47
C PHE D 174 9.74 -51.91 29.48
N ASN D 175 10.58 -52.93 29.41
CA ASN D 175 11.71 -53.07 30.36
C ASN D 175 12.69 -51.89 30.22
N TYR D 176 12.85 -51.32 29.04
CA TYR D 176 13.69 -50.11 28.81
C TYR D 176 13.03 -48.89 29.47
N GLN D 177 11.72 -48.74 29.31
CA GLN D 177 10.96 -47.60 29.87
C GLN D 177 11.07 -47.65 31.41
N MET D 178 10.83 -48.81 32.01
CA MET D 178 10.91 -48.94 33.49
C MET D 178 12.36 -48.70 33.94
N TYR D 179 13.34 -49.23 33.23
CA TYR D 179 14.74 -49.06 33.63
C TYR D 179 15.09 -47.56 33.60
N ASN D 180 14.52 -46.82 32.64
CA ASN D 180 14.84 -45.39 32.42
C ASN D 180 14.40 -44.52 33.62
N LEU D 181 13.42 -44.97 34.40
CA LEU D 181 12.95 -44.23 35.60
C LEU D 181 14.05 -44.15 36.67
N ASN D 182 14.96 -45.13 36.72
CA ASN D 182 15.86 -45.33 37.87
C ASN D 182 16.75 -44.09 38.05
N LYS D 183 17.11 -43.41 36.97
CA LYS D 183 18.06 -42.28 37.08
C LYS D 183 17.35 -41.02 37.58
N TYR D 184 16.03 -41.05 37.75
CA TYR D 184 15.24 -39.90 38.24
C TYR D 184 14.91 -40.05 39.75
N ARG D 185 15.54 -41.00 40.44
CA ARG D 185 15.16 -41.29 41.84
C ARG D 185 15.28 -40.03 42.70
N ASN D 186 16.15 -39.09 42.31
CA ASN D 186 16.52 -37.87 43.07
C ASN D 186 15.45 -36.76 42.99
N LEU D 187 14.54 -36.83 42.02
CA LEU D 187 13.49 -35.80 41.86
C LEU D 187 12.61 -35.80 43.13
N SER D 188 12.01 -34.65 43.39
CA SER D 188 11.21 -34.41 44.61
C SER D 188 10.04 -33.46 44.32
N ILE D 189 8.96 -33.59 45.09
CA ILE D 189 7.78 -32.68 44.99
C ILE D 189 8.04 -31.44 45.88
N SER D 190 9.09 -31.46 46.71
CA SER D 190 9.43 -30.39 47.68
C SER D 190 10.84 -29.86 47.43
N THR D 191 11.12 -28.67 47.94
CA THR D 191 12.43 -28.01 47.84
C THR D 191 13.46 -28.93 48.48
N PRO D 192 14.48 -29.45 47.77
CA PRO D 192 15.46 -30.30 48.41
C PRO D 192 16.44 -29.50 49.28
N GLN D 193 17.15 -30.24 50.11
CA GLN D 193 18.32 -29.72 50.87
C GLN D 193 19.48 -29.52 49.89
N ASN D 194 20.37 -28.61 50.25
CA ASN D 194 21.64 -28.40 49.53
C ASN D 194 22.55 -29.57 49.89
N THR D 195 22.60 -30.60 49.07
CA THR D 195 23.56 -31.72 49.21
C THR D 195 24.74 -31.46 48.30
N PHE D 196 24.66 -30.44 47.42
CA PHE D 196 25.73 -30.11 46.46
C PHE D 196 27.03 -29.85 47.24
N SER D 197 26.99 -28.98 48.24
CA SER D 197 28.11 -28.76 49.20
C SER D 197 27.68 -27.74 50.27
N ASP D 198 27.98 -28.01 51.53
CA ASP D 198 27.88 -27.05 52.66
C ASP D 198 28.69 -25.78 52.43
N SER D 199 29.71 -25.82 51.55
CA SER D 199 30.75 -24.78 51.46
C SER D 199 30.28 -23.66 50.56
N VAL D 200 29.11 -23.80 49.94
CA VAL D 200 28.52 -22.71 49.13
C VAL D 200 27.06 -22.56 49.55
N ASP D 201 26.66 -21.34 49.81
CA ASP D 201 25.30 -20.97 50.27
C ASP D 201 24.37 -20.85 49.05
N LEU D 202 23.89 -21.98 48.54
CA LEU D 202 22.91 -21.98 47.42
C LEU D 202 21.54 -21.49 47.92
N LYS D 203 20.87 -20.66 47.12
CA LYS D 203 19.59 -20.00 47.47
C LYS D 203 18.46 -20.58 46.61
N VAL D 204 17.25 -20.53 47.15
CA VAL D 204 15.99 -20.95 46.50
C VAL D 204 15.09 -19.73 46.42
N ASP D 205 14.81 -19.22 45.21
CA ASP D 205 14.01 -17.97 45.00
C ASP D 205 12.65 -18.34 44.41
N GLY D 206 12.27 -19.61 44.42
CA GLY D 206 10.96 -20.07 43.88
C GLY D 206 10.62 -21.47 44.36
N THR D 207 9.36 -21.90 44.17
CA THR D 207 8.89 -23.29 44.48
C THR D 207 9.13 -24.17 43.26
N GLY D 208 9.00 -25.49 43.43
CA GLY D 208 9.15 -26.46 42.32
C GLY D 208 10.60 -26.87 42.08
N PHE D 209 11.56 -26.45 42.91
CA PHE D 209 13.00 -26.75 42.66
C PHE D 209 13.24 -28.26 42.69
N GLY D 210 12.43 -29.01 43.46
CA GLY D 210 12.60 -30.46 43.59
C GLY D 210 12.43 -31.21 42.28
N GLY D 211 11.64 -30.68 41.35
CA GLY D 211 11.37 -31.32 40.04
C GLY D 211 12.50 -31.15 39.03
N ILE D 212 13.49 -30.30 39.28
CA ILE D 212 14.54 -29.94 38.27
C ILE D 212 15.24 -31.20 37.79
N GLY D 213 15.25 -31.42 36.48
CA GLY D 213 15.76 -32.63 35.82
C GLY D 213 14.63 -33.45 35.18
N LEU D 214 13.39 -33.22 35.57
CA LEU D 214 12.22 -33.89 34.94
C LEU D 214 12.17 -33.42 33.50
N PRO D 215 12.09 -34.34 32.52
CA PRO D 215 12.10 -33.94 31.12
C PRO D 215 10.72 -33.40 30.69
N GLY D 216 10.75 -32.39 29.83
CA GLY D 216 9.57 -31.61 29.41
C GLY D 216 9.15 -31.85 27.97
N ASP D 217 9.90 -32.60 27.18
CA ASP D 217 9.60 -32.72 25.73
C ASP D 217 8.54 -33.81 25.51
N VAL D 218 8.16 -34.10 24.27
CA VAL D 218 7.08 -35.08 23.98
C VAL D 218 7.63 -36.31 23.26
N SER D 219 8.93 -36.58 23.33
CA SER D 219 9.46 -37.92 23.02
C SER D 219 8.73 -38.94 23.91
N PRO D 220 8.52 -40.18 23.43
CA PRO D 220 7.87 -41.20 24.23
C PRO D 220 8.54 -41.51 25.59
N GLU D 221 9.88 -41.48 25.68
CA GLU D 221 10.55 -41.76 26.98
C GLU D 221 10.28 -40.61 27.96
N SER D 222 10.38 -39.35 27.53
CA SER D 222 10.15 -38.15 28.38
C SER D 222 8.69 -38.12 28.90
N ARG D 223 7.71 -38.43 28.04
CA ARG D 223 6.28 -38.57 28.39
C ARG D 223 6.07 -39.71 29.39
N PHE D 224 6.81 -40.79 29.27
CA PHE D 224 6.71 -41.94 30.20
C PHE D 224 7.15 -41.46 31.59
N VAL D 225 8.29 -40.79 31.66
CA VAL D 225 8.88 -40.30 32.94
C VAL D 225 7.94 -39.25 33.53
N ARG D 226 7.46 -38.33 32.71
CA ARG D 226 6.69 -37.17 33.20
C ARG D 226 5.29 -37.60 33.64
N ALA D 227 4.65 -38.50 32.88
CA ALA D 227 3.34 -39.09 33.26
C ALA D 227 3.49 -39.90 34.56
N THR D 228 4.55 -40.70 34.72
CA THR D 228 4.83 -41.48 35.94
C THR D 228 4.94 -40.53 37.15
N PHE D 229 5.79 -39.50 37.05
CA PHE D 229 6.01 -38.50 38.11
C PHE D 229 4.69 -37.78 38.46
N SER D 230 3.92 -37.32 37.46
CA SER D 230 2.66 -36.59 37.69
C SER D 230 1.60 -37.52 38.32
N LYS D 231 1.50 -38.77 37.85
CA LYS D 231 0.43 -39.68 38.28
C LYS D 231 0.73 -40.17 39.70
N LEU D 232 1.97 -40.59 39.96
CA LEU D 232 2.35 -41.24 41.25
C LEU D 232 2.28 -40.18 42.36
N ASN D 233 2.51 -38.91 42.06
CA ASN D 233 2.44 -37.82 43.07
C ASN D 233 1.09 -37.11 43.06
N SER D 234 0.13 -37.50 42.24
CA SER D 234 -1.11 -36.68 42.12
C SER D 234 -1.94 -36.75 43.42
N SER D 235 -2.45 -35.60 43.88
CA SER D 235 -3.21 -35.48 45.15
C SER D 235 -4.47 -36.33 45.05
N LYS D 236 -4.87 -36.95 46.16
CA LYS D 236 -6.14 -37.70 46.29
C LYS D 236 -7.33 -36.73 46.22
N GLY D 237 -8.37 -37.07 45.46
CA GLY D 237 -9.63 -36.30 45.45
C GLY D 237 -10.59 -36.84 46.52
N MET D 238 -11.57 -36.05 46.94
CA MET D 238 -12.58 -36.55 47.91
C MET D 238 -13.82 -37.05 47.16
N THR D 239 -14.02 -36.77 45.86
CA THR D 239 -15.15 -37.31 45.07
C THR D 239 -14.67 -37.93 43.75
N VAL D 240 -15.53 -38.71 43.12
CA VAL D 240 -15.32 -39.30 41.78
C VAL D 240 -15.12 -38.13 40.80
N GLU D 241 -15.94 -37.08 40.89
CA GLU D 241 -15.81 -35.91 39.98
C GLU D 241 -14.39 -35.31 40.10
N GLU D 242 -13.85 -35.15 41.31
CA GLU D 242 -12.48 -34.62 41.51
C GLU D 242 -11.45 -35.58 40.93
N ASP D 243 -11.65 -36.90 41.05
CA ASP D 243 -10.77 -37.90 40.43
C ASP D 243 -10.74 -37.69 38.92
N ILE D 244 -11.90 -37.54 38.26
CA ILE D 244 -11.96 -37.44 36.76
C ILE D 244 -11.21 -36.16 36.36
N THR D 245 -11.50 -35.04 37.06
CA THR D 245 -10.87 -33.73 36.87
C THR D 245 -9.35 -33.93 36.94
N GLN D 246 -8.89 -34.56 38.01
CA GLN D 246 -7.44 -34.81 38.24
C GLN D 246 -6.85 -35.65 37.09
N PHE D 247 -7.55 -36.67 36.66
CA PHE D 247 -7.15 -37.57 35.55
C PHE D 247 -6.85 -36.75 34.29
N PHE D 248 -7.72 -35.79 33.93
CA PHE D 248 -7.48 -34.96 32.73
C PHE D 248 -6.28 -34.04 32.97
N HIS D 249 -6.04 -33.61 34.22
CA HIS D 249 -4.83 -32.79 34.52
C HIS D 249 -3.59 -33.65 34.24
N ILE D 250 -3.60 -34.91 34.66
CA ILE D 250 -2.42 -35.82 34.52
C ILE D 250 -2.14 -36.03 33.03
N LEU D 251 -3.16 -36.38 32.26
CA LEU D 251 -2.97 -36.56 30.80
C LEU D 251 -2.46 -35.26 30.14
N GLY D 252 -2.93 -34.11 30.61
CA GLY D 252 -2.51 -32.77 30.17
C GLY D 252 -1.00 -32.54 30.30
N THR D 253 -0.37 -33.11 31.33
CA THR D 253 1.08 -32.93 31.59
C THR D 253 1.87 -33.50 30.41
N VAL D 254 1.29 -34.40 29.60
CA VAL D 254 2.05 -35.09 28.51
C VAL D 254 1.33 -34.92 27.18
N GLU D 255 0.39 -33.99 27.13
CA GLU D 255 -0.38 -33.60 25.93
C GLU D 255 0.60 -33.03 24.90
N GLN D 256 0.32 -33.26 23.62
CA GLN D 256 1.08 -32.64 22.51
C GLN D 256 0.26 -31.51 21.90
N ILE D 257 0.78 -30.30 21.92
CA ILE D 257 0.10 -29.15 21.29
C ILE D 257 0.59 -29.05 19.84
N LYS D 258 -0.29 -28.56 18.98
CA LYS D 258 0.02 -28.36 17.53
C LYS D 258 1.16 -27.37 17.37
N GLY D 259 2.27 -27.87 16.80
CA GLY D 259 3.47 -27.08 16.51
C GLY D 259 4.77 -27.54 17.16
N VAL D 260 4.72 -28.26 18.27
CA VAL D 260 5.99 -28.61 18.99
C VAL D 260 6.59 -29.93 18.50
N ASN D 261 5.88 -30.72 17.70
CA ASN D 261 6.34 -32.06 17.28
C ASN D 261 5.94 -32.28 15.83
N LYS D 262 6.90 -32.13 14.94
CA LYS D 262 6.65 -32.17 13.47
C LYS D 262 7.22 -33.51 12.97
N THR D 263 6.36 -34.37 12.40
CA THR D 263 6.70 -35.72 11.88
C THR D 263 7.66 -35.58 10.69
N GLU D 264 8.18 -36.73 10.22
CA GLU D 264 9.02 -36.89 8.99
C GLU D 264 8.38 -36.09 7.82
N SER D 265 7.09 -36.29 7.57
CA SER D 265 6.30 -35.67 6.46
C SER D 265 6.07 -34.16 6.64
N GLY D 266 6.41 -33.57 7.80
CA GLY D 266 6.21 -32.12 8.05
C GLY D 266 4.82 -31.81 8.61
N LYS D 267 4.06 -32.81 9.04
CA LYS D 267 2.73 -32.62 9.69
C LYS D 267 2.91 -32.52 11.22
N GLU D 268 2.01 -31.81 11.90
CA GLU D 268 2.09 -31.52 13.37
C GLU D 268 1.41 -32.66 14.16
N GLU D 269 2.15 -33.36 15.00
CA GLU D 269 1.61 -34.38 15.95
C GLU D 269 0.87 -33.61 17.04
N TYR D 270 -0.36 -33.98 17.35
CA TYR D 270 -1.10 -33.38 18.47
C TYR D 270 -1.95 -34.43 19.18
N THR D 271 -2.36 -34.11 20.41
CA THR D 271 -3.28 -34.96 21.17
C THR D 271 -4.69 -34.77 20.58
N VAL D 272 -5.09 -35.70 19.72
CA VAL D 272 -6.41 -35.67 19.04
C VAL D 272 -7.54 -35.79 20.07
N TYR D 273 -7.41 -36.71 21.02
CA TYR D 273 -8.40 -36.80 22.12
C TYR D 273 -7.71 -37.34 23.38
N SER D 274 -8.38 -37.13 24.50
CA SER D 274 -8.01 -37.66 25.85
C SER D 274 -9.26 -38.32 26.40
N ASN D 275 -9.12 -39.45 27.08
CA ASN D 275 -10.30 -40.07 27.71
C ASN D 275 -9.92 -40.62 29.07
N CYS D 276 -10.96 -40.79 29.87
CA CYS D 276 -10.92 -41.31 31.25
C CYS D 276 -12.14 -42.24 31.41
N TYR D 277 -11.91 -43.53 31.50
CA TYR D 277 -13.00 -44.51 31.76
C TYR D 277 -13.05 -44.70 33.27
N ASP D 278 -14.24 -44.49 33.84
CA ASP D 278 -14.59 -44.87 35.22
C ASP D 278 -14.94 -46.36 35.18
N LEU D 279 -14.05 -47.21 35.71
CA LEU D 279 -14.16 -48.67 35.48
C LEU D 279 -15.32 -49.21 36.32
N ASP D 280 -15.50 -48.76 37.56
CA ASP D 280 -16.58 -49.28 38.46
C ASP D 280 -17.95 -48.82 37.96
N ASN D 281 -18.06 -47.64 37.35
CA ASN D 281 -19.38 -47.09 36.89
C ASN D 281 -19.55 -47.21 35.37
N LYS D 282 -18.63 -47.88 34.68
CA LYS D 282 -18.69 -48.19 33.23
C LYS D 282 -19.06 -46.93 32.44
N THR D 283 -18.36 -45.82 32.71
CA THR D 283 -18.60 -44.53 32.04
C THR D 283 -17.35 -44.05 31.32
N LEU D 284 -17.53 -43.62 30.08
CA LEU D 284 -16.49 -42.99 29.26
C LEU D 284 -16.59 -41.47 29.41
N TYR D 285 -15.47 -40.81 29.77
CA TYR D 285 -15.30 -39.33 29.71
C TYR D 285 -14.23 -39.00 28.66
N TYR D 286 -14.49 -38.05 27.77
CA TYR D 286 -13.47 -37.63 26.78
C TYR D 286 -13.54 -36.13 26.51
N THR D 287 -12.39 -35.63 26.05
CA THR D 287 -12.20 -34.29 25.46
C THR D 287 -11.52 -34.50 24.12
N THR D 288 -11.53 -33.47 23.27
CA THR D 288 -10.81 -33.43 21.97
C THR D 288 -9.91 -32.21 21.96
N TYR D 289 -8.93 -32.20 21.06
CA TYR D 289 -8.05 -31.02 20.87
C TYR D 289 -8.91 -29.76 20.76
N GLU D 290 -10.07 -29.86 20.12
CA GLU D 290 -10.85 -28.67 19.68
C GLU D 290 -11.86 -28.28 20.75
N ASN D 291 -12.15 -29.17 21.69
CA ASN D 291 -13.24 -28.96 22.68
C ASN D 291 -12.76 -29.40 24.07
N ARG D 292 -12.61 -28.42 24.95
CA ARG D 292 -12.16 -28.62 26.35
C ARG D 292 -13.24 -29.30 27.18
N GLN D 293 -14.51 -29.09 26.85
CA GLN D 293 -15.61 -29.56 27.70
C GLN D 293 -15.64 -31.07 27.71
N ILE D 294 -15.52 -31.68 28.87
CA ILE D 294 -15.62 -33.15 29.04
C ILE D 294 -17.00 -33.59 28.55
N VAL D 295 -17.06 -34.64 27.72
CA VAL D 295 -18.30 -35.37 27.32
C VAL D 295 -18.33 -36.77 27.98
N ALA D 296 -19.50 -37.20 28.47
CA ALA D 296 -19.68 -38.47 29.20
C ALA D 296 -20.72 -39.36 28.51
N VAL D 297 -20.44 -40.64 28.44
CA VAL D 297 -21.36 -41.69 27.93
C VAL D 297 -21.15 -42.92 28.80
N THR D 298 -22.24 -43.45 29.35
CA THR D 298 -22.29 -44.68 30.18
C THR D 298 -22.74 -45.86 29.33
N LEU D 299 -22.16 -47.03 29.58
CA LEU D 299 -22.59 -48.32 29.00
C LEU D 299 -23.80 -48.83 29.80
N ASN D 300 -24.98 -48.94 29.18
CA ASN D 300 -26.22 -49.37 29.89
C ASN D 300 -26.45 -50.85 29.62
N GLY D 305 -30.06 -55.93 21.68
CA GLY D 305 -29.26 -55.19 20.67
C GLY D 305 -28.23 -56.09 20.04
N ASN D 306 -28.10 -56.04 18.72
CA ASN D 306 -27.02 -56.70 17.96
C ASN D 306 -26.41 -55.67 17.02
N ARG D 307 -26.81 -54.41 17.21
CA ARG D 307 -26.38 -53.27 16.37
C ARG D 307 -25.42 -52.40 17.20
N LEU D 308 -24.28 -52.07 16.60
CA LEU D 308 -23.33 -51.02 17.07
C LEU D 308 -24.10 -49.72 17.26
N VAL D 309 -23.94 -49.05 18.40
CA VAL D 309 -24.49 -47.70 18.69
C VAL D 309 -23.31 -46.75 18.75
N THR D 310 -23.37 -45.61 18.05
CA THR D 310 -22.27 -44.63 17.93
C THR D 310 -22.71 -43.20 18.33
N TYR D 311 -21.75 -42.37 18.73
CA TYR D 311 -21.91 -40.96 19.16
C TYR D 311 -20.68 -40.25 18.63
N PRO D 312 -20.76 -39.43 17.56
CA PRO D 312 -19.58 -38.78 16.99
C PRO D 312 -19.00 -37.71 17.91
N PHE D 313 -17.70 -37.46 17.77
CA PHE D 313 -16.95 -36.48 18.58
C PHE D 313 -17.25 -35.05 18.10
N GLU D 314 -17.56 -34.14 19.02
CA GLU D 314 -17.61 -32.67 18.75
C GLU D 314 -16.16 -32.13 18.67
N ARG D 315 -15.75 -31.59 17.51
CA ARG D 315 -14.46 -30.90 17.30
C ARG D 315 -14.69 -29.39 17.16
N LYS D 316 -15.52 -28.83 18.03
CA LYS D 316 -15.76 -27.37 18.19
C LYS D 316 -15.60 -27.01 19.67
N GLN D 317 -15.04 -25.84 19.96
CA GLN D 317 -14.91 -25.34 21.34
C GLN D 317 -16.31 -24.98 21.88
N ILE D 318 -16.83 -25.72 22.86
CA ILE D 318 -18.16 -25.41 23.47
C ILE D 318 -17.92 -24.54 24.72
N ILE D 319 -18.09 -23.24 24.53
CA ILE D 319 -17.81 -22.15 25.51
C ILE D 319 -19.15 -21.77 26.17
N ASN D 320 -19.15 -21.61 27.48
CA ASN D 320 -20.28 -21.06 28.27
C ASN D 320 -20.23 -19.53 28.19
N LYS D 321 -21.12 -18.95 27.39
CA LYS D 321 -21.20 -17.49 27.17
C LYS D 321 -22.25 -16.90 28.13
N LEU D 322 -21.80 -16.26 29.23
CA LEU D 322 -22.67 -15.75 30.34
C LEU D 322 -23.64 -14.67 29.83
N THR E 2 1.75 14.42 -32.47
CA THR E 2 1.03 14.28 -31.22
C THR E 2 -0.48 14.30 -31.53
N ALA E 3 -1.22 13.32 -31.03
CA ALA E 3 -2.68 13.24 -31.23
C ALA E 3 -3.33 13.27 -29.86
N ILE E 4 -4.42 14.01 -29.74
CA ILE E 4 -5.13 14.17 -28.45
C ILE E 4 -6.64 14.06 -28.67
N THR E 5 -7.34 13.76 -27.58
CA THR E 5 -8.80 13.91 -27.47
C THR E 5 -9.05 15.00 -26.42
N LEU E 6 -10.22 15.59 -26.47
CA LEU E 6 -10.67 16.54 -25.42
C LEU E 6 -12.19 16.41 -25.29
N ASN E 7 -12.70 16.35 -24.06
CA ASN E 7 -14.16 16.29 -23.75
C ASN E 7 -14.54 17.62 -23.12
N GLY E 8 -15.41 18.40 -23.76
CA GLY E 8 -15.81 19.71 -23.21
C GLY E 8 -17.30 19.91 -23.43
N ASN E 9 -17.67 21.03 -24.05
CA ASN E 9 -19.06 21.35 -24.47
C ASN E 9 -19.40 20.48 -25.68
N SER E 10 -18.44 20.20 -26.55
CA SER E 10 -18.55 19.09 -27.52
C SER E 10 -17.39 18.14 -27.23
N ASN E 11 -17.05 17.24 -28.15
CA ASN E 11 -16.00 16.21 -27.98
C ASN E 11 -15.12 16.25 -29.21
N TYR E 12 -13.81 16.29 -29.00
CA TYR E 12 -12.79 16.70 -30.00
C TYR E 12 -11.73 15.61 -30.10
N PHE E 13 -11.06 15.60 -31.24
CA PHE E 13 -10.01 14.64 -31.61
C PHE E 13 -9.14 15.35 -32.64
N GLY E 14 -7.83 15.22 -32.56
CA GLY E 14 -6.96 15.97 -33.49
C GLY E 14 -5.51 15.71 -33.27
N ARG E 15 -4.65 16.32 -34.09
CA ARG E 15 -3.22 15.94 -34.08
C ARG E 15 -2.37 17.08 -34.65
N ASN E 16 -1.13 17.10 -34.20
CA ASN E 16 0.00 17.75 -34.90
C ASN E 16 0.58 16.72 -35.86
N LEU E 17 0.87 17.13 -37.09
CA LEU E 17 1.72 16.36 -38.02
C LEU E 17 3.09 17.01 -38.04
N ASP E 18 4.09 16.29 -37.55
CA ASP E 18 5.49 16.80 -37.43
C ASP E 18 6.31 16.08 -38.50
N LEU E 19 6.84 16.79 -39.51
CA LEU E 19 7.65 16.15 -40.57
C LEU E 19 8.77 17.10 -40.99
N ASP E 20 9.71 16.62 -41.80
CA ASP E 20 10.82 17.44 -42.34
C ASP E 20 10.25 18.26 -43.51
N PHE E 21 9.24 17.72 -44.20
CA PHE E 21 8.67 18.31 -45.44
C PHE E 21 7.15 18.09 -45.48
N SER E 22 6.45 19.05 -46.05
CA SER E 22 5.05 18.85 -46.47
C SER E 22 5.04 17.76 -47.53
N TYR E 23 3.95 17.00 -47.60
CA TYR E 23 3.72 16.01 -48.67
C TYR E 23 2.62 16.52 -49.60
N GLY E 24 2.26 17.81 -49.55
CA GLY E 24 1.19 18.35 -50.40
C GLY E 24 -0.18 17.99 -49.86
N GLU E 25 -0.26 17.68 -48.57
CA GLU E 25 -1.52 17.26 -47.90
C GLU E 25 -2.59 18.35 -48.08
N GLU E 26 -3.85 17.91 -48.04
CA GLU E 26 -5.01 18.76 -48.31
C GLU E 26 -6.23 18.13 -47.61
N VAL E 27 -7.34 18.84 -47.54
CA VAL E 27 -8.62 18.25 -47.06
C VAL E 27 -9.16 17.33 -48.15
N ILE E 28 -9.57 16.13 -47.75
CA ILE E 28 -10.22 15.12 -48.62
C ILE E 28 -11.52 14.69 -47.93
N ILE E 29 -12.63 14.89 -48.63
CA ILE E 29 -13.95 14.30 -48.25
C ILE E 29 -14.12 13.06 -49.13
N THR E 30 -14.38 11.91 -48.52
CA THR E 30 -14.77 10.67 -49.24
C THR E 30 -16.26 10.44 -49.02
N PRO E 31 -17.10 10.55 -50.09
CA PRO E 31 -18.55 10.45 -49.96
C PRO E 31 -18.98 8.98 -49.84
N ALA E 32 -20.22 8.76 -49.41
CA ALA E 32 -20.83 7.43 -49.10
C ALA E 32 -20.57 6.41 -50.23
N GLU E 33 -20.61 6.84 -51.50
CA GLU E 33 -20.66 5.93 -52.67
C GLU E 33 -19.34 5.99 -53.46
N TYR E 34 -18.29 6.63 -52.94
CA TYR E 34 -16.91 6.43 -53.44
C TYR E 34 -16.58 4.94 -53.21
N GLU E 35 -16.20 4.21 -54.26
CA GLU E 35 -15.84 2.78 -54.14
C GLU E 35 -14.45 2.64 -53.53
N PHE E 36 -14.40 2.06 -52.32
CA PHE E 36 -13.18 1.56 -51.62
C PHE E 36 -12.80 0.18 -52.16
N LYS E 37 -11.69 0.12 -52.88
CA LYS E 37 -11.04 -1.12 -53.38
C LYS E 37 -9.94 -1.53 -52.38
N PHE E 38 -9.87 -2.82 -52.05
CA PHE E 38 -8.89 -3.41 -51.10
C PHE E 38 -8.04 -4.44 -51.86
N ARG E 39 -6.77 -4.61 -51.51
CA ARG E 39 -5.87 -5.51 -52.28
C ARG E 39 -6.34 -6.97 -52.14
N LYS E 40 -6.92 -7.36 -51.00
CA LYS E 40 -7.14 -8.77 -50.58
C LYS E 40 -8.53 -8.94 -49.94
N GLU E 41 -9.43 -7.97 -50.10
CA GLU E 41 -10.82 -8.04 -49.59
C GLU E 41 -11.78 -7.49 -50.64
N LYS E 42 -13.06 -7.77 -50.46
CA LYS E 42 -14.13 -7.31 -51.38
C LYS E 42 -14.26 -5.80 -51.26
N ALA E 43 -14.49 -5.14 -52.40
CA ALA E 43 -14.72 -3.68 -52.50
C ALA E 43 -15.90 -3.30 -51.62
N ILE E 44 -15.94 -2.06 -51.15
CA ILE E 44 -17.07 -1.49 -50.38
C ILE E 44 -17.59 -0.30 -51.18
N LYS E 45 -18.82 -0.40 -51.69
CA LYS E 45 -19.44 0.54 -52.64
C LYS E 45 -20.33 1.51 -51.86
N ASN E 46 -20.85 1.08 -50.71
CA ASN E 46 -21.65 1.96 -49.82
C ASN E 46 -21.08 1.92 -48.40
N HIS E 47 -20.75 3.09 -47.84
CA HIS E 47 -20.04 3.18 -46.54
C HIS E 47 -20.28 4.56 -45.93
N LYS E 48 -19.78 4.73 -44.71
CA LYS E 48 -19.84 6.02 -44.01
C LYS E 48 -18.96 7.01 -44.78
N SER E 49 -19.38 8.26 -44.89
CA SER E 49 -18.59 9.33 -45.55
C SER E 49 -17.50 9.83 -44.59
N LEU E 50 -16.38 10.28 -45.13
CA LEU E 50 -15.16 10.68 -44.37
C LEU E 50 -14.80 12.11 -44.74
N ILE E 51 -14.30 12.83 -43.75
CA ILE E 51 -13.55 14.11 -43.92
C ILE E 51 -12.24 13.94 -43.15
N GLY E 52 -11.13 14.22 -43.82
CA GLY E 52 -9.81 14.15 -43.17
C GLY E 52 -8.78 14.91 -43.95
N VAL E 53 -7.52 14.64 -43.60
CA VAL E 53 -6.34 15.29 -44.20
C VAL E 53 -5.48 14.17 -44.78
N GLY E 54 -4.97 14.35 -45.99
CA GLY E 54 -4.01 13.41 -46.59
C GLY E 54 -3.70 13.82 -48.03
N ILE E 55 -3.23 12.87 -48.82
CA ILE E 55 -2.96 13.13 -50.25
C ILE E 55 -3.88 12.22 -51.06
N VAL E 56 -4.13 12.62 -52.30
CA VAL E 56 -4.79 11.76 -53.33
C VAL E 56 -3.73 11.25 -54.29
N ALA E 57 -3.69 9.95 -54.51
CA ALA E 57 -2.81 9.32 -55.49
C ALA E 57 -3.64 8.29 -56.26
N ASN E 58 -3.59 8.33 -57.58
CA ASN E 58 -4.39 7.41 -58.45
C ASN E 58 -5.84 7.37 -57.95
N ASP E 59 -6.45 8.51 -57.66
CA ASP E 59 -7.88 8.67 -57.25
C ASP E 59 -8.20 7.84 -55.98
N TYR E 60 -7.22 7.64 -55.10
CA TYR E 60 -7.38 6.97 -53.79
C TYR E 60 -7.02 7.93 -52.65
N PRO E 61 -7.87 8.09 -51.61
CA PRO E 61 -7.58 8.99 -50.49
C PRO E 61 -6.62 8.32 -49.51
N LEU E 62 -5.35 8.76 -49.50
CA LEU E 62 -4.33 8.32 -48.50
C LEU E 62 -4.39 9.25 -47.29
N TYR E 63 -5.20 8.90 -46.29
CA TYR E 63 -5.47 9.77 -45.11
C TYR E 63 -4.33 9.71 -44.11
N PHE E 64 -3.94 10.87 -43.59
CA PHE E 64 -3.07 10.96 -42.38
C PHE E 64 -3.96 10.77 -41.15
N ASP E 65 -5.13 11.40 -41.20
CA ASP E 65 -6.15 11.33 -40.12
C ASP E 65 -7.50 11.67 -40.73
N ALA E 66 -8.58 11.30 -40.05
CA ALA E 66 -9.95 11.53 -40.57
C ALA E 66 -10.98 11.22 -39.50
N ILE E 67 -12.17 11.75 -39.72
CA ILE E 67 -13.38 11.32 -38.96
C ILE E 67 -14.40 10.83 -39.99
N ASN E 68 -15.44 10.11 -39.50
CA ASN E 68 -16.61 9.71 -40.32
C ASN E 68 -17.84 10.51 -39.88
N GLU E 69 -18.97 10.27 -40.58
CA GLU E 69 -20.25 10.97 -40.36
C GLU E 69 -20.80 10.64 -38.96
N ASP E 70 -20.35 9.56 -38.31
CA ASP E 70 -20.77 9.24 -36.91
C ASP E 70 -19.82 9.83 -35.85
N GLY E 71 -18.76 10.53 -36.23
CA GLY E 71 -17.86 11.18 -35.25
C GLY E 71 -16.90 10.18 -34.65
N LEU E 72 -16.57 9.13 -35.40
CA LEU E 72 -15.44 8.22 -35.08
C LEU E 72 -14.20 8.76 -35.80
N GLY E 73 -13.10 8.92 -35.06
CA GLY E 73 -11.85 9.50 -35.58
C GLY E 73 -10.71 8.49 -35.54
N MET E 74 -9.79 8.60 -36.49
CA MET E 74 -8.60 7.72 -36.55
C MET E 74 -7.42 8.53 -37.11
N ALA E 75 -6.25 8.43 -36.48
CA ALA E 75 -5.01 9.08 -36.94
C ALA E 75 -3.89 8.05 -37.01
N GLY E 76 -3.08 8.15 -38.05
CA GLY E 76 -1.84 7.36 -38.15
C GLY E 76 -0.69 8.25 -37.74
N LEU E 77 0.13 7.78 -36.79
CA LEU E 77 1.31 8.52 -36.28
C LEU E 77 2.53 7.64 -36.50
N ASN E 78 3.69 8.26 -36.72
CA ASN E 78 4.97 7.57 -36.97
C ASN E 78 5.31 6.66 -35.78
N PHE E 79 5.84 5.50 -36.10
CA PHE E 79 6.16 4.39 -35.19
C PHE E 79 7.28 3.59 -35.84
N PRO E 80 8.39 4.26 -36.21
CA PRO E 80 9.45 3.61 -37.00
C PRO E 80 10.10 2.45 -36.25
N GLY E 81 10.26 1.32 -36.95
CA GLY E 81 10.97 0.16 -36.43
C GLY E 81 10.05 -0.76 -35.64
N ASN E 82 9.04 -0.23 -34.95
CA ASN E 82 8.19 -1.05 -34.03
C ASN E 82 7.02 -1.63 -34.81
N ALA E 83 6.46 -0.88 -35.77
CA ALA E 83 5.38 -1.35 -36.67
C ALA E 83 5.89 -2.58 -37.41
N TYR E 84 5.10 -3.67 -37.43
CA TYR E 84 5.45 -4.90 -38.18
C TYR E 84 4.22 -5.35 -38.99
N TYR E 85 4.34 -5.33 -40.31
CA TYR E 85 3.24 -5.69 -41.26
C TYR E 85 3.56 -7.11 -41.79
N SER E 86 2.53 -7.97 -41.90
CA SER E 86 2.64 -9.43 -42.16
C SER E 86 2.98 -9.66 -43.63
N ASP E 87 3.93 -10.53 -43.94
CA ASP E 87 4.22 -10.87 -45.36
C ASP E 87 3.25 -11.94 -45.88
N ALA E 88 2.37 -12.51 -45.02
CA ALA E 88 1.43 -13.60 -45.38
C ALA E 88 -0.01 -13.22 -45.05
N LEU E 89 -0.97 -13.79 -45.77
CA LEU E 89 -2.40 -13.78 -45.37
C LEU E 89 -2.52 -14.62 -44.10
N GLU E 90 -3.42 -14.26 -43.20
CA GLU E 90 -3.70 -15.01 -41.95
C GLU E 90 -5.14 -15.49 -42.02
N ASN E 91 -5.38 -16.68 -41.46
CA ASN E 91 -6.51 -17.57 -41.85
C ASN E 91 -7.86 -16.90 -41.56
N ASP E 92 -8.18 -16.70 -40.28
CA ASP E 92 -9.55 -16.26 -39.90
C ASP E 92 -9.53 -14.74 -39.66
N LYS E 93 -8.95 -13.98 -40.61
CA LYS E 93 -8.70 -12.52 -40.50
C LYS E 93 -9.04 -11.77 -41.80
N ASP E 94 -9.48 -10.52 -41.67
CA ASP E 94 -9.47 -9.51 -42.77
C ASP E 94 -8.02 -9.09 -43.00
N ASN E 95 -7.49 -9.30 -44.22
CA ASN E 95 -6.11 -8.93 -44.62
C ASN E 95 -6.16 -7.53 -45.24
N ILE E 96 -5.67 -6.53 -44.49
CA ILE E 96 -5.86 -5.08 -44.82
C ILE E 96 -4.48 -4.42 -44.81
N THR E 97 -4.16 -3.60 -45.82
CA THR E 97 -2.89 -2.83 -45.88
C THR E 97 -2.98 -1.64 -44.93
N PRO E 98 -1.82 -1.13 -44.47
CA PRO E 98 -1.78 0.05 -43.61
C PRO E 98 -2.46 1.29 -44.19
N PHE E 99 -2.32 1.52 -45.51
CA PHE E 99 -2.98 2.67 -46.19
C PHE E 99 -4.50 2.47 -46.31
N GLU E 100 -5.00 1.22 -46.19
CA GLU E 100 -6.45 0.88 -46.28
C GLU E 100 -7.10 0.93 -44.90
N PHE E 101 -6.28 0.98 -43.84
CA PHE E 101 -6.74 0.75 -42.45
C PHE E 101 -7.79 1.80 -42.09
N ILE E 102 -7.53 3.08 -42.37
CA ILE E 102 -8.48 4.18 -42.01
C ILE E 102 -9.79 3.99 -42.80
N PRO E 103 -9.80 3.78 -44.13
CA PRO E 103 -11.03 3.43 -44.85
C PRO E 103 -11.76 2.22 -44.27
N TRP E 104 -11.03 1.14 -44.01
CA TRP E 104 -11.55 -0.12 -43.41
C TRP E 104 -12.30 0.17 -42.12
N ILE E 105 -11.75 0.93 -41.18
CA ILE E 105 -12.39 1.17 -39.85
C ILE E 105 -13.48 2.22 -39.99
N LEU E 106 -13.11 3.42 -40.48
CA LEU E 106 -14.01 4.60 -40.46
C LEU E 106 -15.16 4.43 -41.48
N GLY E 107 -14.98 3.65 -42.54
CA GLY E 107 -16.05 3.34 -43.50
C GLY E 107 -17.15 2.48 -42.90
N GLN E 108 -16.83 1.64 -41.91
CA GLN E 108 -17.73 0.56 -41.43
C GLN E 108 -18.11 0.72 -39.95
N CYS E 109 -17.38 1.50 -39.14
CA CYS E 109 -17.60 1.55 -37.67
C CYS E 109 -18.12 2.92 -37.24
N SER E 110 -19.06 2.92 -36.31
CA SER E 110 -19.72 4.15 -35.81
C SER E 110 -19.17 4.54 -34.43
N ASP E 111 -18.49 3.62 -33.74
CA ASP E 111 -17.91 3.94 -32.40
C ASP E 111 -16.69 3.06 -32.11
N VAL E 112 -16.05 3.32 -30.97
CA VAL E 112 -14.77 2.65 -30.63
C VAL E 112 -15.01 1.15 -30.41
N ASN E 113 -16.10 0.77 -29.73
CA ASN E 113 -16.48 -0.66 -29.51
C ASN E 113 -16.43 -1.42 -30.86
N GLU E 114 -17.16 -0.93 -31.86
CA GLU E 114 -17.17 -1.50 -33.22
C GLU E 114 -15.77 -1.49 -33.82
N ALA E 115 -15.04 -0.38 -33.67
CA ALA E 115 -13.66 -0.31 -34.20
C ALA E 115 -12.85 -1.45 -33.56
N ARG E 116 -12.84 -1.55 -32.25
CA ARG E 116 -12.10 -2.63 -31.54
C ARG E 116 -12.49 -4.02 -32.08
N ASN E 117 -13.78 -4.32 -32.24
CA ASN E 117 -14.23 -5.66 -32.70
C ASN E 117 -13.63 -5.95 -34.07
N LEU E 118 -13.57 -4.93 -34.93
CA LEU E 118 -13.01 -5.07 -36.29
C LEU E 118 -11.49 -5.23 -36.20
N VAL E 119 -10.79 -4.43 -35.39
CA VAL E 119 -9.31 -4.53 -35.28
C VAL E 119 -8.93 -5.92 -34.73
N GLU E 120 -9.72 -6.50 -33.81
CA GLU E 120 -9.47 -7.85 -33.22
C GLU E 120 -9.36 -8.91 -34.32
N LYS E 121 -10.07 -8.73 -35.44
CA LYS E 121 -10.14 -9.71 -36.55
C LYS E 121 -9.21 -9.28 -37.69
N ILE E 122 -8.36 -8.27 -37.51
CA ILE E 122 -7.54 -7.72 -38.65
C ILE E 122 -6.16 -8.38 -38.67
N ASN E 123 -5.60 -8.38 -39.86
CA ASN E 123 -4.19 -8.75 -40.15
C ASN E 123 -3.67 -7.64 -41.06
N LEU E 124 -2.70 -6.84 -40.60
CA LEU E 124 -2.14 -5.76 -41.45
C LEU E 124 -1.02 -6.34 -42.30
N ILE E 125 -1.14 -6.22 -43.62
CA ILE E 125 -0.29 -6.97 -44.58
C ILE E 125 0.70 -6.01 -45.24
N ASN E 126 1.91 -6.50 -45.50
CA ASN E 126 3.04 -5.74 -46.04
C ASN E 126 2.91 -5.47 -47.55
N LEU E 127 1.82 -4.85 -48.02
CA LEU E 127 1.72 -4.34 -49.42
C LEU E 127 1.68 -2.82 -49.40
N SER E 128 2.61 -2.21 -50.13
CA SER E 128 2.72 -0.75 -50.36
C SER E 128 1.66 -0.31 -51.37
N PHE E 129 1.31 0.97 -51.33
CA PHE E 129 0.41 1.62 -52.28
C PHE E 129 1.01 1.59 -53.68
N SER E 130 2.28 1.97 -53.81
CA SER E 130 3.07 2.05 -55.08
C SER E 130 4.56 2.11 -54.76
N GLU E 131 5.39 2.04 -55.80
CA GLU E 131 6.88 2.12 -55.74
C GLU E 131 7.29 3.49 -55.18
N GLN E 132 6.61 4.55 -55.60
CA GLN E 132 6.89 5.96 -55.23
C GLN E 132 6.41 6.22 -53.79
N LEU E 133 5.53 5.37 -53.27
CA LEU E 133 4.87 5.54 -51.95
C LEU E 133 4.98 4.25 -51.14
N PRO E 134 6.19 3.90 -50.65
CA PRO E 134 6.36 2.70 -49.84
C PRO E 134 5.77 2.90 -48.43
N LEU E 135 5.42 1.80 -47.79
CA LEU E 135 4.91 1.74 -46.40
C LEU E 135 5.92 2.33 -45.43
N ALA E 136 5.45 3.16 -44.49
CA ALA E 136 6.18 3.57 -43.29
C ALA E 136 5.55 2.93 -42.04
N GLY E 137 6.33 2.78 -40.98
CA GLY E 137 5.85 2.29 -39.67
C GLY E 137 4.90 3.29 -39.04
N LEU E 138 3.68 2.85 -38.72
CA LEU E 138 2.63 3.67 -38.05
C LEU E 138 2.07 2.91 -36.83
N HIS E 139 1.46 3.65 -35.92
CA HIS E 139 0.46 3.16 -34.94
C HIS E 139 -0.67 4.17 -34.99
N TRP E 140 -1.83 3.81 -34.43
CA TRP E 140 -3.09 4.54 -34.62
C TRP E 140 -3.72 4.88 -33.29
N LEU E 141 -4.32 6.06 -33.24
CA LEU E 141 -5.30 6.43 -32.20
C LEU E 141 -6.68 6.37 -32.86
N ILE E 142 -7.63 5.68 -32.23
CA ILE E 142 -9.06 5.62 -32.67
C ILE E 142 -9.86 6.23 -31.54
N ALA E 143 -10.70 7.22 -31.82
CA ALA E 143 -11.45 7.95 -30.78
C ALA E 143 -12.87 8.25 -31.24
N ASP E 144 -13.82 8.16 -30.30
CA ASP E 144 -15.18 8.74 -30.41
C ASP E 144 -15.37 9.75 -29.27
N ARG E 145 -16.61 10.25 -29.16
CA ARG E 145 -17.02 11.27 -28.19
C ARG E 145 -16.80 10.76 -26.77
N GLU E 146 -16.59 9.45 -26.56
CA GLU E 146 -16.59 8.87 -25.19
C GLU E 146 -15.17 8.45 -24.80
N LYS E 147 -14.41 7.80 -25.67
CA LYS E 147 -13.15 7.10 -25.28
C LYS E 147 -12.26 6.88 -26.50
N SER E 148 -11.07 6.38 -26.26
CA SER E 148 -10.11 6.15 -27.36
C SER E 148 -9.32 4.87 -27.10
N ILE E 149 -8.82 4.28 -28.17
CA ILE E 149 -7.93 3.10 -28.09
C ILE E 149 -6.67 3.40 -28.89
N VAL E 150 -5.61 2.70 -28.57
CA VAL E 150 -4.38 2.71 -29.40
C VAL E 150 -4.22 1.34 -30.06
N VAL E 151 -3.80 1.34 -31.32
CA VAL E 151 -3.48 0.10 -32.06
C VAL E 151 -2.02 0.16 -32.43
N GLU E 152 -1.26 -0.81 -31.94
CA GLU E 152 0.15 -1.03 -32.27
C GLU E 152 0.26 -2.46 -32.80
N VAL E 153 0.67 -2.58 -34.08
CA VAL E 153 0.92 -3.89 -34.72
C VAL E 153 2.43 -4.08 -34.83
N THR E 154 2.96 -4.97 -34.01
CA THR E 154 4.40 -5.25 -33.82
C THR E 154 4.68 -6.73 -34.11
N LYS E 155 5.94 -7.12 -33.94
CA LYS E 155 6.42 -8.52 -34.10
C LYS E 155 5.55 -9.45 -33.26
N SER E 156 5.11 -9.02 -32.07
CA SER E 156 4.38 -9.88 -31.12
C SER E 156 2.87 -9.90 -31.42
N GLY E 157 2.40 -9.14 -32.42
CA GLY E 157 1.01 -9.17 -32.90
C GLY E 157 0.29 -7.84 -32.81
N VAL E 158 -1.03 -7.87 -33.02
CA VAL E 158 -1.97 -6.73 -32.99
C VAL E 158 -2.35 -6.43 -31.54
N HIS E 159 -1.88 -5.30 -31.02
CA HIS E 159 -2.16 -4.88 -29.62
C HIS E 159 -3.18 -3.74 -29.64
N ILE E 160 -4.22 -3.84 -28.82
CA ILE E 160 -5.25 -2.78 -28.62
C ILE E 160 -5.21 -2.35 -27.16
N TYR E 161 -4.94 -1.06 -26.88
CA TYR E 161 -4.89 -0.53 -25.50
C TYR E 161 -6.04 0.43 -25.30
N ASP E 162 -6.73 0.30 -24.17
CA ASP E 162 -7.63 1.40 -23.74
C ASP E 162 -6.70 2.61 -23.51
N ASN E 163 -7.07 3.82 -23.94
CA ASN E 163 -6.18 5.00 -23.78
C ASN E 163 -6.82 5.88 -22.73
N PRO E 164 -6.41 5.78 -21.46
CA PRO E 164 -7.16 6.45 -20.40
C PRO E 164 -6.98 7.98 -20.39
N ILE E 165 -6.04 8.52 -21.18
CA ILE E 165 -5.69 9.98 -21.14
C ILE E 165 -5.95 10.64 -22.51
N GLY E 166 -6.19 9.86 -23.56
CA GLY E 166 -6.38 10.38 -24.93
C GLY E 166 -5.17 11.14 -25.43
N ILE E 167 -3.98 10.53 -25.35
CA ILE E 167 -2.67 11.07 -25.84
C ILE E 167 -1.97 9.94 -26.58
N LEU E 168 -1.31 10.29 -27.70
CA LEU E 168 -0.39 9.40 -28.44
C LEU E 168 0.66 10.26 -29.14
N THR E 169 1.91 9.81 -29.12
CA THR E 169 2.99 10.43 -29.92
C THR E 169 3.61 9.36 -30.81
N ASN E 170 4.90 9.12 -30.67
CA ASN E 170 5.62 8.17 -31.54
C ASN E 170 6.09 7.01 -30.66
N ASN E 171 7.33 6.54 -30.87
CA ASN E 171 8.02 5.54 -30.03
C ASN E 171 8.32 6.16 -28.67
N PRO E 172 8.34 5.37 -27.56
CA PRO E 172 8.18 3.91 -27.62
C PRO E 172 6.72 3.44 -27.59
N GLU E 173 6.54 2.12 -27.45
CA GLU E 173 5.24 1.40 -27.35
C GLU E 173 4.42 2.00 -26.21
N PHE E 174 3.10 1.88 -26.28
CA PHE E 174 2.14 2.62 -25.42
C PHE E 174 2.32 2.28 -23.94
N ASN E 175 2.67 1.03 -23.59
CA ASN E 175 2.86 0.66 -22.16
C ASN E 175 4.08 1.40 -21.61
N TYR E 176 5.12 1.63 -22.44
CA TYR E 176 6.31 2.42 -22.03
C TYR E 176 5.94 3.89 -21.86
N GLN E 177 5.19 4.48 -22.80
CA GLN E 177 4.72 5.89 -22.68
C GLN E 177 3.95 6.06 -21.37
N MET E 178 2.99 5.16 -21.10
CA MET E 178 2.14 5.25 -19.90
C MET E 178 3.00 5.10 -18.64
N TYR E 179 3.92 4.13 -18.60
CA TYR E 179 4.74 3.88 -17.39
C TYR E 179 5.60 5.13 -17.10
N ASN E 180 6.07 5.77 -18.17
CA ASN E 180 6.98 6.93 -18.10
C ASN E 180 6.29 8.10 -17.38
N LEU E 181 4.97 8.20 -17.41
CA LEU E 181 4.21 9.25 -16.67
C LEU E 181 4.44 9.14 -15.17
N ASN E 182 4.73 7.95 -14.66
CA ASN E 182 4.71 7.70 -13.19
C ASN E 182 5.74 8.58 -12.47
N LYS E 183 6.89 8.83 -13.09
CA LYS E 183 7.97 9.60 -12.46
C LYS E 183 7.61 11.09 -12.37
N TYR E 184 6.51 11.53 -12.97
CA TYR E 184 6.10 12.96 -12.95
C TYR E 184 4.94 13.23 -11.96
N ARG E 185 4.63 12.32 -11.04
CA ARG E 185 3.43 12.46 -10.16
C ARG E 185 3.54 13.75 -9.34
N ASN E 186 4.76 14.22 -9.04
CA ASN E 186 5.03 15.36 -8.12
C ASN E 186 4.75 16.70 -8.82
N LEU E 187 4.67 16.74 -10.15
CA LEU E 187 4.40 18.05 -10.80
C LEU E 187 3.05 18.62 -10.30
N SER E 188 2.93 19.94 -10.33
CA SER E 188 1.72 20.64 -9.87
C SER E 188 1.43 21.86 -10.73
N ILE E 189 0.17 22.27 -10.75
CA ILE E 189 -0.28 23.53 -11.42
C ILE E 189 -0.16 24.70 -10.43
N SER E 190 0.18 24.47 -9.17
CA SER E 190 0.29 25.59 -8.21
C SER E 190 1.60 25.52 -7.44
N THR E 191 1.98 26.63 -6.77
CA THR E 191 3.25 26.73 -6.01
C THR E 191 3.24 25.65 -4.94
N PRO E 192 4.23 24.73 -4.91
CA PRO E 192 4.25 23.71 -3.89
C PRO E 192 4.81 24.25 -2.58
N GLN E 193 4.52 23.50 -1.52
CA GLN E 193 5.10 23.68 -0.18
C GLN E 193 6.58 23.33 -0.28
N ASN E 194 7.40 23.92 0.58
CA ASN E 194 8.79 23.50 0.80
C ASN E 194 8.80 22.14 1.50
N THR E 195 8.92 21.04 0.78
CA THR E 195 9.11 19.68 1.36
C THR E 195 10.60 19.31 1.32
N PHE E 196 11.43 20.12 0.67
CA PHE E 196 12.90 19.91 0.49
C PHE E 196 13.58 19.85 1.86
N SER E 197 13.32 20.87 2.69
CA SER E 197 13.65 20.87 4.14
C SER E 197 13.03 22.12 4.77
N ASP E 198 12.36 22.01 5.90
CA ASP E 198 11.90 23.27 6.57
C ASP E 198 13.06 23.85 7.39
N SER E 199 14.27 23.28 7.32
CA SER E 199 15.49 23.87 7.92
C SER E 199 16.13 24.92 6.98
N VAL E 200 15.61 25.12 5.78
CA VAL E 200 16.15 26.19 4.89
C VAL E 200 14.95 26.94 4.33
N ASP E 201 15.06 28.27 4.32
CA ASP E 201 13.97 29.19 3.96
C ASP E 201 14.00 29.36 2.44
N LEU E 202 13.45 28.42 1.69
CA LEU E 202 13.45 28.52 0.21
C LEU E 202 12.39 29.54 -0.21
N LYS E 203 12.75 30.43 -1.12
CA LYS E 203 11.89 31.55 -1.56
C LYS E 203 11.33 31.28 -2.94
N VAL E 204 10.11 31.76 -3.18
CA VAL E 204 9.42 31.68 -4.48
C VAL E 204 9.32 33.10 -5.03
N ASP E 205 9.93 33.39 -6.20
CA ASP E 205 10.03 34.75 -6.77
C ASP E 205 9.24 34.80 -8.10
N GLY E 206 8.41 33.80 -8.41
CA GLY E 206 7.51 33.86 -9.58
C GLY E 206 6.49 32.75 -9.52
N THR E 207 5.58 32.73 -10.48
CA THR E 207 4.57 31.67 -10.60
C THR E 207 5.15 30.53 -11.46
N GLY E 208 4.49 29.38 -11.46
CA GLY E 208 4.85 28.23 -12.32
C GLY E 208 5.82 27.27 -11.68
N PHE E 209 6.21 27.49 -10.42
CA PHE E 209 7.23 26.61 -9.77
C PHE E 209 6.73 25.16 -9.68
N GLY E 210 5.43 24.93 -9.59
CA GLY E 210 4.85 23.57 -9.50
C GLY E 210 5.23 22.69 -10.69
N GLY E 211 5.43 23.28 -11.86
CA GLY E 211 5.76 22.55 -13.10
C GLY E 211 7.21 22.11 -13.20
N ILE E 212 8.12 22.64 -12.37
CA ILE E 212 9.59 22.40 -12.54
C ILE E 212 9.83 20.86 -12.55
N GLY E 213 10.49 20.35 -13.59
CA GLY E 213 10.61 18.91 -13.84
C GLY E 213 9.89 18.47 -15.10
N LEU E 214 8.93 19.27 -15.60
CA LEU E 214 8.20 18.97 -16.86
C LEU E 214 9.22 19.11 -18.00
N PRO E 215 9.35 18.09 -18.87
CA PRO E 215 10.29 18.16 -19.99
C PRO E 215 9.78 19.06 -21.13
N GLY E 216 10.71 19.78 -21.76
CA GLY E 216 10.43 20.88 -22.68
C GLY E 216 10.88 20.60 -24.11
N ASP E 217 11.55 19.49 -24.34
CA ASP E 217 12.17 19.16 -25.65
C ASP E 217 11.09 18.55 -26.54
N VAL E 218 11.43 18.18 -27.77
CA VAL E 218 10.40 17.67 -28.73
C VAL E 218 10.68 16.23 -29.09
N SER E 219 11.38 15.52 -28.22
CA SER E 219 11.48 14.05 -28.32
C SER E 219 10.07 13.53 -28.14
N PRO E 220 9.74 12.35 -28.71
CA PRO E 220 8.38 11.82 -28.56
C PRO E 220 7.95 11.55 -27.10
N GLU E 221 8.83 11.08 -26.23
CA GLU E 221 8.45 10.84 -24.81
C GLU E 221 8.23 12.17 -24.11
N SER E 222 9.04 13.20 -24.37
CA SER E 222 8.86 14.53 -23.74
C SER E 222 7.51 15.09 -24.20
N ARG E 223 7.19 14.97 -25.50
CA ARG E 223 5.90 15.48 -26.03
C ARG E 223 4.75 14.69 -25.40
N PHE E 224 4.84 13.38 -25.27
CA PHE E 224 3.81 12.57 -24.54
C PHE E 224 3.56 13.18 -23.15
N VAL E 225 4.62 13.36 -22.35
CA VAL E 225 4.48 13.85 -20.95
C VAL E 225 3.86 15.26 -20.94
N ARG E 226 4.41 16.18 -21.71
CA ARG E 226 3.97 17.60 -21.75
C ARG E 226 2.55 17.74 -22.33
N ALA E 227 2.18 16.99 -23.36
CA ALA E 227 0.79 17.01 -23.87
C ALA E 227 -0.18 16.50 -22.80
N THR E 228 0.20 15.44 -22.09
CA THR E 228 -0.66 14.83 -21.03
C THR E 228 -0.88 15.89 -19.94
N PHE E 229 0.19 16.52 -19.48
CA PHE E 229 0.13 17.54 -18.41
C PHE E 229 -0.76 18.71 -18.84
N SER E 230 -0.54 19.23 -20.06
CA SER E 230 -1.25 20.41 -20.59
C SER E 230 -2.74 20.08 -20.80
N LYS E 231 -3.04 18.92 -21.37
CA LYS E 231 -4.41 18.49 -21.72
C LYS E 231 -5.18 18.20 -20.42
N LEU E 232 -4.63 17.39 -19.53
CA LEU E 232 -5.38 16.98 -18.31
C LEU E 232 -5.64 18.20 -17.42
N ASN E 233 -4.77 19.22 -17.45
CA ASN E 233 -4.95 20.37 -16.53
C ASN E 233 -5.58 21.57 -17.24
N SER E 234 -5.93 21.48 -18.52
CA SER E 234 -6.44 22.66 -19.27
C SER E 234 -7.81 23.03 -18.73
N SER E 235 -8.01 24.31 -18.49
CA SER E 235 -9.28 24.88 -17.96
C SER E 235 -10.42 24.53 -18.95
N LYS E 236 -11.59 24.26 -18.41
CA LYS E 236 -12.84 23.98 -19.15
C LYS E 236 -13.29 25.25 -19.85
N GLY E 237 -13.70 25.16 -21.11
CA GLY E 237 -14.27 26.32 -21.82
C GLY E 237 -15.76 26.45 -21.53
N MET E 238 -16.33 27.63 -21.77
CA MET E 238 -17.77 27.91 -21.51
C MET E 238 -18.58 27.58 -22.77
N THR E 239 -17.94 27.58 -23.95
CA THR E 239 -18.58 27.42 -25.28
C THR E 239 -17.76 26.42 -26.11
N VAL E 240 -18.30 25.98 -27.25
CA VAL E 240 -17.56 25.09 -28.19
C VAL E 240 -16.38 25.90 -28.75
N GLU E 241 -16.60 27.17 -29.04
CA GLU E 241 -15.52 28.05 -29.56
C GLU E 241 -14.35 28.09 -28.56
N GLU E 242 -14.63 28.21 -27.27
CA GLU E 242 -13.58 28.27 -26.22
C GLU E 242 -12.84 26.93 -26.15
N ASP E 243 -13.53 25.81 -26.28
CA ASP E 243 -12.92 24.47 -26.37
C ASP E 243 -11.95 24.39 -27.57
N ILE E 244 -12.37 24.85 -28.76
CA ILE E 244 -11.56 24.72 -30.00
C ILE E 244 -10.30 25.55 -29.75
N THR E 245 -10.49 26.75 -29.22
CA THR E 245 -9.41 27.70 -28.87
C THR E 245 -8.40 26.99 -27.98
N GLN E 246 -8.90 26.34 -26.94
CA GLN E 246 -8.10 25.64 -25.94
C GLN E 246 -7.34 24.48 -26.62
N PHE E 247 -8.01 23.76 -27.53
CA PHE E 247 -7.48 22.54 -28.18
C PHE E 247 -6.21 22.92 -28.94
N PHE E 248 -6.24 24.03 -29.69
CA PHE E 248 -5.09 24.57 -30.46
C PHE E 248 -3.99 25.04 -29.49
N HIS E 249 -4.34 25.65 -28.35
CA HIS E 249 -3.35 25.99 -27.29
C HIS E 249 -2.66 24.73 -26.77
N ILE E 250 -3.43 23.68 -26.49
CA ILE E 250 -2.90 22.38 -26.02
C ILE E 250 -1.91 21.80 -27.07
N LEU E 251 -2.29 21.68 -28.35
CA LEU E 251 -1.36 21.16 -29.41
C LEU E 251 -0.12 22.06 -29.49
N GLY E 252 -0.29 23.36 -29.29
CA GLY E 252 0.79 24.37 -29.29
C GLY E 252 1.87 24.07 -28.26
N THR E 253 1.50 23.51 -27.10
CA THR E 253 2.48 23.18 -26.02
C THR E 253 3.52 22.19 -26.53
N VAL E 254 3.19 21.36 -27.52
CA VAL E 254 4.11 20.31 -28.04
C VAL E 254 4.38 20.51 -29.55
N GLU E 255 4.14 21.71 -30.08
CA GLU E 255 4.48 22.08 -31.48
C GLU E 255 6.00 22.05 -31.65
N GLN E 256 6.45 21.69 -32.85
CA GLN E 256 7.86 21.74 -33.22
C GLN E 256 8.09 22.95 -34.13
N ILE E 257 8.86 23.91 -33.66
CA ILE E 257 9.22 25.11 -34.45
C ILE E 257 10.44 24.73 -35.29
N LYS E 258 10.50 25.30 -36.48
CA LYS E 258 11.63 25.10 -37.40
C LYS E 258 12.92 25.57 -36.74
N GLY E 259 13.88 24.66 -36.60
CA GLY E 259 15.23 24.99 -36.14
C GLY E 259 15.64 24.16 -34.93
N VAL E 260 14.71 23.70 -34.10
CA VAL E 260 15.08 23.03 -32.80
C VAL E 260 15.26 21.53 -32.99
N ASN E 261 14.82 20.98 -34.11
CA ASN E 261 14.88 19.51 -34.30
C ASN E 261 15.40 19.26 -35.71
N LYS E 262 16.70 19.00 -35.83
CA LYS E 262 17.35 18.80 -37.14
C LYS E 262 17.50 17.29 -37.43
N THR E 263 16.85 16.80 -38.48
CA THR E 263 16.95 15.40 -38.94
C THR E 263 18.33 15.11 -39.56
N GLU E 264 18.57 13.85 -39.86
CA GLU E 264 19.85 13.33 -40.45
C GLU E 264 20.13 14.00 -41.79
N SER E 265 19.11 14.37 -42.57
CA SER E 265 19.24 15.05 -43.89
C SER E 265 19.73 16.51 -43.76
N GLY E 266 19.77 17.07 -42.55
CA GLY E 266 19.96 18.52 -42.29
C GLY E 266 18.66 19.30 -42.25
N LYS E 267 17.54 18.71 -42.69
CA LYS E 267 16.24 19.41 -42.72
C LYS E 267 15.64 19.43 -41.32
N GLU E 268 14.97 20.51 -40.96
CA GLU E 268 14.32 20.66 -39.62
C GLU E 268 12.96 19.98 -39.67
N GLU E 269 12.65 19.19 -38.64
CA GLU E 269 11.29 18.63 -38.40
C GLU E 269 10.48 19.74 -37.75
N TYR E 270 9.23 19.93 -38.18
CA TYR E 270 8.35 21.01 -37.69
C TYR E 270 6.92 20.54 -37.82
N THR E 271 6.04 21.26 -37.13
CA THR E 271 4.59 20.98 -37.15
C THR E 271 4.03 21.53 -38.46
N VAL E 272 3.93 20.66 -39.48
CA VAL E 272 3.36 21.02 -40.82
C VAL E 272 1.94 21.57 -40.64
N TYR E 273 1.13 20.89 -39.83
CA TYR E 273 -0.27 21.28 -39.54
C TYR E 273 -0.73 20.75 -38.19
N SER E 274 -1.77 21.40 -37.68
CA SER E 274 -2.49 21.07 -36.43
C SER E 274 -3.98 21.01 -36.78
N ASN E 275 -4.70 20.02 -36.32
CA ASN E 275 -6.16 20.00 -36.54
C ASN E 275 -6.90 19.64 -35.26
N CYS E 276 -8.16 20.07 -35.24
CA CYS E 276 -9.17 19.79 -34.22
C CYS E 276 -10.46 19.37 -34.92
N TYR E 277 -10.87 18.11 -34.79
CA TYR E 277 -12.20 17.64 -35.28
C TYR E 277 -13.22 17.78 -34.16
N ASP E 278 -14.29 18.52 -34.40
CA ASP E 278 -15.44 18.48 -33.48
C ASP E 278 -16.24 17.24 -33.87
N LEU E 279 -16.17 16.20 -33.05
CA LEU E 279 -16.75 14.88 -33.38
C LEU E 279 -18.28 14.99 -33.43
N ASP E 280 -18.89 15.72 -32.49
CA ASP E 280 -20.37 15.83 -32.39
C ASP E 280 -20.92 16.60 -33.60
N ASN E 281 -20.17 17.58 -34.11
CA ASN E 281 -20.64 18.49 -35.18
C ASN E 281 -19.93 18.17 -36.51
N LYS E 282 -19.14 17.10 -36.56
CA LYS E 282 -18.47 16.59 -37.81
C LYS E 282 -17.84 17.76 -38.58
N THR E 283 -17.08 18.61 -37.90
CA THR E 283 -16.36 19.78 -38.48
C THR E 283 -14.85 19.62 -38.25
N LEU E 284 -14.05 19.74 -39.31
CA LEU E 284 -12.57 19.75 -39.27
C LEU E 284 -12.16 21.22 -39.13
N TYR E 285 -11.37 21.53 -38.09
CA TYR E 285 -10.62 22.81 -37.93
C TYR E 285 -9.13 22.54 -38.08
N TYR E 286 -8.41 23.41 -38.78
CA TYR E 286 -6.96 23.23 -38.93
C TYR E 286 -6.20 24.56 -39.07
N THR E 287 -4.91 24.47 -38.74
CA THR E 287 -3.91 25.55 -38.93
C THR E 287 -2.74 24.88 -39.63
N THR E 288 -1.85 25.69 -40.18
CA THR E 288 -0.60 25.22 -40.82
C THR E 288 0.57 26.00 -40.23
N TYR E 289 1.77 25.53 -40.46
CA TYR E 289 2.96 26.26 -39.98
C TYR E 289 2.87 27.68 -40.53
N GLU E 290 2.43 27.81 -41.78
CA GLU E 290 2.50 29.07 -42.55
C GLU E 290 1.34 29.98 -42.21
N ASN E 291 0.23 29.47 -41.69
CA ASN E 291 -0.99 30.28 -41.53
C ASN E 291 -1.61 30.02 -40.17
N ARG E 292 -1.69 31.03 -39.31
CA ARG E 292 -2.22 30.90 -37.93
C ARG E 292 -3.75 30.81 -37.91
N GLN E 293 -4.40 31.34 -38.92
CA GLN E 293 -5.86 31.47 -38.87
C GLN E 293 -6.47 30.07 -39.03
N ILE E 294 -7.37 29.70 -38.12
CA ILE E 294 -8.10 28.42 -38.17
C ILE E 294 -8.97 28.45 -39.43
N VAL E 295 -8.98 27.35 -40.17
CA VAL E 295 -9.87 27.08 -41.34
C VAL E 295 -10.82 25.96 -40.91
N ALA E 296 -12.12 26.08 -41.20
CA ALA E 296 -13.20 25.15 -40.79
C ALA E 296 -13.83 24.54 -42.04
N VAL E 297 -14.01 23.23 -42.08
CA VAL E 297 -14.80 22.58 -43.15
C VAL E 297 -15.64 21.46 -42.53
N THR E 298 -16.91 21.41 -42.95
CA THR E 298 -17.96 20.51 -42.43
C THR E 298 -18.16 19.37 -43.44
N LEU E 299 -18.44 18.18 -42.93
CA LEU E 299 -18.74 16.98 -43.74
C LEU E 299 -20.19 17.11 -44.25
N ASP E 302 -20.88 17.67 -48.83
CA ASP E 302 -20.15 16.86 -49.86
C ASP E 302 -20.19 15.36 -49.50
N LYS E 303 -21.10 14.91 -48.63
CA LYS E 303 -21.16 13.53 -48.08
C LYS E 303 -21.84 12.50 -49.00
N ASP E 304 -22.67 12.93 -49.95
CA ASP E 304 -23.34 12.08 -50.99
C ASP E 304 -22.62 12.28 -52.33
N GLY E 305 -22.54 11.24 -53.18
CA GLY E 305 -21.81 11.26 -54.45
C GLY E 305 -20.79 10.14 -54.49
N ASN E 306 -19.94 10.08 -55.51
CA ASN E 306 -19.00 8.94 -55.71
C ASN E 306 -17.58 9.42 -56.08
N ARG E 307 -17.31 10.72 -56.04
CA ARG E 307 -15.99 11.29 -56.41
C ARG E 307 -15.35 11.95 -55.16
N LEU E 308 -14.05 11.77 -54.97
CA LEU E 308 -13.33 12.47 -53.86
C LEU E 308 -13.55 13.96 -54.05
N VAL E 309 -13.79 14.73 -52.98
CA VAL E 309 -13.79 16.22 -53.00
C VAL E 309 -12.61 16.74 -52.16
N THR E 310 -11.81 17.66 -52.68
CA THR E 310 -10.60 18.15 -51.97
C THR E 310 -10.56 19.68 -51.91
N TYR E 311 -9.95 20.18 -50.83
CA TYR E 311 -9.71 21.61 -50.56
C TYR E 311 -8.23 21.75 -50.19
N PRO E 312 -7.42 22.46 -51.01
CA PRO E 312 -5.99 22.61 -50.74
C PRO E 312 -5.77 23.54 -49.54
N PHE E 313 -4.67 23.34 -48.82
CA PHE E 313 -4.25 24.18 -47.67
C PHE E 313 -3.76 25.54 -48.17
N GLU E 314 -4.26 26.62 -47.56
CA GLU E 314 -3.74 28.00 -47.63
C GLU E 314 -2.42 28.06 -46.85
N ARG E 315 -1.29 28.16 -47.55
CA ARG E 315 0.06 28.12 -46.90
C ARG E 315 0.69 29.53 -46.98
N LYS E 316 -0.13 30.53 -46.71
CA LYS E 316 0.26 31.95 -46.56
C LYS E 316 -0.39 32.51 -45.28
N GLN E 317 0.29 33.44 -44.59
CA GLN E 317 -0.18 34.04 -43.31
C GLN E 317 -1.31 35.01 -43.64
N ILE E 318 -2.51 34.73 -43.17
CA ILE E 318 -3.72 35.53 -43.51
C ILE E 318 -3.92 36.52 -42.37
N ILE E 319 -3.45 37.74 -42.56
CA ILE E 319 -3.32 38.78 -41.50
C ILE E 319 -4.49 39.74 -41.69
N ASN E 320 -5.19 40.06 -40.62
CA ASN E 320 -6.20 41.13 -40.58
C ASN E 320 -5.47 42.49 -40.53
N LYS E 321 -5.37 43.21 -41.66
CA LYS E 321 -4.75 44.56 -41.74
C LYS E 321 -5.84 45.63 -41.53
N LEU E 322 -5.81 46.35 -40.39
CA LEU E 322 -6.81 47.38 -40.00
C LEU E 322 -6.57 48.67 -40.79
N THR F 2 7.35 37.04 -21.44
CA THR F 2 8.55 36.77 -22.20
C THR F 2 8.66 37.81 -23.31
N ALA F 3 9.81 38.47 -23.41
CA ALA F 3 10.09 39.47 -24.46
C ALA F 3 11.29 38.96 -25.22
N ILE F 4 11.26 39.06 -26.55
CA ILE F 4 12.34 38.58 -27.45
C ILE F 4 12.57 39.62 -28.53
N THR F 5 13.76 39.56 -29.11
CA THR F 5 14.11 40.23 -30.39
C THR F 5 14.40 39.13 -31.40
N LEU F 6 14.37 39.49 -32.68
CA LEU F 6 14.78 38.57 -33.76
C LEU F 6 15.35 39.41 -34.89
N ASN F 7 16.45 38.95 -35.49
CA ASN F 7 17.09 39.58 -36.65
C ASN F 7 16.93 38.64 -37.85
N GLY F 8 16.33 39.14 -38.93
CA GLY F 8 16.14 38.36 -40.17
C GLY F 8 16.18 39.30 -41.35
N ASN F 9 15.12 39.26 -42.17
CA ASN F 9 14.94 40.09 -43.39
C ASN F 9 14.56 41.51 -42.96
N SER F 10 13.72 41.65 -41.94
CA SER F 10 13.64 42.90 -41.18
C SER F 10 14.17 42.60 -39.77
N ASN F 11 13.83 43.43 -38.79
CA ASN F 11 14.31 43.30 -37.39
C ASN F 11 13.13 43.52 -36.47
N TYR F 12 13.00 42.66 -35.45
CA TYR F 12 11.71 42.50 -34.71
C TYR F 12 11.96 42.55 -33.21
N PHE F 13 10.88 42.89 -32.50
CA PHE F 13 10.82 42.97 -31.02
C PHE F 13 9.38 42.72 -30.62
N GLY F 14 9.16 42.03 -29.48
CA GLY F 14 7.78 41.74 -29.04
C GLY F 14 7.75 40.87 -27.81
N ARG F 15 6.54 40.51 -27.36
CA ARG F 15 6.42 39.83 -26.06
C ARG F 15 5.09 39.11 -25.92
N ASN F 16 5.07 38.17 -24.99
CA ASN F 16 3.87 37.59 -24.36
C ASN F 16 3.57 38.40 -23.11
N LEU F 17 2.30 38.74 -22.93
CA LEU F 17 1.75 39.30 -21.69
C LEU F 17 1.06 38.15 -20.96
N ASP F 18 1.63 37.73 -19.84
CA ASP F 18 1.16 36.56 -19.05
C ASP F 18 0.53 37.14 -17.80
N LEU F 19 -0.74 36.86 -17.56
CA LEU F 19 -1.53 37.42 -16.43
C LEU F 19 -2.76 36.55 -16.23
N ASP F 20 -3.45 36.72 -15.12
CA ASP F 20 -4.61 35.85 -14.75
C ASP F 20 -5.92 36.60 -15.02
N PHE F 21 -5.89 37.71 -15.77
CA PHE F 21 -7.08 38.48 -16.21
C PHE F 21 -6.64 39.46 -17.30
N SER F 22 -7.57 39.99 -18.09
CA SER F 22 -7.34 41.03 -19.13
C SER F 22 -7.67 42.40 -18.56
N TYR F 23 -6.84 43.39 -18.85
CA TYR F 23 -7.13 44.82 -18.56
C TYR F 23 -8.01 45.44 -19.66
N GLY F 24 -8.37 44.73 -20.74
CA GLY F 24 -9.04 45.36 -21.91
C GLY F 24 -8.05 46.10 -22.78
N GLU F 25 -6.89 45.48 -22.99
CA GLU F 25 -5.71 45.99 -23.72
C GLU F 25 -6.17 46.52 -25.08
N GLU F 26 -5.49 47.52 -25.61
CA GLU F 26 -5.79 47.98 -26.99
C GLU F 26 -4.52 48.50 -27.67
N VAL F 27 -4.57 48.63 -28.99
CA VAL F 27 -3.54 49.38 -29.76
C VAL F 27 -3.68 50.88 -29.40
N ILE F 28 -2.56 51.51 -29.05
CA ILE F 28 -2.49 52.97 -28.75
C ILE F 28 -1.40 53.56 -29.64
N ILE F 29 -1.81 54.47 -30.51
CA ILE F 29 -0.89 55.35 -31.26
C ILE F 29 -0.88 56.68 -30.52
N THR F 30 0.31 57.14 -30.15
CA THR F 30 0.55 58.49 -29.59
C THR F 30 1.26 59.31 -30.65
N PRO F 31 0.57 60.33 -31.21
CA PRO F 31 1.19 61.22 -32.19
C PRO F 31 2.25 62.14 -31.54
N ALA F 32 3.09 62.71 -32.41
CA ALA F 32 4.29 63.55 -32.19
C ALA F 32 4.00 64.72 -31.25
N GLU F 33 2.77 65.24 -31.29
CA GLU F 33 2.38 66.46 -30.56
C GLU F 33 1.23 66.17 -29.63
N TYR F 34 1.01 64.91 -29.23
CA TYR F 34 0.33 64.63 -27.94
C TYR F 34 1.32 65.04 -26.84
N GLU F 35 0.89 65.93 -25.94
CA GLU F 35 1.71 66.51 -24.86
C GLU F 35 1.86 65.47 -23.75
N PHE F 36 3.06 64.96 -23.59
CA PHE F 36 3.49 64.12 -22.46
C PHE F 36 3.74 65.04 -21.25
N LYS F 37 2.85 64.93 -20.25
CA LYS F 37 3.00 65.55 -18.91
C LYS F 37 3.70 64.54 -18.00
N PHE F 38 4.63 65.02 -17.19
CA PHE F 38 5.40 64.26 -16.15
C PHE F 38 5.12 64.87 -14.78
N ARG F 39 4.96 64.03 -13.75
CA ARG F 39 4.60 64.45 -12.37
C ARG F 39 5.68 65.37 -11.82
N LYS F 40 6.96 65.18 -12.21
CA LYS F 40 8.10 65.85 -11.56
C LYS F 40 9.11 66.31 -12.60
N GLU F 41 8.74 66.40 -13.87
CA GLU F 41 9.64 66.95 -14.91
C GLU F 41 8.81 67.78 -15.88
N LYS F 42 9.49 68.56 -16.71
CA LYS F 42 8.91 69.51 -17.70
C LYS F 42 8.22 68.71 -18.82
N ALA F 43 7.04 69.15 -19.22
CA ALA F 43 6.20 68.50 -20.24
C ALA F 43 6.96 68.45 -21.57
N ILE F 44 6.66 67.44 -22.41
CA ILE F 44 7.24 67.34 -23.77
C ILE F 44 6.09 67.47 -24.77
N LYS F 45 6.02 68.63 -25.42
CA LYS F 45 4.98 69.08 -26.37
C LYS F 45 5.24 68.43 -27.74
N ASN F 46 6.51 68.22 -28.12
CA ASN F 46 6.88 67.65 -29.43
C ASN F 46 7.84 66.48 -29.21
N HIS F 47 7.55 65.32 -29.77
CA HIS F 47 8.34 64.08 -29.54
C HIS F 47 8.11 63.07 -30.65
N LYS F 48 8.84 61.96 -30.60
CA LYS F 48 8.65 60.81 -31.52
C LYS F 48 7.26 60.22 -31.28
N SER F 49 6.60 59.84 -32.37
CA SER F 49 5.32 59.10 -32.36
C SER F 49 5.56 57.68 -31.85
N LEU F 50 4.54 57.13 -31.23
CA LEU F 50 4.57 55.80 -30.57
C LEU F 50 3.43 54.96 -31.14
N ILE F 51 3.67 53.66 -31.33
CA ILE F 51 2.57 52.67 -31.44
C ILE F 51 2.86 51.57 -30.42
N GLY F 52 1.87 51.16 -29.68
CA GLY F 52 2.09 50.11 -28.67
C GLY F 52 0.80 49.50 -28.22
N VAL F 53 0.89 48.76 -27.13
CA VAL F 53 -0.26 48.08 -26.49
C VAL F 53 -0.32 48.55 -25.05
N GLY F 54 -1.53 48.77 -24.56
CA GLY F 54 -1.79 49.12 -23.17
C GLY F 54 -3.23 49.53 -22.98
N ILE F 55 -3.45 50.44 -22.04
CA ILE F 55 -4.79 51.00 -21.74
C ILE F 55 -4.64 52.52 -21.67
N VAL F 56 -5.75 53.23 -21.76
CA VAL F 56 -5.75 54.71 -21.64
C VAL F 56 -6.57 54.98 -20.39
N ALA F 57 -6.01 55.74 -19.46
CA ALA F 57 -6.71 56.21 -18.26
C ALA F 57 -6.47 57.73 -18.17
N ASN F 58 -7.54 58.50 -17.94
CA ASN F 58 -7.47 59.99 -17.80
C ASN F 58 -6.73 60.57 -19.00
N ASP F 59 -6.97 60.00 -20.19
CA ASP F 59 -6.40 60.44 -21.48
C ASP F 59 -4.86 60.31 -21.50
N TYR F 60 -4.33 59.39 -20.69
CA TYR F 60 -2.88 59.08 -20.66
C TYR F 60 -2.66 57.67 -21.21
N PRO F 61 -1.70 57.47 -22.14
CA PRO F 61 -1.42 56.12 -22.64
C PRO F 61 -0.54 55.35 -21.65
N LEU F 62 -1.11 54.38 -20.96
CA LEU F 62 -0.34 53.46 -20.08
C LEU F 62 0.12 52.26 -20.92
N TYR F 63 1.29 52.38 -21.51
CA TYR F 63 1.85 51.32 -22.38
C TYR F 63 2.39 50.15 -21.54
N PHE F 64 2.04 48.94 -21.98
CA PHE F 64 2.68 47.68 -21.55
C PHE F 64 3.99 47.53 -22.34
N ASP F 65 3.97 47.92 -23.62
CA ASP F 65 5.11 47.86 -24.55
C ASP F 65 4.77 48.76 -25.74
N ALA F 66 5.75 49.18 -26.52
CA ALA F 66 5.61 50.12 -27.64
C ALA F 66 6.91 50.21 -28.39
N ILE F 67 6.82 50.73 -29.61
CA ILE F 67 7.97 51.20 -30.41
C ILE F 67 7.73 52.67 -30.75
N ASN F 68 8.75 53.35 -31.25
CA ASN F 68 8.62 54.72 -31.80
C ASN F 68 8.92 54.70 -33.31
N GLU F 69 8.90 55.89 -33.91
CA GLU F 69 8.95 56.07 -35.38
C GLU F 69 10.34 55.74 -35.88
N ASP F 70 11.33 55.60 -34.97
CA ASP F 70 12.72 55.22 -35.34
C ASP F 70 12.97 53.72 -35.17
N GLY F 71 11.96 52.95 -34.78
CA GLY F 71 12.14 51.50 -34.56
C GLY F 71 12.89 51.19 -33.28
N LEU F 72 12.65 51.99 -32.25
CA LEU F 72 13.17 51.71 -30.89
C LEU F 72 11.99 51.19 -30.08
N GLY F 73 12.15 50.02 -29.48
CA GLY F 73 11.11 49.36 -28.69
C GLY F 73 11.47 49.30 -27.22
N MET F 74 10.43 49.25 -26.39
CA MET F 74 10.53 49.13 -24.92
C MET F 74 9.32 48.35 -24.42
N ALA F 75 9.55 47.39 -23.52
CA ALA F 75 8.53 46.56 -22.86
C ALA F 75 8.81 46.54 -21.35
N GLY F 76 7.74 46.71 -20.56
CA GLY F 76 7.72 46.47 -19.10
C GLY F 76 7.27 45.06 -18.82
N LEU F 77 8.06 44.28 -18.08
CA LEU F 77 7.75 42.90 -17.65
C LEU F 77 7.76 42.83 -16.12
N ASN F 78 6.87 42.02 -15.55
CA ASN F 78 6.73 41.82 -14.09
C ASN F 78 8.10 41.43 -13.49
N PHE F 79 8.40 42.04 -12.36
CA PHE F 79 9.66 41.91 -11.63
C PHE F 79 9.39 42.05 -10.14
N PRO F 80 8.54 41.18 -9.56
CA PRO F 80 8.00 41.38 -8.22
C PRO F 80 9.07 41.27 -7.12
N GLY F 81 9.12 42.26 -6.21
CA GLY F 81 9.99 42.22 -5.02
C GLY F 81 11.38 42.73 -5.36
N ASN F 82 11.84 42.56 -6.59
CA ASN F 82 13.19 43.03 -6.96
C ASN F 82 13.12 44.51 -7.35
N ALA F 83 12.09 44.96 -8.06
CA ALA F 83 11.99 46.37 -8.47
C ALA F 83 11.94 47.24 -7.21
N TYR F 84 12.76 48.30 -7.17
CA TYR F 84 12.76 49.29 -6.07
C TYR F 84 12.65 50.70 -6.68
N TYR F 85 11.56 51.40 -6.39
CA TYR F 85 11.32 52.79 -6.84
C TYR F 85 11.70 53.74 -5.69
N SER F 86 12.33 54.86 -5.99
CA SER F 86 12.94 55.72 -4.94
C SER F 86 11.87 56.52 -4.20
N ASP F 87 11.99 56.61 -2.89
CA ASP F 87 11.23 57.62 -2.08
C ASP F 87 11.99 58.96 -1.98
N ALA F 88 13.00 59.19 -2.82
CA ALA F 88 13.82 60.42 -2.81
C ALA F 88 13.83 61.03 -4.21
N LEU F 89 13.82 62.35 -4.29
CA LEU F 89 14.09 63.08 -5.55
C LEU F 89 15.59 63.34 -5.57
N GLU F 90 16.21 63.29 -6.75
CA GLU F 90 17.66 63.56 -6.91
C GLU F 90 17.80 64.79 -7.81
N ASN F 91 18.57 65.78 -7.38
CA ASN F 91 18.67 67.08 -8.09
C ASN F 91 19.48 66.88 -9.39
N ASP F 92 20.36 65.89 -9.43
CA ASP F 92 21.27 65.63 -10.60
C ASP F 92 20.72 64.50 -11.49
N LYS F 93 19.43 64.16 -11.38
CA LYS F 93 18.82 63.07 -12.18
C LYS F 93 17.46 63.54 -12.67
N ASP F 94 16.95 62.89 -13.71
CA ASP F 94 15.55 63.04 -14.19
C ASP F 94 14.67 62.14 -13.32
N ASN F 95 13.68 62.73 -12.64
CA ASN F 95 12.82 62.03 -11.66
C ASN F 95 11.54 61.64 -12.39
N ILE F 96 11.49 60.37 -12.80
CA ILE F 96 10.50 59.79 -13.74
C ILE F 96 9.79 58.64 -13.04
N THR F 97 8.45 58.59 -13.15
CA THR F 97 7.61 57.51 -12.56
C THR F 97 7.75 56.28 -13.44
N PRO F 98 7.51 55.05 -12.92
CA PRO F 98 7.56 53.85 -13.76
C PRO F 98 6.64 53.92 -14.99
N PHE F 99 5.43 54.47 -14.83
CA PHE F 99 4.41 54.57 -15.92
C PHE F 99 4.77 55.66 -16.95
N GLU F 100 5.68 56.60 -16.63
CA GLU F 100 6.20 57.62 -17.58
C GLU F 100 7.43 57.10 -18.30
N PHE F 101 7.97 55.95 -17.89
CA PHE F 101 9.31 55.51 -18.32
C PHE F 101 9.31 55.31 -19.83
N ILE F 102 8.29 54.64 -20.37
CA ILE F 102 8.25 54.30 -21.82
C ILE F 102 8.13 55.60 -22.61
N PRO F 103 7.19 56.53 -22.29
CA PRO F 103 7.16 57.81 -22.97
C PRO F 103 8.48 58.61 -22.90
N TRP F 104 9.15 58.58 -21.74
CA TRP F 104 10.40 59.31 -21.48
C TRP F 104 11.49 58.82 -22.43
N ILE F 105 11.58 57.50 -22.61
CA ILE F 105 12.66 56.93 -23.46
C ILE F 105 12.23 57.00 -24.92
N LEU F 106 11.06 56.47 -25.26
CA LEU F 106 10.65 56.29 -26.68
C LEU F 106 10.36 57.66 -27.30
N GLY F 107 9.86 58.61 -26.52
CA GLY F 107 9.61 60.00 -26.94
C GLY F 107 10.86 60.69 -27.45
N GLN F 108 12.03 60.42 -26.85
CA GLN F 108 13.24 61.27 -26.97
C GLN F 108 14.38 60.54 -27.64
N CYS F 109 14.38 59.21 -27.67
CA CYS F 109 15.57 58.43 -28.06
C CYS F 109 15.29 57.77 -29.41
N SER F 110 16.32 57.68 -30.25
CA SER F 110 16.17 57.07 -31.58
C SER F 110 16.85 55.71 -31.60
N ASP F 111 17.58 55.32 -30.56
CA ASP F 111 18.26 54.01 -30.55
C ASP F 111 18.66 53.61 -29.13
N VAL F 112 19.17 52.40 -28.97
CA VAL F 112 19.50 51.87 -27.60
C VAL F 112 20.65 52.67 -26.96
N ASN F 113 21.71 53.01 -27.71
CA ASN F 113 22.83 53.87 -27.18
C ASN F 113 22.24 55.12 -26.50
N GLU F 114 21.30 55.79 -27.15
CA GLU F 114 20.67 57.01 -26.60
C GLU F 114 19.89 56.62 -25.36
N ALA F 115 19.21 55.46 -25.36
CA ALA F 115 18.34 55.03 -24.24
C ALA F 115 19.23 54.85 -23.01
N ARG F 116 20.36 54.20 -23.21
CA ARG F 116 21.35 53.90 -22.17
C ARG F 116 21.82 55.24 -21.56
N ASN F 117 22.11 56.26 -22.38
CA ASN F 117 22.60 57.57 -21.90
C ASN F 117 21.55 58.18 -20.97
N LEU F 118 20.29 58.17 -21.37
CA LEU F 118 19.18 58.72 -20.57
C LEU F 118 18.91 57.90 -19.29
N VAL F 119 18.90 56.56 -19.39
CA VAL F 119 18.71 55.68 -18.20
C VAL F 119 19.87 55.90 -17.22
N GLU F 120 21.10 56.11 -17.69
CA GLU F 120 22.24 56.35 -16.78
C GLU F 120 22.01 57.60 -15.92
N LYS F 121 21.06 58.47 -16.27
CA LYS F 121 20.76 59.64 -15.39
C LYS F 121 19.29 59.67 -14.99
N ILE F 122 18.64 58.50 -14.90
CA ILE F 122 17.22 58.48 -14.44
C ILE F 122 17.19 58.16 -12.95
N ASN F 123 16.11 58.59 -12.30
CA ASN F 123 15.70 58.21 -10.93
C ASN F 123 14.23 57.80 -11.02
N LEU F 124 13.95 56.49 -10.99
CA LEU F 124 12.56 55.98 -11.08
C LEU F 124 11.90 56.20 -9.74
N ILE F 125 10.89 57.07 -9.66
CA ILE F 125 10.34 57.50 -8.34
C ILE F 125 9.10 56.71 -7.98
N ASN F 126 8.91 56.53 -6.68
CA ASN F 126 7.82 55.75 -6.06
C ASN F 126 6.53 56.58 -6.04
N LEU F 127 5.93 56.78 -7.21
CA LEU F 127 4.71 57.62 -7.38
C LEU F 127 3.79 56.89 -8.35
N SER F 128 2.63 56.50 -7.86
CA SER F 128 1.58 55.71 -8.57
C SER F 128 0.77 56.59 -9.52
N PHE F 129 0.33 56.03 -10.64
CA PHE F 129 -0.61 56.73 -11.56
C PHE F 129 -1.88 57.17 -10.78
N SER F 130 -2.53 56.26 -10.07
CA SER F 130 -3.80 56.52 -9.35
C SER F 130 -3.99 55.50 -8.24
N GLU F 131 -4.99 55.70 -7.39
CA GLU F 131 -5.39 54.73 -6.32
C GLU F 131 -5.83 53.42 -6.97
N GLN F 132 -6.47 53.45 -8.14
CA GLN F 132 -7.03 52.22 -8.75
C GLN F 132 -5.96 51.51 -9.60
N LEU F 133 -4.87 52.19 -9.97
CA LEU F 133 -3.75 51.58 -10.74
C LEU F 133 -2.44 51.80 -9.99
N PRO F 134 -2.21 51.03 -8.91
CA PRO F 134 -0.99 51.15 -8.10
C PRO F 134 0.23 50.59 -8.85
N LEU F 135 1.42 51.03 -8.42
CA LEU F 135 2.71 50.55 -8.98
C LEU F 135 2.84 49.07 -8.66
N ALA F 136 3.25 48.30 -9.66
CA ALA F 136 3.81 46.94 -9.49
C ALA F 136 5.24 46.97 -10.03
N GLY F 137 6.09 46.16 -9.43
CA GLY F 137 7.50 46.01 -9.83
C GLY F 137 7.65 45.57 -11.27
N LEU F 138 8.46 46.31 -12.04
CA LEU F 138 8.78 45.99 -13.45
C LEU F 138 10.30 46.00 -13.63
N HIS F 139 10.77 45.27 -14.65
CA HIS F 139 12.05 45.55 -15.37
C HIS F 139 11.74 45.69 -16.86
N TRP F 140 12.72 46.13 -17.66
CA TRP F 140 12.46 46.58 -19.04
C TRP F 140 13.45 45.96 -20.03
N LEU F 141 12.94 45.55 -21.19
CA LEU F 141 13.79 45.29 -22.37
C LEU F 141 13.63 46.51 -23.28
N ILE F 142 14.75 47.14 -23.65
CA ILE F 142 14.85 48.22 -24.68
C ILE F 142 15.67 47.66 -25.86
N ALA F 143 15.13 47.74 -27.07
CA ALA F 143 15.67 47.05 -28.26
C ALA F 143 15.54 47.94 -29.49
N ASP F 144 16.54 47.83 -30.36
CA ASP F 144 16.53 48.48 -31.69
C ASP F 144 16.87 47.34 -32.68
N ARG F 145 17.10 47.67 -33.95
CA ARG F 145 17.39 46.66 -35.00
C ARG F 145 18.76 46.02 -34.79
N GLU F 146 19.64 46.60 -33.98
CA GLU F 146 21.05 46.10 -33.85
C GLU F 146 21.25 45.37 -32.53
N LYS F 147 20.61 45.82 -31.45
CA LYS F 147 20.92 45.30 -30.11
C LYS F 147 19.82 45.66 -29.09
N SER F 148 20.01 45.23 -27.86
CA SER F 148 19.03 45.39 -26.78
C SER F 148 19.75 45.47 -25.43
N ILE F 149 19.16 46.19 -24.48
CA ILE F 149 19.64 46.28 -23.08
C ILE F 149 18.50 45.88 -22.14
N VAL F 150 18.84 45.46 -20.93
CA VAL F 150 17.86 45.24 -19.83
C VAL F 150 18.07 46.33 -18.77
N VAL F 151 16.99 46.93 -18.29
CA VAL F 151 17.07 47.89 -17.17
C VAL F 151 16.38 47.27 -15.95
N GLU F 152 17.15 47.09 -14.90
CA GLU F 152 16.62 46.60 -13.61
C GLU F 152 16.98 47.66 -12.57
N VAL F 153 15.98 48.29 -11.99
CA VAL F 153 16.18 49.24 -10.89
C VAL F 153 15.79 48.53 -9.60
N THR F 154 16.80 48.27 -8.78
CA THR F 154 16.74 47.44 -7.55
C THR F 154 17.24 48.26 -6.38
N LYS F 155 17.18 47.67 -5.19
CA LYS F 155 17.66 48.28 -3.93
C LYS F 155 19.07 48.82 -4.14
N SER F 156 19.89 48.19 -4.98
CA SER F 156 21.30 48.57 -5.14
C SER F 156 21.48 49.57 -6.30
N GLY F 157 20.39 50.09 -6.88
CA GLY F 157 20.45 51.17 -7.89
C GLY F 157 19.92 50.76 -9.27
N VAL F 158 20.27 51.56 -10.29
CA VAL F 158 19.80 51.43 -11.70
C VAL F 158 20.82 50.57 -12.45
N HIS F 159 20.51 49.31 -12.74
CA HIS F 159 21.42 48.40 -13.47
C HIS F 159 20.98 48.34 -14.94
N ILE F 160 21.97 48.43 -15.85
CA ILE F 160 21.77 48.36 -17.32
C ILE F 160 22.66 47.24 -17.84
N TYR F 161 22.07 46.26 -18.51
CA TYR F 161 22.86 45.11 -19.03
C TYR F 161 22.75 45.06 -20.56
N ASP F 162 23.88 44.89 -21.23
CA ASP F 162 23.87 44.44 -22.64
C ASP F 162 23.16 43.08 -22.64
N ASN F 163 22.25 42.86 -23.57
CA ASN F 163 21.52 41.59 -23.68
C ASN F 163 22.04 40.89 -24.95
N PRO F 164 22.98 39.95 -24.79
CA PRO F 164 23.65 39.34 -25.94
C PRO F 164 22.68 38.41 -26.68
N ILE F 165 21.53 38.06 -26.09
CA ILE F 165 20.63 37.05 -26.71
C ILE F 165 19.28 37.64 -27.07
N GLY F 166 18.92 38.85 -26.62
CA GLY F 166 17.58 39.43 -26.85
C GLY F 166 16.43 38.62 -26.22
N ILE F 167 16.58 38.24 -24.96
CA ILE F 167 15.52 37.51 -24.20
C ILE F 167 15.33 38.16 -22.85
N LEU F 168 14.08 38.29 -22.41
CA LEU F 168 13.80 38.66 -21.01
C LEU F 168 12.51 37.96 -20.54
N THR F 169 12.46 37.57 -19.27
CA THR F 169 11.23 37.08 -18.63
C THR F 169 11.03 37.89 -17.37
N ASN F 170 10.88 37.22 -16.22
CA ASN F 170 10.59 37.85 -14.92
C ASN F 170 11.81 37.65 -14.02
N ASN F 171 11.60 37.32 -12.74
CA ASN F 171 12.67 37.02 -11.76
C ASN F 171 13.32 35.69 -12.16
N PRO F 172 14.59 35.43 -11.79
CA PRO F 172 15.43 36.41 -11.07
C PRO F 172 16.08 37.52 -11.92
N GLU F 173 16.99 38.27 -11.29
CA GLU F 173 17.73 39.38 -11.95
C GLU F 173 18.55 38.83 -13.11
N PHE F 174 18.99 39.71 -14.00
CA PHE F 174 19.44 39.31 -15.36
C PHE F 174 20.72 38.47 -15.28
N ASN F 175 21.68 38.84 -14.42
CA ASN F 175 22.94 38.08 -14.30
C ASN F 175 22.61 36.64 -13.89
N TYR F 176 21.61 36.43 -13.04
CA TYR F 176 21.19 35.09 -12.58
C TYR F 176 20.61 34.32 -13.77
N GLN F 177 19.81 34.99 -14.61
CA GLN F 177 19.13 34.31 -15.76
C GLN F 177 20.20 33.91 -16.77
N MET F 178 21.17 34.81 -17.02
CA MET F 178 22.26 34.51 -18.00
C MET F 178 23.14 33.40 -17.43
N TYR F 179 23.44 33.45 -16.13
CA TYR F 179 24.29 32.42 -15.50
C TYR F 179 23.60 31.07 -15.65
N ASN F 180 22.28 31.04 -15.51
CA ASN F 180 21.49 29.79 -15.47
C ASN F 180 21.55 29.08 -16.81
N LEU F 181 21.81 29.79 -17.93
CA LEU F 181 21.99 29.14 -19.25
C LEU F 181 23.18 28.20 -19.28
N ASN F 182 24.23 28.45 -18.46
CA ASN F 182 25.53 27.76 -18.61
C ASN F 182 25.39 26.26 -18.42
N LYS F 183 24.49 25.80 -17.57
CA LYS F 183 24.34 24.33 -17.31
C LYS F 183 23.63 23.64 -18.48
N TYR F 184 23.13 24.36 -19.49
CA TYR F 184 22.41 23.77 -20.66
C TYR F 184 23.31 23.68 -21.91
N ARG F 185 24.62 23.90 -21.77
CA ARG F 185 25.54 24.01 -22.94
C ARG F 185 25.47 22.70 -23.73
N ASN F 186 25.05 21.60 -23.12
CA ASN F 186 25.16 20.25 -23.71
C ASN F 186 23.95 19.98 -24.61
N LEU F 187 22.88 20.77 -24.52
CA LEU F 187 21.66 20.58 -25.37
C LEU F 187 22.04 20.72 -26.85
N SER F 188 21.26 20.05 -27.70
CA SER F 188 21.56 20.02 -29.14
C SER F 188 20.28 20.00 -29.96
N ILE F 189 20.35 20.50 -31.20
CA ILE F 189 19.23 20.43 -32.19
C ILE F 189 19.27 19.10 -32.96
N SER F 190 20.35 18.33 -32.89
CA SER F 190 20.58 17.06 -33.62
C SER F 190 20.74 15.89 -32.64
N THR F 191 20.51 14.66 -33.10
CA THR F 191 20.76 13.47 -32.27
C THR F 191 22.20 13.45 -31.78
N PRO F 192 22.46 13.37 -30.45
CA PRO F 192 23.82 13.39 -29.97
C PRO F 192 24.48 12.02 -30.18
N GLN F 193 25.81 12.02 -30.12
CA GLN F 193 26.63 10.79 -30.07
C GLN F 193 26.42 10.18 -28.68
N ASN F 194 26.59 8.87 -28.56
CA ASN F 194 26.60 8.20 -27.24
C ASN F 194 27.92 8.54 -26.54
N THR F 195 27.95 9.55 -25.69
CA THR F 195 29.12 9.90 -24.87
C THR F 195 28.97 9.27 -23.46
N PHE F 196 27.79 8.70 -23.16
CA PHE F 196 27.43 8.12 -21.85
C PHE F 196 28.39 6.97 -21.55
N SER F 197 28.49 6.06 -22.50
CA SER F 197 29.50 4.99 -22.51
C SER F 197 29.49 4.21 -23.83
N ASP F 198 30.67 4.01 -24.40
CA ASP F 198 31.00 3.03 -25.48
C ASP F 198 30.54 1.62 -25.14
N SER F 199 30.46 1.24 -23.86
CA SER F 199 30.30 -0.16 -23.46
C SER F 199 28.81 -0.55 -23.44
N VAL F 200 27.91 0.38 -23.73
CA VAL F 200 26.46 0.03 -23.85
C VAL F 200 25.91 0.59 -25.15
N ASP F 201 25.16 -0.22 -25.86
CA ASP F 201 24.59 0.15 -27.18
C ASP F 201 23.25 0.85 -26.92
N LEU F 202 23.29 2.16 -26.71
CA LEU F 202 22.08 3.01 -26.50
C LEU F 202 21.40 3.23 -27.85
N LYS F 203 20.09 3.10 -27.89
CA LYS F 203 19.29 3.15 -29.15
C LYS F 203 18.55 4.49 -29.17
N VAL F 204 18.37 5.05 -30.37
CA VAL F 204 17.56 6.27 -30.66
C VAL F 204 16.35 5.82 -31.49
N ASP F 205 15.15 5.93 -30.96
CA ASP F 205 13.90 5.44 -31.62
C ASP F 205 13.03 6.62 -32.05
N GLY F 206 13.56 7.84 -32.01
CA GLY F 206 12.88 9.05 -32.51
C GLY F 206 13.83 10.21 -32.68
N THR F 207 13.31 11.34 -33.19
CA THR F 207 14.03 12.60 -33.38
C THR F 207 13.81 13.44 -32.13
N GLY F 208 14.65 14.44 -31.92
CA GLY F 208 14.54 15.43 -30.84
C GLY F 208 15.33 15.05 -29.59
N PHE F 209 16.14 14.00 -29.62
CA PHE F 209 16.89 13.52 -28.42
C PHE F 209 17.92 14.56 -27.98
N GLY F 210 18.40 15.41 -28.90
CA GLY F 210 19.42 16.42 -28.52
C GLY F 210 18.87 17.43 -27.51
N GLY F 211 17.56 17.66 -27.50
CA GLY F 211 16.96 18.67 -26.59
C GLY F 211 16.69 18.11 -25.19
N ILE F 212 16.92 16.81 -24.94
CA ILE F 212 16.56 16.24 -23.60
C ILE F 212 17.37 16.98 -22.49
N GLY F 213 16.67 17.48 -21.50
CA GLY F 213 17.22 18.40 -20.50
C GLY F 213 16.56 19.77 -20.55
N LEU F 214 16.06 20.21 -21.71
CA LEU F 214 15.36 21.51 -21.83
C LEU F 214 14.14 21.49 -20.91
N PRO F 215 13.97 22.51 -20.01
CA PRO F 215 12.81 22.56 -19.13
C PRO F 215 11.55 22.98 -19.92
N GLY F 216 10.39 22.41 -19.53
CA GLY F 216 9.11 22.52 -20.27
C GLY F 216 8.07 23.33 -19.50
N ASP F 217 8.33 23.68 -18.24
CA ASP F 217 7.34 24.35 -17.36
C ASP F 217 7.29 25.85 -17.66
N VAL F 218 6.44 26.59 -16.95
CA VAL F 218 6.22 28.02 -17.26
C VAL F 218 6.77 28.89 -16.13
N SER F 219 7.63 28.36 -15.25
CA SER F 219 8.42 29.25 -14.35
C SER F 219 9.19 30.25 -15.21
N PRO F 220 9.48 31.46 -14.67
CA PRO F 220 10.24 32.46 -15.43
C PRO F 220 11.60 31.95 -15.91
N GLU F 221 12.32 31.19 -15.08
CA GLU F 221 13.67 30.71 -15.48
C GLU F 221 13.52 29.67 -16.58
N SER F 222 12.54 28.78 -16.47
CA SER F 222 12.32 27.73 -17.51
C SER F 222 11.98 28.39 -18.86
N ARG F 223 11.13 29.42 -18.85
CA ARG F 223 10.72 30.18 -20.05
C ARG F 223 11.94 30.89 -20.64
N PHE F 224 12.85 31.38 -19.80
CA PHE F 224 14.04 32.13 -20.27
C PHE F 224 14.91 31.14 -21.06
N VAL F 225 15.17 29.96 -20.49
CA VAL F 225 16.01 28.91 -21.11
C VAL F 225 15.36 28.47 -22.41
N ARG F 226 14.07 28.15 -22.36
CA ARG F 226 13.31 27.59 -23.49
C ARG F 226 13.24 28.62 -24.63
N ALA F 227 12.92 29.88 -24.31
CA ALA F 227 12.82 30.96 -25.32
C ALA F 227 14.18 31.14 -26.00
N THR F 228 15.26 31.14 -25.20
CA THR F 228 16.66 31.35 -25.67
C THR F 228 16.99 30.23 -26.67
N PHE F 229 16.76 28.97 -26.29
CA PHE F 229 17.08 27.79 -27.12
C PHE F 229 16.31 27.87 -28.44
N SER F 230 15.00 28.17 -28.34
CA SER F 230 14.04 28.26 -29.46
C SER F 230 14.42 29.42 -30.40
N LYS F 231 14.76 30.59 -29.84
CA LYS F 231 15.09 31.79 -30.65
C LYS F 231 16.47 31.64 -31.31
N LEU F 232 17.50 31.23 -30.57
CA LEU F 232 18.88 31.19 -31.14
C LEU F 232 18.94 30.09 -32.19
N ASN F 233 18.11 29.05 -32.11
CA ASN F 233 18.19 27.96 -33.11
C ASN F 233 17.14 28.09 -34.20
N SER F 234 16.29 29.13 -34.20
CA SER F 234 15.14 29.13 -35.14
C SER F 234 15.67 29.36 -36.56
N SER F 235 15.08 28.70 -37.54
CA SER F 235 15.54 28.70 -38.95
C SER F 235 15.29 30.12 -39.51
N LYS F 236 16.16 30.56 -40.39
CA LYS F 236 16.02 31.83 -41.15
C LYS F 236 14.88 31.67 -42.14
N GLY F 237 14.00 32.67 -42.24
CA GLY F 237 13.04 32.78 -43.36
C GLY F 237 13.64 33.54 -44.53
N MET F 238 13.07 33.40 -45.73
CA MET F 238 13.52 34.14 -46.94
C MET F 238 12.67 35.41 -47.11
N THR F 239 11.62 35.64 -46.31
CA THR F 239 10.79 36.85 -46.41
C THR F 239 10.46 37.42 -45.02
N VAL F 240 9.99 38.67 -45.02
CA VAL F 240 9.47 39.33 -43.79
C VAL F 240 8.28 38.51 -43.27
N GLU F 241 7.34 38.09 -44.12
CA GLU F 241 6.16 37.27 -43.70
C GLU F 241 6.65 36.02 -42.96
N GLU F 242 7.66 35.33 -43.48
CA GLU F 242 8.17 34.08 -42.87
C GLU F 242 8.82 34.40 -41.51
N ASP F 243 9.48 35.56 -41.38
CA ASP F 243 10.05 36.05 -40.10
C ASP F 243 8.93 36.27 -39.08
N ILE F 244 7.85 36.94 -39.46
CA ILE F 244 6.75 37.24 -38.51
C ILE F 244 6.15 35.91 -38.06
N THR F 245 5.95 34.96 -38.97
CA THR F 245 5.37 33.63 -38.68
C THR F 245 6.26 32.90 -37.66
N GLN F 246 7.56 32.84 -37.94
CA GLN F 246 8.58 32.24 -37.04
C GLN F 246 8.49 32.91 -35.65
N PHE F 247 8.40 34.23 -35.59
CA PHE F 247 8.40 35.01 -34.34
C PHE F 247 7.25 34.55 -33.44
N PHE F 248 6.04 34.41 -34.01
CA PHE F 248 4.85 33.92 -33.26
C PHE F 248 5.06 32.46 -32.84
N HIS F 249 5.75 31.63 -33.64
CA HIS F 249 6.09 30.24 -33.24
C HIS F 249 7.05 30.27 -32.05
N ILE F 250 8.05 31.16 -32.04
CA ILE F 250 9.01 31.24 -30.91
C ILE F 250 8.25 31.64 -29.65
N LEU F 251 7.44 32.70 -29.66
CA LEU F 251 6.68 33.09 -28.44
C LEU F 251 5.75 31.94 -28.01
N GLY F 252 5.24 31.15 -28.98
CA GLY F 252 4.33 30.01 -28.70
C GLY F 252 5.02 28.96 -27.83
N THR F 253 6.36 28.80 -27.96
CA THR F 253 7.15 27.79 -27.20
C THR F 253 7.06 28.11 -25.69
N VAL F 254 6.81 29.37 -25.31
CA VAL F 254 6.83 29.73 -23.86
C VAL F 254 5.47 30.33 -23.48
N GLU F 255 4.44 30.09 -24.31
CA GLU F 255 3.05 30.52 -24.04
C GLU F 255 2.55 29.79 -22.78
N GLN F 256 1.63 30.42 -22.05
CA GLN F 256 0.99 29.84 -20.86
C GLN F 256 -0.46 29.58 -21.24
N ILE F 257 -0.85 28.32 -21.27
CA ILE F 257 -2.28 27.96 -21.50
C ILE F 257 -3.01 28.01 -20.17
N LYS F 258 -4.30 28.32 -20.22
CA LYS F 258 -5.20 28.34 -19.04
C LYS F 258 -5.25 26.95 -18.43
N GLY F 259 -4.82 26.82 -17.18
CA GLY F 259 -4.97 25.58 -16.41
C GLY F 259 -3.66 25.05 -15.86
N VAL F 260 -2.50 25.37 -16.47
CA VAL F 260 -1.21 24.75 -16.05
C VAL F 260 -0.49 25.60 -14.98
N ASN F 261 -0.91 26.85 -14.74
CA ASN F 261 -0.24 27.79 -13.80
C ASN F 261 -1.32 28.56 -13.01
N LYS F 262 -1.54 28.16 -11.76
CA LYS F 262 -2.53 28.79 -10.84
C LYS F 262 -1.78 29.75 -9.90
N THR F 263 -2.12 31.05 -9.94
CA THR F 263 -1.50 32.13 -9.11
C THR F 263 -1.84 31.90 -7.64
N GLU F 264 -1.28 32.68 -6.71
CA GLU F 264 -1.63 32.52 -5.25
C GLU F 264 -3.12 32.82 -5.05
N SER F 265 -3.77 33.58 -5.95
CA SER F 265 -5.22 33.95 -5.94
C SER F 265 -6.13 32.78 -6.33
N GLY F 266 -5.55 31.68 -6.81
CA GLY F 266 -6.29 30.53 -7.39
C GLY F 266 -6.82 30.83 -8.79
N LYS F 267 -6.42 31.93 -9.43
CA LYS F 267 -6.82 32.20 -10.84
C LYS F 267 -5.75 31.66 -11.80
N GLU F 268 -6.11 31.39 -13.04
CA GLU F 268 -5.23 30.78 -14.07
C GLU F 268 -4.39 31.88 -14.74
N GLU F 269 -3.08 31.77 -14.71
CA GLU F 269 -2.18 32.68 -15.48
C GLU F 269 -2.15 32.18 -16.92
N TYR F 270 -2.32 33.09 -17.89
CA TYR F 270 -2.33 32.74 -19.32
C TYR F 270 -1.72 33.87 -20.14
N THR F 271 -1.26 33.52 -21.34
CA THR F 271 -0.74 34.50 -22.32
C THR F 271 -1.93 35.25 -22.90
N VAL F 272 -2.22 36.40 -22.29
CA VAL F 272 -3.33 37.31 -22.69
C VAL F 272 -3.12 37.73 -24.16
N TYR F 273 -1.92 38.16 -24.53
CA TYR F 273 -1.59 38.54 -25.94
C TYR F 273 -0.11 38.26 -26.22
N SER F 274 0.17 38.10 -27.50
CA SER F 274 1.53 37.97 -28.06
C SER F 274 1.68 39.06 -29.15
N ASN F 275 2.83 39.74 -29.20
CA ASN F 275 3.00 40.69 -30.31
C ASN F 275 4.41 40.59 -30.89
N CYS F 276 4.53 41.14 -32.10
CA CYS F 276 5.74 41.19 -32.94
C CYS F 276 5.74 42.54 -33.62
N TYR F 277 6.68 43.39 -33.26
CA TYR F 277 6.84 44.67 -33.95
C TYR F 277 7.93 44.48 -35.00
N ASP F 278 7.61 44.80 -36.25
CA ASP F 278 8.60 44.99 -37.32
C ASP F 278 9.20 46.37 -37.09
N LEU F 279 10.41 46.44 -36.55
CA LEU F 279 11.02 47.74 -36.16
C LEU F 279 11.34 48.57 -37.42
N ASP F 280 11.77 47.96 -38.54
CA ASP F 280 12.23 48.66 -39.78
C ASP F 280 11.01 49.23 -40.50
N ASN F 281 9.87 48.53 -40.46
CA ASN F 281 8.61 48.95 -41.14
C ASN F 281 7.64 49.59 -40.13
N LYS F 282 8.01 49.67 -38.85
CA LYS F 282 7.19 50.33 -37.78
C LYS F 282 5.77 49.78 -37.82
N THR F 283 5.62 48.45 -37.84
CA THR F 283 4.30 47.78 -37.86
C THR F 283 4.17 46.86 -36.64
N LEU F 284 3.04 47.00 -35.94
CA LEU F 284 2.63 46.14 -34.82
C LEU F 284 1.80 44.97 -35.39
N TYR F 285 2.18 43.75 -35.04
CA TYR F 285 1.42 42.50 -35.27
C TYR F 285 1.06 41.90 -33.89
N TYR F 286 -0.16 41.42 -33.70
CA TYR F 286 -0.57 40.81 -32.42
C TYR F 286 -1.64 39.74 -32.60
N THR F 287 -1.64 38.82 -31.63
CA THR F 287 -2.66 37.77 -31.42
C THR F 287 -3.13 37.90 -29.97
N THR F 288 -4.31 37.34 -29.66
CA THR F 288 -4.82 37.23 -28.26
C THR F 288 -5.06 35.76 -27.92
N TYR F 289 -5.16 35.45 -26.64
CA TYR F 289 -5.51 34.07 -26.25
C TYR F 289 -6.73 33.59 -27.05
N GLU F 290 -7.68 34.48 -27.34
CA GLU F 290 -9.01 34.10 -27.86
C GLU F 290 -9.02 34.10 -29.39
N ASN F 291 -8.07 34.79 -30.03
CA ASN F 291 -8.01 34.90 -31.51
C ASN F 291 -6.61 34.57 -32.04
N ARG F 292 -6.49 33.47 -32.80
CA ARG F 292 -5.23 33.02 -33.41
C ARG F 292 -4.86 33.93 -34.59
N GLN F 293 -5.82 34.57 -35.24
CA GLN F 293 -5.51 35.37 -36.45
C GLN F 293 -4.64 36.59 -36.10
N ILE F 294 -3.48 36.73 -36.74
CA ILE F 294 -2.61 37.91 -36.56
C ILE F 294 -3.35 39.17 -37.04
N VAL F 295 -3.28 40.24 -36.24
CA VAL F 295 -3.77 41.61 -36.57
C VAL F 295 -2.55 42.53 -36.75
N ALA F 296 -2.54 43.30 -37.85
CA ALA F 296 -1.50 44.29 -38.22
C ALA F 296 -2.02 45.72 -38.11
N VAL F 297 -1.20 46.62 -37.54
CA VAL F 297 -1.44 48.08 -37.56
C VAL F 297 -0.08 48.79 -37.65
N THR F 298 0.00 49.72 -38.61
CA THR F 298 1.23 50.47 -38.97
C THR F 298 1.19 51.83 -38.27
N LEU F 299 2.36 52.31 -37.85
CA LEU F 299 2.55 53.71 -37.41
C LEU F 299 2.82 54.56 -38.66
N ASN F 300 1.93 55.48 -39.03
CA ASN F 300 2.02 56.22 -40.32
C ASN F 300 2.72 57.57 -40.14
N GLY F 305 -1.18 65.61 -35.27
CA GLY F 305 -2.15 65.07 -34.29
C GLY F 305 -1.78 65.44 -32.85
N ASN F 306 -2.81 65.73 -32.04
CA ASN F 306 -2.73 66.04 -30.59
C ASN F 306 -3.38 64.90 -29.77
N ARG F 307 -3.95 63.90 -30.43
CA ARG F 307 -4.94 62.96 -29.84
C ARG F 307 -4.49 61.49 -29.96
N LEU F 308 -4.70 60.72 -28.91
CA LEU F 308 -4.50 59.25 -28.89
C LEU F 308 -5.46 58.61 -29.89
N VAL F 309 -4.96 57.74 -30.75
CA VAL F 309 -5.78 56.89 -31.65
C VAL F 309 -5.67 55.45 -31.13
N THR F 310 -6.79 54.80 -30.79
CA THR F 310 -6.81 53.49 -30.11
C THR F 310 -7.81 52.55 -30.76
N TYR F 311 -7.39 51.29 -30.92
CA TYR F 311 -8.17 50.18 -31.52
C TYR F 311 -8.30 49.07 -30.47
N PRO F 312 -9.49 48.76 -29.91
CA PRO F 312 -9.62 47.61 -29.02
C PRO F 312 -9.18 46.29 -29.71
N PHE F 313 -8.71 45.35 -28.89
CA PHE F 313 -8.37 43.97 -29.27
C PHE F 313 -9.68 43.20 -29.44
N GLU F 314 -9.86 42.45 -30.53
CA GLU F 314 -10.96 41.47 -30.68
C GLU F 314 -10.57 40.19 -29.92
N ARG F 315 -11.43 39.74 -29.00
CA ARG F 315 -11.23 38.52 -28.20
C ARG F 315 -12.25 37.46 -28.63
N LYS F 316 -12.44 37.30 -29.95
CA LYS F 316 -13.26 36.23 -30.59
C LYS F 316 -12.39 35.47 -31.58
N GLN F 317 -12.60 34.17 -31.70
CA GLN F 317 -11.77 33.37 -32.62
C GLN F 317 -12.24 33.62 -34.06
N ILE F 318 -11.43 34.29 -34.91
CA ILE F 318 -11.86 34.63 -36.30
C ILE F 318 -11.41 33.50 -37.22
N ILE F 319 -12.36 32.61 -37.51
CA ILE F 319 -12.18 31.35 -38.27
C ILE F 319 -12.57 31.58 -39.74
N ASN F 320 -11.80 31.05 -40.67
CA ASN F 320 -12.14 31.05 -42.10
C ASN F 320 -13.04 29.83 -42.39
N LYS F 321 -14.35 30.01 -42.57
CA LYS F 321 -15.30 28.90 -42.86
C LYS F 321 -15.47 28.79 -44.39
N LEU F 322 -14.88 27.74 -45.00
CA LEU F 322 -14.67 27.56 -46.46
C LEU F 322 -16.00 27.72 -47.22
N THR G 2 -31.20 8.09 -0.46
CA THR G 2 -31.68 7.97 0.90
C THR G 2 -30.58 8.37 1.89
N ALA G 3 -30.88 9.25 2.86
CA ALA G 3 -29.94 9.55 3.96
C ALA G 3 -30.57 9.21 5.32
N ILE G 4 -29.77 8.67 6.22
CA ILE G 4 -30.24 8.21 7.55
C ILE G 4 -29.18 8.56 8.61
N THR G 5 -29.63 8.64 9.85
CA THR G 5 -28.77 8.63 11.05
C THR G 5 -29.09 7.34 11.81
N LEU G 6 -28.18 6.97 12.70
CA LEU G 6 -28.34 5.84 13.63
C LEU G 6 -27.56 6.17 14.92
N ASN G 7 -28.21 5.97 16.07
CA ASN G 7 -27.62 6.17 17.42
C ASN G 7 -27.46 4.78 18.02
N GLY G 8 -26.21 4.35 18.23
CA GLY G 8 -25.89 3.03 18.77
C GLY G 8 -24.73 3.11 19.74
N ASN G 9 -23.68 2.30 19.55
CA ASN G 9 -22.47 2.34 20.41
C ASN G 9 -21.66 3.61 20.05
N SER G 10 -21.57 3.97 18.79
CA SER G 10 -21.14 5.31 18.31
C SER G 10 -22.38 5.94 17.67
N ASN G 11 -22.22 7.01 16.92
CA ASN G 11 -23.32 7.73 16.24
C ASN G 11 -22.94 7.89 14.78
N TYR G 12 -23.91 7.65 13.90
CA TYR G 12 -23.65 7.43 12.44
C TYR G 12 -24.60 8.27 11.61
N PHE G 13 -24.16 8.52 10.39
CA PHE G 13 -24.81 9.37 9.38
C PHE G 13 -24.28 8.89 8.03
N GLY G 14 -25.16 8.76 7.05
CA GLY G 14 -24.74 8.28 5.73
C GLY G 14 -25.90 8.18 4.77
N ARG G 15 -25.63 7.73 3.55
CA ARG G 15 -26.58 7.89 2.43
C ARG G 15 -26.26 6.91 1.31
N ASN G 16 -27.30 6.54 0.58
CA ASN G 16 -27.20 5.98 -0.79
C ASN G 16 -27.22 7.17 -1.73
N LEU G 17 -26.34 7.17 -2.72
CA LEU G 17 -26.40 8.08 -3.87
C LEU G 17 -26.98 7.29 -5.05
N ASP G 18 -28.17 7.71 -5.49
CA ASP G 18 -28.96 7.01 -6.52
C ASP G 18 -28.96 7.91 -7.77
N LEU G 19 -28.42 7.41 -8.88
CA LEU G 19 -28.19 8.23 -10.10
C LEU G 19 -28.09 7.28 -11.30
N ASP G 20 -28.26 7.78 -12.53
CA ASP G 20 -28.24 6.88 -13.72
C ASP G 20 -26.84 6.87 -14.35
N PHE G 21 -25.85 7.44 -13.67
CA PHE G 21 -24.42 7.37 -14.10
C PHE G 21 -23.53 7.75 -12.91
N SER G 22 -22.23 7.54 -13.05
CA SER G 22 -21.22 7.92 -12.03
C SER G 22 -20.41 9.11 -12.52
N TYR G 23 -20.16 10.08 -11.63
CA TYR G 23 -19.32 11.29 -11.92
C TYR G 23 -17.83 11.01 -11.71
N GLY G 24 -17.45 9.77 -11.41
CA GLY G 24 -16.08 9.43 -10.95
C GLY G 24 -15.86 9.86 -9.51
N GLU G 25 -16.81 9.56 -8.63
CA GLU G 25 -16.82 9.92 -7.18
C GLU G 25 -15.54 9.38 -6.50
N GLU G 26 -15.08 10.07 -5.48
CA GLU G 26 -13.88 9.67 -4.72
C GLU G 26 -14.02 10.20 -3.29
N VAL G 27 -13.26 9.65 -2.36
CA VAL G 27 -13.05 10.26 -1.02
C VAL G 27 -12.26 11.56 -1.25
N ILE G 28 -12.70 12.67 -0.67
CA ILE G 28 -11.94 13.95 -0.66
C ILE G 28 -11.75 14.37 0.80
N ILE G 29 -10.49 14.56 1.21
CA ILE G 29 -10.12 15.21 2.49
C ILE G 29 -9.71 16.65 2.18
N THR G 30 -10.42 17.60 2.77
CA THR G 30 -10.13 19.05 2.71
C THR G 30 -9.45 19.44 4.01
N PRO G 31 -8.12 19.65 4.02
CA PRO G 31 -7.41 19.96 5.26
C PRO G 31 -7.77 21.36 5.80
N ALA G 32 -7.44 21.59 7.07
CA ALA G 32 -7.77 22.80 7.84
C ALA G 32 -7.33 24.06 7.08
N GLU G 33 -6.24 23.97 6.30
CA GLU G 33 -5.55 25.13 5.69
C GLU G 33 -5.83 25.22 4.19
N TYR G 34 -6.62 24.31 3.62
CA TYR G 34 -7.07 24.45 2.20
C TYR G 34 -7.94 25.70 2.20
N GLU G 35 -7.59 26.69 1.39
CA GLU G 35 -8.39 27.94 1.33
C GLU G 35 -9.71 27.70 0.58
N PHE G 36 -10.84 27.73 1.28
CA PHE G 36 -12.21 27.83 0.65
C PHE G 36 -12.42 29.22 0.06
N LYS G 37 -12.71 29.28 -1.23
CA LYS G 37 -13.12 30.50 -1.95
C LYS G 37 -14.62 30.45 -2.24
N PHE G 38 -15.28 31.58 -2.11
CA PHE G 38 -16.75 31.73 -2.30
C PHE G 38 -16.97 32.79 -3.36
N ARG G 39 -18.00 32.63 -4.18
CA ARG G 39 -18.25 33.58 -5.29
C ARG G 39 -18.52 34.98 -4.70
N LYS G 40 -19.27 35.07 -3.59
CA LYS G 40 -19.81 36.36 -3.08
C LYS G 40 -19.61 36.51 -1.58
N GLU G 41 -18.64 35.82 -0.99
CA GLU G 41 -18.29 36.03 0.46
C GLU G 41 -16.78 35.85 0.64
N LYS G 42 -16.26 36.33 1.77
CA LYS G 42 -14.81 36.35 2.05
C LYS G 42 -14.27 34.91 2.08
N ALA G 43 -13.03 34.71 1.70
CA ALA G 43 -12.38 33.38 1.72
C ALA G 43 -12.13 32.95 3.18
N ILE G 44 -12.04 31.63 3.40
CA ILE G 44 -11.73 31.04 4.73
C ILE G 44 -10.49 30.17 4.55
N LYS G 45 -9.38 30.60 5.13
CA LYS G 45 -8.04 29.96 4.98
C LYS G 45 -7.79 28.98 6.12
N ASN G 46 -8.39 29.20 7.31
CA ASN G 46 -8.20 28.31 8.48
C ASN G 46 -9.56 27.90 9.00
N HIS G 47 -9.89 26.62 8.88
CA HIS G 47 -11.25 26.10 9.12
C HIS G 47 -11.17 24.64 9.57
N LYS G 48 -12.34 24.07 9.86
CA LYS G 48 -12.49 22.65 10.26
C LYS G 48 -12.15 21.77 9.05
N SER G 49 -11.45 20.67 9.31
CA SER G 49 -11.07 19.72 8.23
C SER G 49 -12.34 18.91 7.88
N LEU G 50 -12.49 18.55 6.61
CA LEU G 50 -13.65 17.76 6.10
C LEU G 50 -13.10 16.45 5.53
N ILE G 51 -13.85 15.35 5.71
CA ILE G 51 -13.77 14.15 4.86
C ILE G 51 -15.15 13.86 4.29
N GLY G 52 -15.21 13.58 2.99
CA GLY G 52 -16.49 13.32 2.31
C GLY G 52 -16.33 12.60 0.99
N VAL G 53 -17.44 12.45 0.27
CA VAL G 53 -17.45 11.82 -1.07
C VAL G 53 -17.86 12.89 -2.06
N GLY G 54 -17.19 12.96 -3.20
CA GLY G 54 -17.54 13.97 -4.21
C GLY G 54 -16.66 13.88 -5.43
N ILE G 55 -16.56 14.98 -6.19
CA ILE G 55 -15.54 15.13 -7.27
C ILE G 55 -14.77 16.42 -6.97
N VAL G 56 -13.52 16.45 -7.41
CA VAL G 56 -12.70 17.68 -7.47
C VAL G 56 -12.78 18.22 -8.90
N ALA G 57 -13.26 19.44 -9.05
CA ALA G 57 -13.24 20.19 -10.33
C ALA G 57 -12.52 21.50 -10.04
N ASN G 58 -11.50 21.80 -10.84
CA ASN G 58 -10.73 23.06 -10.73
C ASN G 58 -10.14 23.19 -9.33
N ASP G 59 -9.64 22.12 -8.74
CA ASP G 59 -9.10 22.15 -7.37
C ASP G 59 -10.14 22.66 -6.34
N TYR G 60 -11.45 22.41 -6.56
CA TYR G 60 -12.59 22.74 -5.64
C TYR G 60 -13.28 21.45 -5.20
N PRO G 61 -13.48 21.18 -3.89
CA PRO G 61 -14.14 19.94 -3.46
C PRO G 61 -15.67 20.03 -3.58
N LEU G 62 -16.21 19.34 -4.58
CA LEU G 62 -17.68 19.32 -4.80
C LEU G 62 -18.25 18.14 -4.05
N TYR G 63 -18.64 18.36 -2.81
CA TYR G 63 -19.12 17.30 -1.87
C TYR G 63 -20.57 16.90 -2.19
N PHE G 64 -20.82 15.61 -2.35
CA PHE G 64 -22.19 15.03 -2.36
C PHE G 64 -22.64 14.94 -0.89
N ASP G 65 -21.71 14.60 -0.01
CA ASP G 65 -21.91 14.50 1.46
C ASP G 65 -20.54 14.52 2.15
N ALA G 66 -20.49 14.98 3.40
CA ALA G 66 -19.23 15.11 4.14
C ALA G 66 -19.50 15.18 5.63
N ILE G 67 -18.45 14.95 6.41
CA ILE G 67 -18.44 15.32 7.84
C ILE G 67 -17.21 16.17 8.07
N ASN G 68 -17.15 16.80 9.26
CA ASN G 68 -16.00 17.62 9.69
C ASN G 68 -15.42 16.96 10.93
N GLU G 69 -14.31 17.52 11.40
CA GLU G 69 -13.46 16.98 12.48
C GLU G 69 -14.25 16.92 13.79
N ASP G 70 -15.33 17.70 13.94
CA ASP G 70 -16.16 17.64 15.17
C ASP G 70 -17.32 16.67 14.99
N GLY G 71 -17.45 16.01 13.84
CA GLY G 71 -18.47 14.95 13.63
C GLY G 71 -19.85 15.55 13.35
N LEU G 72 -19.88 16.69 12.68
CA LEU G 72 -21.12 17.24 12.07
C LEU G 72 -21.14 16.82 10.61
N GLY G 73 -22.27 16.25 10.18
CA GLY G 73 -22.44 15.67 8.85
C GLY G 73 -23.44 16.48 8.06
N MET G 74 -23.24 16.55 6.75
CA MET G 74 -24.21 17.22 5.86
C MET G 74 -24.23 16.44 4.53
N ALA G 75 -25.42 16.18 4.00
CA ALA G 75 -25.68 15.51 2.71
C ALA G 75 -26.66 16.32 1.89
N GLY G 76 -26.36 16.54 0.60
CA GLY G 76 -27.26 17.07 -0.42
C GLY G 76 -27.94 15.93 -1.16
N LEU G 77 -29.27 15.96 -1.26
CA LEU G 77 -30.11 14.91 -1.88
C LEU G 77 -30.98 15.60 -2.92
N ASN G 78 -31.32 14.91 -4.01
CA ASN G 78 -32.11 15.46 -5.14
C ASN G 78 -33.44 15.97 -4.59
N PHE G 79 -33.86 17.15 -5.07
CA PHE G 79 -35.09 17.85 -4.63
C PHE G 79 -35.61 18.62 -5.84
N PRO G 80 -35.92 17.91 -6.95
CA PRO G 80 -36.17 18.55 -8.24
C PRO G 80 -37.45 19.39 -8.20
N GLY G 81 -37.36 20.61 -8.73
CA GLY G 81 -38.50 21.53 -8.92
C GLY G 81 -38.84 22.31 -7.66
N ASN G 82 -38.54 21.81 -6.47
CA ASN G 82 -38.98 22.45 -5.20
C ASN G 82 -37.89 23.39 -4.68
N ALA G 83 -36.63 23.16 -5.04
CA ALA G 83 -35.49 23.99 -4.58
C ALA G 83 -35.64 25.36 -5.24
N TYR G 84 -35.32 26.41 -4.50
CA TYR G 84 -35.32 27.81 -4.99
C TYR G 84 -33.97 28.45 -4.66
N TYR G 85 -33.26 28.87 -5.70
CA TYR G 85 -31.96 29.59 -5.63
C TYR G 85 -32.20 30.99 -6.21
N SER G 86 -31.78 32.02 -5.49
CA SER G 86 -32.19 33.43 -5.76
C SER G 86 -31.26 34.05 -6.82
N ASP G 87 -31.81 34.88 -7.72
CA ASP G 87 -31.04 35.79 -8.62
C ASP G 87 -30.72 37.12 -7.92
N ALA G 88 -30.89 37.22 -6.60
CA ALA G 88 -30.53 38.47 -5.89
C ALA G 88 -29.60 38.18 -4.71
N LEU G 89 -28.59 39.04 -4.54
CA LEU G 89 -27.82 39.19 -3.28
C LEU G 89 -28.73 39.89 -2.26
N GLU G 90 -28.57 39.54 -0.99
CA GLU G 90 -29.17 40.23 0.17
C GLU G 90 -28.03 40.78 1.04
N ASN G 91 -28.09 42.05 1.47
CA ASN G 91 -27.04 42.71 2.29
C ASN G 91 -27.05 42.17 3.73
N ASP G 92 -28.17 41.63 4.24
CA ASP G 92 -28.27 41.13 5.64
C ASP G 92 -28.24 39.60 5.64
N LYS G 93 -27.71 38.97 4.60
CA LYS G 93 -27.62 37.50 4.49
C LYS G 93 -26.22 37.10 4.02
N ASP G 94 -25.79 35.89 4.39
CA ASP G 94 -24.61 35.21 3.78
C ASP G 94 -25.05 34.67 2.41
N ASN G 95 -24.46 35.19 1.34
CA ASN G 95 -24.88 34.85 -0.05
C ASN G 95 -23.98 33.72 -0.57
N ILE G 96 -24.51 32.50 -0.54
CA ILE G 96 -23.72 31.24 -0.68
C ILE G 96 -24.33 30.45 -1.84
N THR G 97 -23.52 29.86 -2.72
CA THR G 97 -24.02 28.99 -3.82
C THR G 97 -24.36 27.63 -3.20
N PRO G 98 -25.26 26.87 -3.86
CA PRO G 98 -25.58 25.51 -3.42
C PRO G 98 -24.34 24.63 -3.26
N PHE G 99 -23.33 24.78 -4.13
CA PHE G 99 -22.12 23.90 -4.13
C PHE G 99 -21.13 24.38 -3.06
N GLU G 100 -21.26 25.63 -2.60
CA GLU G 100 -20.49 26.14 -1.43
C GLU G 100 -21.15 25.77 -0.10
N PHE G 101 -22.38 25.24 -0.12
CA PHE G 101 -23.22 25.19 1.11
C PHE G 101 -22.57 24.24 2.13
N ILE G 102 -22.04 23.10 1.67
CA ILE G 102 -21.47 22.09 2.58
C ILE G 102 -20.17 22.65 3.21
N PRO G 103 -19.22 23.16 2.42
CA PRO G 103 -18.07 23.85 3.02
C PRO G 103 -18.50 24.98 4.01
N TRP G 104 -19.47 25.80 3.60
CA TRP G 104 -19.98 26.94 4.41
C TRP G 104 -20.42 26.46 5.80
N ILE G 105 -21.21 25.38 5.87
CA ILE G 105 -21.69 24.86 7.18
C ILE G 105 -20.58 24.05 7.88
N LEU G 106 -20.02 23.05 7.22
CA LEU G 106 -19.13 22.11 7.94
C LEU G 106 -17.79 22.79 8.26
N GLY G 107 -17.41 23.81 7.49
CA GLY G 107 -16.15 24.56 7.71
C GLY G 107 -16.09 25.28 9.06
N GLN G 108 -17.23 25.71 9.62
CA GLN G 108 -17.28 26.60 10.80
C GLN G 108 -18.26 26.14 11.90
N CYS G 109 -19.01 25.05 11.72
CA CYS G 109 -20.04 24.62 12.72
C CYS G 109 -19.59 23.33 13.38
N SER G 110 -19.75 23.22 14.71
CA SER G 110 -19.39 22.00 15.47
C SER G 110 -20.64 21.14 15.72
N ASP G 111 -21.85 21.66 15.55
CA ASP G 111 -23.07 20.89 15.92
C ASP G 111 -24.29 21.41 15.19
N VAL G 112 -25.44 20.72 15.37
CA VAL G 112 -26.69 21.06 14.63
C VAL G 112 -27.21 22.44 15.05
N ASN G 113 -27.19 22.81 16.32
CA ASN G 113 -27.73 24.14 16.72
C ASN G 113 -26.92 25.25 16.02
N GLU G 114 -25.60 25.12 15.97
CA GLU G 114 -24.76 26.11 15.27
C GLU G 114 -25.16 26.14 13.81
N ALA G 115 -25.36 24.95 13.20
CA ALA G 115 -25.75 24.79 11.79
C ALA G 115 -27.08 25.52 11.55
N ARG G 116 -28.07 25.29 12.42
CA ARG G 116 -29.40 25.94 12.26
C ARG G 116 -29.25 27.48 12.32
N ASN G 117 -28.53 28.00 13.31
CA ASN G 117 -28.37 29.49 13.46
C ASN G 117 -27.75 30.02 12.17
N LEU G 118 -26.79 29.29 11.59
CA LEU G 118 -26.11 29.78 10.37
C LEU G 118 -27.05 29.65 9.18
N VAL G 119 -27.81 28.55 9.05
CA VAL G 119 -28.75 28.38 7.90
C VAL G 119 -29.85 29.46 7.98
N GLU G 120 -30.28 29.85 9.19
CA GLU G 120 -31.26 30.97 9.37
C GLU G 120 -30.76 32.24 8.68
N LYS G 121 -29.47 32.48 8.56
CA LYS G 121 -28.97 33.75 7.95
C LYS G 121 -28.57 33.51 6.48
N ILE G 122 -28.90 32.36 5.87
CA ILE G 122 -28.38 32.04 4.52
C ILE G 122 -29.34 32.55 3.43
N ASN G 123 -28.75 32.91 2.31
CA ASN G 123 -29.44 33.25 1.07
C ASN G 123 -28.76 32.42 -0.02
N LEU G 124 -29.34 31.28 -0.40
CA LEU G 124 -28.74 30.40 -1.44
C LEU G 124 -28.93 31.09 -2.80
N ILE G 125 -27.82 31.36 -3.50
CA ILE G 125 -27.85 32.13 -4.78
C ILE G 125 -27.65 31.18 -5.94
N ASN G 126 -28.27 31.58 -7.06
CA ASN G 126 -28.38 30.81 -8.31
C ASN G 126 -27.15 31.02 -9.21
N LEU G 127 -25.96 30.66 -8.74
CA LEU G 127 -24.72 30.65 -9.56
C LEU G 127 -24.24 29.20 -9.70
N SER G 128 -24.14 28.72 -10.94
CA SER G 128 -23.59 27.39 -11.29
C SER G 128 -22.05 27.36 -11.10
N PHE G 129 -21.52 26.19 -10.77
CA PHE G 129 -20.06 25.99 -10.64
C PHE G 129 -19.40 26.30 -11.99
N SER G 130 -20.02 25.87 -13.09
CA SER G 130 -19.43 25.85 -14.44
C SER G 130 -20.53 25.47 -15.44
N GLU G 131 -20.24 25.67 -16.73
CA GLU G 131 -21.17 25.43 -17.86
C GLU G 131 -21.51 23.94 -17.92
N GLN G 132 -20.56 23.04 -17.67
CA GLN G 132 -20.83 21.59 -17.81
C GLN G 132 -21.23 20.96 -16.45
N LEU G 133 -21.29 21.72 -15.35
CA LEU G 133 -21.85 21.23 -14.05
C LEU G 133 -22.93 22.22 -13.57
N PRO G 134 -24.10 22.23 -14.22
CA PRO G 134 -25.17 23.16 -13.84
C PRO G 134 -25.78 22.78 -12.47
N LEU G 135 -26.32 23.76 -11.74
CA LEU G 135 -27.08 23.56 -10.47
C LEU G 135 -28.27 22.64 -10.74
N ALA G 136 -28.50 21.70 -9.83
CA ALA G 136 -29.72 20.89 -9.72
C ALA G 136 -30.37 21.17 -8.36
N GLY G 137 -31.69 21.02 -8.27
CA GLY G 137 -32.42 21.23 -7.02
C GLY G 137 -31.96 20.24 -5.95
N LEU G 138 -31.62 20.72 -4.75
CA LEU G 138 -31.23 19.86 -3.62
C LEU G 138 -32.02 20.25 -2.35
N HIS G 139 -32.05 19.32 -1.41
CA HIS G 139 -32.37 19.59 0.01
C HIS G 139 -31.34 18.84 0.82
N TRP G 140 -31.19 19.19 2.10
CA TRP G 140 -30.06 18.70 2.92
C TRP G 140 -30.54 18.03 4.19
N LEU G 141 -29.81 17.01 4.61
CA LEU G 141 -29.81 16.52 6.00
C LEU G 141 -28.53 16.99 6.70
N ILE G 142 -28.66 17.63 7.86
CA ILE G 142 -27.51 18.05 8.70
C ILE G 142 -27.63 17.26 10.01
N ALA G 143 -26.61 16.48 10.37
CA ALA G 143 -26.65 15.56 11.53
C ALA G 143 -25.39 15.71 12.38
N ASP G 144 -25.54 15.59 13.70
CA ASP G 144 -24.42 15.42 14.65
C ASP G 144 -24.73 14.15 15.41
N ARG G 145 -23.98 13.85 16.47
CA ARG G 145 -24.11 12.62 17.27
C ARG G 145 -25.47 12.57 18.00
N GLU G 146 -26.19 13.68 18.11
CA GLU G 146 -27.40 13.81 18.97
C GLU G 146 -28.67 13.85 18.13
N LYS G 147 -28.72 14.63 17.06
CA LYS G 147 -29.98 14.91 16.34
C LYS G 147 -29.69 15.34 14.90
N SER G 148 -30.73 15.61 14.11
CA SER G 148 -30.61 15.99 12.69
C SER G 148 -31.70 17.00 12.35
N ILE G 149 -31.41 17.83 11.34
CA ILE G 149 -32.38 18.79 10.77
C ILE G 149 -32.45 18.56 9.25
N VAL G 150 -33.57 18.95 8.70
CA VAL G 150 -33.79 19.00 7.24
C VAL G 150 -33.81 20.44 6.82
N VAL G 151 -33.07 20.77 5.78
CA VAL G 151 -33.09 22.12 5.18
C VAL G 151 -33.71 21.99 3.80
N GLU G 152 -34.82 22.68 3.61
CA GLU G 152 -35.47 22.83 2.31
C GLU G 152 -35.62 24.31 2.07
N VAL G 153 -34.86 24.79 1.10
CA VAL G 153 -35.04 26.16 0.56
C VAL G 153 -35.93 26.10 -0.67
N THR G 154 -37.15 26.62 -0.52
CA THR G 154 -38.23 26.67 -1.55
C THR G 154 -38.65 28.13 -1.75
N LYS G 155 -39.55 28.35 -2.70
CA LYS G 155 -40.10 29.68 -3.08
C LYS G 155 -40.69 30.37 -1.84
N SER G 156 -41.21 29.61 -0.87
CA SER G 156 -41.89 30.16 0.33
C SER G 156 -40.89 30.43 1.45
N GLY G 157 -39.60 30.10 1.30
CA GLY G 157 -38.61 30.51 2.32
C GLY G 157 -37.61 29.42 2.68
N VAL G 158 -36.75 29.73 3.64
CA VAL G 158 -35.76 28.77 4.16
C VAL G 158 -36.46 27.97 5.26
N HIS G 159 -36.79 26.71 4.98
CA HIS G 159 -37.46 25.81 5.95
C HIS G 159 -36.43 24.92 6.62
N ILE G 160 -36.39 24.96 7.95
CA ILE G 160 -35.55 24.07 8.78
C ILE G 160 -36.50 23.22 9.62
N TYR G 161 -36.44 21.91 9.48
CA TYR G 161 -37.28 20.98 10.28
C TYR G 161 -36.37 20.18 11.20
N ASP G 162 -36.76 20.06 12.48
CA ASP G 162 -36.30 18.95 13.35
C ASP G 162 -36.66 17.63 12.67
N ASN G 163 -35.74 16.68 12.61
CA ASN G 163 -35.98 15.37 11.95
C ASN G 163 -36.15 14.36 13.06
N PRO G 164 -37.40 14.00 13.46
CA PRO G 164 -37.59 13.12 14.62
C PRO G 164 -37.18 11.67 14.38
N ILE G 165 -36.86 11.28 13.13
CA ILE G 165 -36.58 9.86 12.79
C ILE G 165 -35.22 9.67 12.11
N GLY G 166 -34.48 10.73 11.77
CA GLY G 166 -33.20 10.66 11.03
C GLY G 166 -33.31 10.00 9.66
N ILE G 167 -34.30 10.38 8.86
CA ILE G 167 -34.54 9.80 7.50
C ILE G 167 -34.75 10.98 6.54
N LEU G 168 -34.20 10.87 5.34
CA LEU G 168 -34.53 11.77 4.21
C LEU G 168 -34.40 11.03 2.88
N THR G 169 -35.29 11.35 1.93
CA THR G 169 -35.16 10.91 0.53
C THR G 169 -35.26 12.15 -0.36
N ASN G 170 -36.20 12.16 -1.31
CA ASN G 170 -36.32 13.22 -2.35
C ASN G 170 -37.67 13.91 -2.08
N ASN G 171 -38.41 14.26 -3.13
CA ASN G 171 -39.75 14.87 -3.00
C ASN G 171 -40.72 13.83 -2.49
N PRO G 172 -41.86 14.23 -1.87
CA PRO G 172 -42.20 15.62 -1.64
C PRO G 172 -41.50 16.27 -0.43
N GLU G 173 -41.90 17.49 -0.12
CA GLU G 173 -41.39 18.25 1.03
C GLU G 173 -41.59 17.47 2.34
N PHE G 174 -40.80 17.84 3.34
CA PHE G 174 -40.63 17.00 4.54
C PHE G 174 -41.95 16.81 5.31
N ASN G 175 -42.80 17.83 5.43
CA ASN G 175 -44.08 17.68 6.18
C ASN G 175 -44.94 16.62 5.47
N TYR G 176 -44.90 16.59 4.15
CA TYR G 176 -45.67 15.60 3.36
C TYR G 176 -45.10 14.21 3.62
N GLN G 177 -43.76 14.04 3.63
CA GLN G 177 -43.09 12.72 3.85
C GLN G 177 -43.48 12.23 5.25
N MET G 178 -43.44 13.13 6.24
CA MET G 178 -43.77 12.76 7.64
C MET G 178 -45.27 12.41 7.73
N TYR G 179 -46.16 13.14 7.05
CA TYR G 179 -47.61 12.91 7.16
C TYR G 179 -47.87 11.52 6.56
N ASN G 180 -47.16 11.22 5.48
CA ASN G 180 -47.36 9.96 4.70
C ASN G 180 -47.11 8.74 5.61
N LEU G 181 -46.27 8.87 6.65
CA LEU G 181 -46.03 7.72 7.58
C LEU G 181 -47.32 7.30 8.27
N ASN G 182 -48.28 8.21 8.46
CA ASN G 182 -49.41 7.99 9.39
C ASN G 182 -50.27 6.81 8.95
N LYS G 183 -50.40 6.60 7.65
CA LYS G 183 -51.30 5.54 7.16
C LYS G 183 -50.64 4.15 7.34
N TYR G 184 -49.39 4.05 7.81
CA TYR G 184 -48.69 2.76 8.00
C TYR G 184 -48.65 2.33 9.48
N ARG G 185 -49.44 2.98 10.33
CA ARG G 185 -49.35 2.76 11.79
C ARG G 185 -49.62 1.29 12.10
N ASN G 186 -50.40 0.58 11.26
CA ASN G 186 -50.83 -0.82 11.49
C ASN G 186 -49.71 -1.83 11.21
N LEU G 187 -48.62 -1.46 10.53
CA LEU G 187 -47.55 -2.44 10.22
C LEU G 187 -46.93 -2.92 11.53
N SER G 188 -46.39 -4.13 11.51
CA SER G 188 -45.80 -4.76 12.69
C SER G 188 -44.60 -5.61 12.29
N ILE G 189 -43.67 -5.81 13.24
CA ILE G 189 -42.51 -6.74 13.11
C ILE G 189 -42.95 -8.17 13.44
N SER G 190 -44.16 -8.38 13.98
CA SER G 190 -44.60 -9.74 14.33
C SER G 190 -45.97 -10.07 13.74
N THR G 191 -46.27 -11.37 13.65
CA THR G 191 -47.55 -11.87 13.12
C THR G 191 -48.69 -11.12 13.83
N PRO G 192 -49.60 -10.45 13.14
CA PRO G 192 -50.68 -9.77 13.84
C PRO G 192 -51.76 -10.79 14.22
N GLN G 193 -52.66 -10.36 15.08
CA GLN G 193 -53.92 -11.11 15.35
C GLN G 193 -54.82 -10.98 14.12
N ASN G 194 -55.78 -11.89 14.02
CA ASN G 194 -56.88 -11.77 13.04
C ASN G 194 -57.88 -10.76 13.59
N THR G 195 -57.80 -9.51 13.13
CA THR G 195 -58.76 -8.43 13.42
C THR G 195 -59.68 -8.27 12.20
N PHE G 196 -59.38 -8.96 11.07
CA PHE G 196 -60.23 -8.90 9.83
C PHE G 196 -61.64 -9.38 10.18
N SER G 197 -61.74 -10.55 10.81
CA SER G 197 -63.01 -11.08 11.37
C SER G 197 -62.77 -12.38 12.14
N ASP G 198 -63.35 -12.52 13.32
CA ASP G 198 -63.26 -13.81 14.06
C ASP G 198 -64.24 -14.83 13.43
N SER G 199 -65.00 -14.49 12.38
CA SER G 199 -65.95 -15.44 11.74
C SER G 199 -65.26 -16.20 10.61
N VAL G 200 -63.96 -16.03 10.41
CA VAL G 200 -63.21 -16.78 9.36
C VAL G 200 -61.86 -17.14 9.95
N ASP G 201 -61.39 -18.34 9.63
CA ASP G 201 -60.18 -18.92 10.25
C ASP G 201 -59.01 -18.58 9.33
N LEU G 202 -58.48 -17.37 9.41
CA LEU G 202 -57.36 -16.96 8.54
C LEU G 202 -56.12 -17.65 9.08
N LYS G 203 -55.36 -18.26 8.17
CA LYS G 203 -54.17 -19.10 8.47
C LYS G 203 -52.89 -18.31 8.20
N VAL G 204 -51.85 -18.55 8.97
CA VAL G 204 -50.50 -17.96 8.74
C VAL G 204 -49.54 -19.10 8.36
N ASP G 205 -49.02 -19.14 7.13
CA ASP G 205 -48.16 -20.25 6.63
C ASP G 205 -46.70 -19.78 6.48
N GLY G 206 -46.35 -18.66 7.11
CA GLY G 206 -44.94 -18.22 7.12
C GLY G 206 -44.73 -17.02 8.00
N THR G 207 -43.49 -16.56 8.11
CA THR G 207 -43.15 -15.42 9.00
C THR G 207 -43.20 -14.11 8.20
N GLY G 208 -43.26 -12.98 8.88
CA GLY G 208 -43.16 -11.65 8.25
C GLY G 208 -44.50 -11.07 7.86
N PHE G 209 -45.61 -11.69 8.24
CA PHE G 209 -46.96 -11.21 7.83
C PHE G 209 -47.24 -9.82 8.41
N GLY G 210 -46.59 -9.42 9.50
CA GLY G 210 -46.90 -8.12 10.12
C GLY G 210 -46.52 -6.93 9.23
N GLY G 211 -45.58 -7.15 8.32
CA GLY G 211 -45.07 -6.12 7.42
C GLY G 211 -45.96 -5.90 6.21
N ILE G 212 -47.00 -6.73 6.00
CA ILE G 212 -47.79 -6.68 4.75
C ILE G 212 -48.45 -5.31 4.64
N GLY G 213 -48.28 -4.64 3.49
CA GLY G 213 -48.64 -3.22 3.33
C GLY G 213 -47.41 -2.31 3.27
N LEU G 214 -46.23 -2.74 3.70
CA LEU G 214 -44.99 -1.96 3.49
C LEU G 214 -44.71 -1.87 1.99
N PRO G 215 -44.51 -0.66 1.44
CA PRO G 215 -44.21 -0.50 0.00
C PRO G 215 -42.77 -0.93 -0.34
N GLY G 216 -42.62 -1.56 -1.51
CA GLY G 216 -41.39 -2.26 -1.94
C GLY G 216 -40.68 -1.55 -3.07
N ASP G 217 -41.28 -0.51 -3.64
CA ASP G 217 -40.75 0.11 -4.88
C ASP G 217 -39.71 1.15 -4.49
N VAL G 218 -39.07 1.78 -5.48
CA VAL G 218 -37.95 2.74 -5.26
C VAL G 218 -38.42 4.17 -5.54
N SER G 219 -39.73 4.46 -5.49
CA SER G 219 -40.20 5.86 -5.47
C SER G 219 -39.68 6.51 -4.20
N PRO G 220 -39.48 7.84 -4.17
CA PRO G 220 -39.01 8.49 -2.96
C PRO G 220 -39.87 8.29 -1.71
N GLU G 221 -41.20 8.33 -1.83
CA GLU G 221 -42.08 8.17 -0.64
C GLU G 221 -42.00 6.73 -0.14
N SER G 222 -42.02 5.76 -1.04
CA SER G 222 -41.83 4.34 -0.71
C SER G 222 -40.48 4.13 -0.01
N ARG G 223 -39.38 4.70 -0.50
CA ARG G 223 -38.09 4.51 0.18
C ARG G 223 -38.15 5.20 1.55
N PHE G 224 -38.80 6.35 1.67
CA PHE G 224 -38.92 7.07 2.97
C PHE G 224 -39.59 6.14 3.98
N VAL G 225 -40.75 5.57 3.63
CA VAL G 225 -41.49 4.65 4.55
C VAL G 225 -40.63 3.42 4.88
N ARG G 226 -40.01 2.82 3.86
CA ARG G 226 -39.32 1.53 4.03
C ARG G 226 -38.03 1.72 4.85
N ALA G 227 -37.29 2.80 4.61
CA ALA G 227 -36.07 3.13 5.38
C ALA G 227 -36.48 3.39 6.85
N THR G 228 -37.60 4.07 7.10
CA THR G 228 -38.06 4.48 8.44
C THR G 228 -38.38 3.21 9.21
N PHE G 229 -39.15 2.30 8.61
CA PHE G 229 -39.59 1.04 9.23
C PHE G 229 -38.37 0.17 9.53
N SER G 230 -37.47 0.06 8.57
CA SER G 230 -36.25 -0.78 8.67
C SER G 230 -35.33 -0.17 9.74
N LYS G 231 -35.18 1.14 9.76
CA LYS G 231 -34.21 1.76 10.71
C LYS G 231 -34.76 1.68 12.13
N LEU G 232 -35.98 2.17 12.33
CA LEU G 232 -36.52 2.31 13.69
C LEU G 232 -36.59 0.92 14.35
N ASN G 233 -36.88 -0.12 13.57
CA ASN G 233 -37.07 -1.50 14.10
C ASN G 233 -35.74 -2.27 14.09
N SER G 234 -34.64 -1.76 13.52
CA SER G 234 -33.39 -2.59 13.42
C SER G 234 -32.86 -2.91 14.82
N SER G 235 -32.39 -4.13 15.05
CA SER G 235 -31.91 -4.60 16.38
C SER G 235 -30.65 -3.80 16.76
N LYS G 236 -30.49 -3.47 18.03
CA LYS G 236 -29.26 -2.81 18.56
C LYS G 236 -28.05 -3.72 18.34
N GLY G 237 -26.92 -3.17 17.90
CA GLY G 237 -25.62 -3.88 17.89
C GLY G 237 -24.93 -3.80 19.25
N MET G 238 -23.98 -4.69 19.54
CA MET G 238 -23.27 -4.67 20.84
C MET G 238 -21.86 -4.10 20.68
N THR G 239 -21.50 -3.71 19.45
CA THR G 239 -20.20 -3.13 19.10
C THR G 239 -20.37 -2.20 17.89
N VAL G 240 -19.44 -1.27 17.74
CA VAL G 240 -19.38 -0.31 16.61
C VAL G 240 -19.42 -1.09 15.30
N GLU G 241 -18.71 -2.22 15.20
CA GLU G 241 -18.66 -3.06 13.97
C GLU G 241 -20.09 -3.52 13.66
N GLU G 242 -20.82 -4.00 14.65
CA GLU G 242 -22.18 -4.55 14.45
C GLU G 242 -23.11 -3.42 13.99
N ASP G 243 -22.91 -2.20 14.53
CA ASP G 243 -23.68 -0.99 14.13
C ASP G 243 -23.42 -0.71 12.64
N ILE G 244 -22.15 -0.67 12.20
CA ILE G 244 -21.75 -0.36 10.80
C ILE G 244 -22.39 -1.40 9.87
N THR G 245 -22.27 -2.69 10.21
CA THR G 245 -22.85 -3.84 9.48
C THR G 245 -24.37 -3.61 9.31
N GLN G 246 -25.01 -3.24 10.42
CA GLN G 246 -26.46 -2.98 10.49
C GLN G 246 -26.79 -1.77 9.61
N PHE G 247 -26.02 -0.70 9.71
CA PHE G 247 -26.22 0.54 8.90
C PHE G 247 -26.28 0.19 7.40
N PHE G 248 -25.31 -0.61 6.92
CA PHE G 248 -25.27 -1.01 5.49
C PHE G 248 -26.49 -1.90 5.14
N HIS G 249 -26.99 -2.74 6.05
CA HIS G 249 -28.24 -3.51 5.85
C HIS G 249 -29.44 -2.56 5.72
N ILE G 250 -29.54 -1.54 6.57
CA ILE G 250 -30.66 -0.56 6.51
C ILE G 250 -30.62 0.15 5.14
N LEU G 251 -29.46 0.66 4.69
CA LEU G 251 -29.36 1.33 3.37
C LEU G 251 -29.74 0.32 2.26
N GLY G 252 -29.38 -0.95 2.46
CA GLY G 252 -29.65 -2.09 1.55
C GLY G 252 -31.12 -2.26 1.27
N THR G 253 -31.97 -1.98 2.27
CA THR G 253 -33.43 -2.18 2.14
C THR G 253 -33.98 -1.19 1.12
N VAL G 254 -33.27 -0.11 0.81
CA VAL G 254 -33.82 0.95 -0.08
C VAL G 254 -32.85 1.21 -1.25
N GLU G 255 -31.95 0.28 -1.50
CA GLU G 255 -30.97 0.37 -2.59
C GLU G 255 -31.74 0.22 -3.92
N GLN G 256 -31.25 0.83 -4.98
CA GLN G 256 -31.78 0.69 -6.35
C GLN G 256 -30.81 -0.20 -7.14
N ILE G 257 -31.27 -1.36 -7.57
CA ILE G 257 -30.43 -2.21 -8.44
C ILE G 257 -30.67 -1.78 -9.89
N LYS G 258 -29.68 -1.93 -10.76
CA LYS G 258 -29.74 -1.58 -12.21
C LYS G 258 -30.84 -2.40 -12.89
N GLY G 259 -31.83 -1.71 -13.47
CA GLY G 259 -32.89 -2.29 -14.32
C GLY G 259 -34.30 -2.07 -13.78
N VAL G 260 -34.49 -1.70 -12.52
CA VAL G 260 -35.88 -1.58 -11.96
C VAL G 260 -36.37 -0.13 -12.01
N ASN G 261 -35.50 0.84 -12.30
CA ASN G 261 -35.88 2.27 -12.27
C ASN G 261 -35.26 2.96 -13.49
N LYS G 262 -36.03 3.07 -14.58
CA LYS G 262 -35.54 3.53 -15.90
C LYS G 262 -36.06 4.95 -16.10
N THR G 263 -35.18 5.95 -16.11
CA THR G 263 -35.48 7.39 -16.39
C THR G 263 -35.97 7.56 -17.84
N GLU G 264 -36.41 8.76 -18.24
CA GLU G 264 -36.91 9.03 -19.62
C GLU G 264 -35.72 8.93 -20.62
N SER G 265 -34.49 9.24 -20.20
CA SER G 265 -33.27 9.11 -21.04
C SER G 265 -33.00 7.64 -21.41
N GLY G 266 -33.67 6.69 -20.76
CA GLY G 266 -33.52 5.25 -21.00
C GLY G 266 -32.41 4.65 -20.14
N LYS G 267 -31.75 5.48 -19.33
CA LYS G 267 -30.67 5.01 -18.43
C LYS G 267 -31.28 4.51 -17.12
N GLU G 268 -30.60 3.57 -16.48
CA GLU G 268 -31.03 2.91 -15.21
C GLU G 268 -30.48 3.71 -14.02
N GLU G 269 -31.36 4.20 -13.16
CA GLU G 269 -31.01 4.75 -11.83
C GLU G 269 -30.60 3.57 -10.97
N TYR G 270 -29.49 3.72 -10.25
CA TYR G 270 -28.94 2.68 -9.35
C TYR G 270 -28.19 3.38 -8.22
N THR G 271 -27.95 2.62 -7.17
CA THR G 271 -27.20 3.06 -5.98
C THR G 271 -25.70 2.98 -6.32
N VAL G 272 -25.15 4.11 -6.71
CA VAL G 272 -23.75 4.30 -7.18
C VAL G 272 -22.82 3.96 -6.01
N TYR G 273 -23.16 4.46 -4.82
CA TYR G 273 -22.47 4.12 -3.57
C TYR G 273 -23.38 4.30 -2.36
N SER G 274 -22.95 3.66 -1.29
CA SER G 274 -23.58 3.73 0.05
C SER G 274 -22.47 4.04 1.06
N ASN G 275 -22.74 4.90 2.04
CA ASN G 275 -21.70 5.26 3.03
C ASN G 275 -22.33 5.33 4.43
N CYS G 276 -21.44 5.12 5.40
CA CYS G 276 -21.69 5.22 6.85
C CYS G 276 -20.51 6.01 7.45
N TYR G 277 -20.80 7.19 7.97
CA TYR G 277 -19.78 7.97 8.71
C TYR G 277 -20.00 7.67 10.19
N ASP G 278 -18.96 7.21 10.85
CA ASP G 278 -18.85 7.20 12.33
C ASP G 278 -18.47 8.63 12.77
N LEU G 279 -19.44 9.38 13.27
CA LEU G 279 -19.29 10.80 13.68
C LEU G 279 -18.36 10.94 14.89
N ASP G 280 -18.42 10.01 15.86
CA ASP G 280 -17.57 10.06 17.07
C ASP G 280 -16.11 9.80 16.68
N ASN G 281 -15.85 8.87 15.74
CA ASN G 281 -14.47 8.44 15.37
C ASN G 281 -14.03 9.09 14.06
N LYS G 282 -14.85 9.99 13.51
CA LYS G 282 -14.60 10.72 12.24
C LYS G 282 -13.97 9.78 11.22
N THR G 283 -14.67 8.68 10.95
CA THR G 283 -14.27 7.65 9.96
C THR G 283 -15.38 7.46 8.93
N LEU G 284 -15.02 7.51 7.65
CA LEU G 284 -15.91 7.23 6.50
C LEU G 284 -15.74 5.75 6.12
N TYR G 285 -16.88 5.04 6.09
CA TYR G 285 -17.04 3.68 5.53
C TYR G 285 -17.91 3.76 4.26
N TYR G 286 -17.54 3.13 3.15
CA TYR G 286 -18.39 3.14 1.92
C TYR G 286 -18.32 1.81 1.18
N THR G 287 -19.42 1.50 0.46
CA THR G 287 -19.50 0.49 -0.63
C THR G 287 -19.84 1.20 -1.94
N THR G 288 -19.59 0.54 -3.07
CA THR G 288 -20.01 1.01 -4.39
C THR G 288 -20.92 -0.05 -5.00
N TYR G 289 -21.55 0.27 -6.12
CA TYR G 289 -22.41 -0.72 -6.82
C TYR G 289 -21.54 -1.93 -7.21
N GLU G 290 -20.30 -1.64 -7.62
CA GLU G 290 -19.37 -2.60 -8.26
C GLU G 290 -18.59 -3.42 -7.19
N ASN G 291 -18.53 -2.95 -5.94
CA ASN G 291 -17.65 -3.56 -4.91
C ASN G 291 -18.36 -3.65 -3.57
N ARG G 292 -18.67 -4.86 -3.11
CA ARG G 292 -19.42 -5.08 -1.84
C ARG G 292 -18.50 -4.85 -0.63
N GLN G 293 -17.17 -4.98 -0.76
CA GLN G 293 -16.28 -4.86 0.42
C GLN G 293 -16.35 -3.42 0.95
N ILE G 294 -16.60 -3.24 2.25
CA ILE G 294 -16.58 -1.91 2.91
C ILE G 294 -15.14 -1.39 2.92
N VAL G 295 -14.94 -0.16 2.46
CA VAL G 295 -13.63 0.56 2.47
C VAL G 295 -13.72 1.65 3.54
N ALA G 296 -12.63 1.91 4.27
CA ALA G 296 -12.62 2.83 5.43
C ALA G 296 -11.50 3.84 5.25
N VAL G 297 -11.80 5.11 5.50
CA VAL G 297 -10.76 6.16 5.52
C VAL G 297 -11.09 7.10 6.69
N THR G 298 -10.09 7.31 7.57
CA THR G 298 -10.26 8.11 8.81
C THR G 298 -9.75 9.51 8.53
N LEU G 299 -10.43 10.52 9.07
CA LEU G 299 -9.97 11.93 9.02
C LEU G 299 -9.04 12.16 10.22
N ASN G 300 -7.75 12.43 9.98
CA ASN G 300 -6.71 12.64 11.03
C ASN G 300 -6.63 14.14 11.33
N GLY G 305 -1.46 20.46 5.93
CA GLY G 305 -1.42 20.68 4.46
C GLY G 305 -2.41 21.73 4.01
N ASN G 306 -2.28 22.22 2.78
CA ASN G 306 -3.28 23.13 2.14
C ASN G 306 -3.85 22.52 0.84
N ARG G 307 -3.57 21.24 0.52
CA ARG G 307 -4.04 20.63 -0.74
C ARG G 307 -5.15 19.61 -0.44
N LEU G 308 -6.11 19.46 -1.36
CA LEU G 308 -7.10 18.35 -1.27
C LEU G 308 -6.34 17.02 -1.41
N VAL G 309 -6.70 16.06 -0.59
CA VAL G 309 -6.17 14.67 -0.69
C VAL G 309 -7.34 13.78 -1.17
N THR G 310 -7.13 12.98 -2.23
CA THR G 310 -8.21 12.16 -2.85
C THR G 310 -7.87 10.66 -2.83
N TYR G 311 -8.89 9.81 -2.72
CA TYR G 311 -8.79 8.33 -2.81
C TYR G 311 -9.87 7.85 -3.77
N PRO G 312 -9.51 7.44 -5.01
CA PRO G 312 -10.52 7.11 -6.01
C PRO G 312 -11.24 5.82 -5.60
N PHE G 313 -12.51 5.70 -5.98
CA PHE G 313 -13.36 4.51 -5.68
C PHE G 313 -12.87 3.30 -6.51
N GLU G 314 -12.76 2.13 -5.89
CA GLU G 314 -12.56 0.82 -6.59
C GLU G 314 -13.89 0.43 -7.23
N ARG G 315 -13.95 0.36 -8.56
CA ARG G 315 -15.16 -0.08 -9.31
C ARG G 315 -14.94 -1.50 -9.83
N LYS G 316 -14.39 -2.34 -8.98
CA LYS G 316 -14.07 -3.79 -9.22
C LYS G 316 -14.49 -4.57 -7.97
N GLN G 317 -15.14 -5.71 -8.12
CA GLN G 317 -15.62 -6.54 -6.98
C GLN G 317 -14.39 -7.14 -6.29
N ILE G 318 -14.05 -6.74 -5.07
CA ILE G 318 -12.84 -7.28 -4.38
C ILE G 318 -13.26 -8.53 -3.61
N ILE G 319 -12.94 -9.67 -4.21
CA ILE G 319 -13.37 -11.03 -3.79
C ILE G 319 -12.21 -11.68 -3.04
N ASN G 320 -12.51 -12.34 -1.93
CA ASN G 320 -11.56 -13.14 -1.12
C ASN G 320 -11.54 -14.55 -1.71
N LYS G 321 -10.57 -14.87 -2.59
CA LYS G 321 -10.43 -16.19 -3.28
C LYS G 321 -9.68 -17.17 -2.34
N LEU G 322 -10.26 -18.33 -2.00
CA LEU G 322 -9.70 -19.34 -1.03
C LEU G 322 -8.81 -20.35 -1.75
N THR H 2 -34.94 -17.33 -0.08
CA THR H 2 -35.21 -17.02 -1.46
C THR H 2 -34.13 -17.67 -2.33
N ALA H 3 -34.51 -18.41 -3.36
CA ALA H 3 -33.57 -19.04 -4.31
C ALA H 3 -33.84 -18.50 -5.71
N ILE H 4 -32.79 -18.15 -6.45
CA ILE H 4 -32.94 -17.63 -7.83
C ILE H 4 -31.94 -18.32 -8.76
N THR H 5 -32.22 -18.24 -10.06
CA THR H 5 -31.28 -18.50 -11.15
C THR H 5 -31.06 -17.20 -11.90
N LEU H 6 -29.97 -17.10 -12.66
CA LEU H 6 -29.71 -15.97 -13.58
C LEU H 6 -28.96 -16.49 -14.82
N ASN H 7 -29.40 -16.11 -16.01
CA ASN H 7 -28.68 -16.37 -17.28
C ASN H 7 -28.01 -15.08 -17.77
N GLY H 8 -26.70 -15.13 -17.97
CA GLY H 8 -25.88 -14.00 -18.41
C GLY H 8 -24.73 -14.49 -19.27
N ASN H 9 -23.50 -14.10 -18.92
CA ASN H 9 -22.27 -14.44 -19.68
C ASN H 9 -21.91 -15.87 -19.33
N SER H 10 -22.02 -16.17 -18.06
CA SER H 10 -22.16 -17.52 -17.50
C SER H 10 -23.61 -17.69 -17.00
N ASN H 11 -23.84 -18.71 -16.17
CA ASN H 11 -25.20 -19.15 -15.75
C ASN H 11 -25.11 -19.44 -14.26
N TYR H 12 -26.06 -18.94 -13.47
CA TYR H 12 -25.89 -18.86 -12.01
C TYR H 12 -27.11 -19.44 -11.33
N PHE H 13 -26.94 -19.69 -10.04
CA PHE H 13 -27.94 -20.30 -9.13
C PHE H 13 -27.47 -20.07 -7.70
N GLY H 14 -28.39 -19.76 -6.78
CA GLY H 14 -28.03 -19.37 -5.42
C GLY H 14 -29.21 -18.95 -4.58
N ARG H 15 -28.96 -18.61 -3.32
CA ARG H 15 -30.09 -18.41 -2.39
C ARG H 15 -29.62 -17.59 -1.19
N ASN H 16 -30.60 -16.91 -0.58
CA ASN H 16 -30.58 -16.44 0.81
C ASN H 16 -31.05 -17.56 1.73
N LEU H 17 -30.36 -17.74 2.85
CA LEU H 17 -30.83 -18.56 3.98
C LEU H 17 -31.35 -17.60 5.07
N ASP H 18 -32.65 -17.63 5.35
CA ASP H 18 -33.31 -16.70 6.31
C ASP H 18 -33.74 -17.53 7.50
N LEU H 19 -33.26 -17.17 8.70
CA LEU H 19 -33.36 -17.98 9.94
C LEU H 19 -33.04 -17.08 11.14
N ASP H 20 -33.49 -17.46 12.34
CA ASP H 20 -33.33 -16.65 13.56
C ASP H 20 -32.04 -17.04 14.31
N PHE H 21 -31.20 -17.91 13.74
CA PHE H 21 -29.85 -18.25 14.25
C PHE H 21 -29.03 -18.89 13.12
N SER H 22 -27.74 -19.04 13.35
CA SER H 22 -26.74 -19.71 12.48
C SER H 22 -26.51 -21.14 12.99
N TYR H 23 -26.47 -22.11 12.07
CA TYR H 23 -26.05 -23.51 12.33
C TYR H 23 -24.51 -23.62 12.29
N GLY H 24 -23.75 -22.53 12.28
CA GLY H 24 -22.30 -22.57 12.03
C GLY H 24 -21.98 -23.20 10.68
N GLU H 25 -22.68 -22.76 9.63
CA GLU H 25 -22.64 -23.40 8.28
C GLU H 25 -21.28 -23.11 7.65
N GLU H 26 -20.87 -23.94 6.70
CA GLU H 26 -19.54 -23.82 6.09
C GLU H 26 -19.58 -24.35 4.66
N VAL H 27 -18.52 -24.08 3.90
CA VAL H 27 -18.30 -24.68 2.57
C VAL H 27 -18.00 -26.17 2.82
N ILE H 28 -18.56 -27.04 2.00
CA ILE H 28 -18.31 -28.52 2.04
C ILE H 28 -18.10 -29.02 0.61
N ILE H 29 -16.89 -29.49 0.33
CA ILE H 29 -16.55 -30.19 -0.95
C ILE H 29 -16.63 -31.69 -0.67
N THR H 30 -17.55 -32.37 -1.35
CA THR H 30 -17.72 -33.84 -1.34
C THR H 30 -17.06 -34.39 -2.61
N PRO H 31 -15.88 -35.03 -2.48
CA PRO H 31 -15.18 -35.59 -3.65
C PRO H 31 -15.90 -36.86 -4.15
N ALA H 32 -15.66 -37.19 -5.42
CA ALA H 32 -16.24 -38.35 -6.16
C ALA H 32 -16.24 -39.64 -5.32
N GLU H 33 -15.16 -39.94 -4.59
CA GLU H 33 -14.93 -41.27 -3.95
C GLU H 33 -15.38 -41.25 -2.48
N TYR H 34 -15.94 -40.14 -1.97
CA TYR H 34 -16.63 -40.14 -0.65
C TYR H 34 -17.85 -41.04 -0.77
N GLU H 35 -17.91 -42.10 0.04
CA GLU H 35 -19.01 -43.11 0.01
C GLU H 35 -20.25 -42.48 0.64
N PHE H 36 -21.29 -42.35 -0.18
CA PHE H 36 -22.65 -41.92 0.21
C PHE H 36 -23.42 -43.16 0.64
N LYS H 37 -23.79 -43.19 1.92
CA LYS H 37 -24.67 -44.22 2.54
C LYS H 37 -26.09 -43.66 2.63
N PHE H 38 -27.08 -44.47 2.24
CA PHE H 38 -28.53 -44.15 2.28
C PHE H 38 -29.21 -45.15 3.21
N ARG H 39 -30.18 -44.70 3.99
CA ARG H 39 -30.84 -45.57 4.98
C ARG H 39 -31.43 -46.79 4.25
N LYS H 40 -32.01 -46.62 3.06
CA LYS H 40 -32.90 -47.64 2.43
C LYS H 40 -32.52 -47.88 0.97
N GLU H 41 -31.28 -47.59 0.57
CA GLU H 41 -30.82 -47.83 -0.80
C GLU H 41 -29.32 -48.16 -0.72
N LYS H 42 -28.82 -48.86 -1.73
CA LYS H 42 -27.40 -49.31 -1.88
C LYS H 42 -26.48 -48.09 -1.84
N ALA H 43 -25.32 -48.20 -1.17
CA ALA H 43 -24.30 -47.12 -1.11
C ALA H 43 -23.84 -46.77 -2.53
N ILE H 44 -23.27 -45.57 -2.69
CA ILE H 44 -22.64 -45.06 -3.94
C ILE H 44 -21.21 -44.65 -3.56
N LYS H 45 -20.19 -45.35 -4.08
CA LYS H 45 -18.75 -45.14 -3.74
C LYS H 45 -18.04 -44.31 -4.83
N ASN H 46 -18.56 -44.27 -6.06
CA ASN H 46 -18.01 -43.44 -7.17
C ASN H 46 -19.14 -42.55 -7.73
N HIS H 47 -19.02 -41.23 -7.68
CA HIS H 47 -20.12 -40.29 -8.06
C HIS H 47 -19.58 -38.90 -8.43
N LYS H 48 -20.47 -38.02 -8.86
CA LYS H 48 -20.16 -36.59 -9.19
C LYS H 48 -19.68 -35.90 -7.90
N SER H 49 -18.63 -35.09 -8.00
CA SER H 49 -18.14 -34.25 -6.88
C SER H 49 -19.14 -33.09 -6.67
N LEU H 50 -19.30 -32.67 -5.41
CA LEU H 50 -20.22 -31.60 -4.97
C LEU H 50 -19.42 -30.48 -4.27
N ILE H 51 -19.83 -29.22 -4.49
CA ILE H 51 -19.53 -28.08 -3.57
C ILE H 51 -20.86 -27.43 -3.15
N GLY H 52 -21.02 -27.20 -1.85
CA GLY H 52 -22.23 -26.54 -1.34
C GLY H 52 -21.98 -25.89 0.00
N VAL H 53 -23.04 -25.40 0.60
CA VAL H 53 -23.03 -24.89 1.99
C VAL H 53 -23.93 -25.77 2.83
N GLY H 54 -23.55 -25.94 4.08
CA GLY H 54 -24.34 -26.61 5.12
C GLY H 54 -23.45 -26.96 6.29
N ILE H 55 -23.73 -28.09 6.94
CA ILE H 55 -22.93 -28.57 8.09
C ILE H 55 -22.52 -30.02 7.85
N VAL H 56 -21.54 -30.50 8.60
CA VAL H 56 -21.12 -31.92 8.65
C VAL H 56 -21.47 -32.48 10.03
N ALA H 57 -22.38 -33.45 10.07
CA ALA H 57 -22.71 -34.25 11.26
C ALA H 57 -22.43 -35.72 10.94
N ASN H 58 -21.68 -36.41 11.81
CA ASN H 58 -21.40 -37.86 11.71
C ASN H 58 -20.61 -38.14 10.43
N ASP H 59 -19.81 -37.19 9.98
CA ASP H 59 -19.04 -37.29 8.71
C ASP H 59 -20.05 -37.43 7.54
N TYR H 60 -21.23 -36.80 7.68
CA TYR H 60 -22.23 -36.69 6.58
C TYR H 60 -22.45 -35.24 6.18
N PRO H 61 -22.33 -34.89 4.86
CA PRO H 61 -22.53 -33.52 4.40
C PRO H 61 -24.05 -33.23 4.33
N LEU H 62 -24.55 -32.50 5.33
CA LEU H 62 -25.94 -31.99 5.36
C LEU H 62 -25.96 -30.65 4.60
N TYR H 63 -26.17 -30.72 3.28
CA TYR H 63 -26.21 -29.54 2.38
C TYR H 63 -27.54 -28.78 2.54
N PHE H 64 -27.46 -27.46 2.76
CA PHE H 64 -28.58 -26.48 2.62
C PHE H 64 -28.80 -26.28 1.10
N ASP H 65 -27.69 -26.24 0.36
CA ASP H 65 -27.68 -26.11 -1.12
C ASP H 65 -26.30 -26.55 -1.64
N ALA H 66 -26.19 -26.90 -2.92
CA ALA H 66 -24.92 -27.35 -3.52
C ALA H 66 -25.06 -27.39 -5.03
N ILE H 67 -23.92 -27.49 -5.70
CA ILE H 67 -23.87 -27.82 -7.13
C ILE H 67 -22.93 -29.02 -7.27
N ASN H 68 -22.91 -29.64 -8.46
CA ASN H 68 -22.01 -30.75 -8.79
C ASN H 68 -21.04 -30.30 -9.90
N GLU H 69 -20.14 -31.21 -10.26
CA GLU H 69 -19.01 -30.97 -11.18
C GLU H 69 -19.54 -30.69 -12.59
N ASP H 70 -20.80 -31.05 -12.89
CA ASP H 70 -21.42 -30.73 -14.23
C ASP H 70 -22.21 -29.41 -14.21
N GLY H 71 -22.26 -28.71 -13.08
CA GLY H 71 -23.01 -27.45 -12.94
C GLY H 71 -24.50 -27.68 -12.76
N LEU H 72 -24.88 -28.74 -12.04
CA LEU H 72 -26.29 -28.97 -11.67
C LEU H 72 -26.45 -28.56 -10.22
N GLY H 73 -27.45 -27.72 -9.92
CA GLY H 73 -27.60 -27.09 -8.60
C GLY H 73 -28.87 -27.55 -7.94
N MET H 74 -28.92 -27.52 -6.62
CA MET H 74 -30.15 -27.94 -5.91
C MET H 74 -30.10 -27.34 -4.51
N ALA H 75 -31.22 -26.76 -4.06
CA ALA H 75 -31.35 -26.05 -2.77
C ALA H 75 -32.66 -26.48 -2.13
N GLY H 76 -32.60 -26.77 -0.83
CA GLY H 76 -33.77 -26.99 0.03
C GLY H 76 -34.16 -25.70 0.71
N LEU H 77 -35.45 -25.38 0.70
CA LEU H 77 -36.02 -24.15 1.29
C LEU H 77 -37.16 -24.56 2.20
N ASN H 78 -37.37 -23.82 3.29
CA ASN H 78 -38.46 -24.04 4.27
C ASN H 78 -39.81 -24.14 3.56
N PHE H 79 -40.63 -25.10 3.96
CA PHE H 79 -41.94 -25.39 3.33
C PHE H 79 -42.84 -25.92 4.44
N PRO H 80 -42.97 -25.20 5.57
CA PRO H 80 -43.59 -25.78 6.76
C PRO H 80 -45.06 -26.18 6.53
N GLY H 81 -45.43 -27.34 7.09
CA GLY H 81 -46.81 -27.84 7.10
C GLY H 81 -47.21 -28.46 5.78
N ASN H 82 -46.61 -28.06 4.66
CA ASN H 82 -47.03 -28.56 3.32
C ASN H 82 -46.18 -29.77 2.93
N ALA H 83 -44.93 -29.84 3.39
CA ALA H 83 -44.03 -30.96 3.05
C ALA H 83 -44.61 -32.20 3.70
N TYR H 84 -44.65 -33.32 2.99
CA TYR H 84 -45.18 -34.61 3.53
C TYR H 84 -44.24 -35.76 3.16
N TYR H 85 -43.65 -36.39 4.18
CA TYR H 85 -42.71 -37.53 4.04
C TYR H 85 -43.46 -38.83 4.34
N SER H 86 -43.24 -39.85 3.49
CA SER H 86 -43.94 -41.16 3.46
C SER H 86 -43.41 -42.07 4.59
N ASP H 87 -44.32 -42.67 5.35
CA ASP H 87 -43.94 -43.74 6.32
C ASP H 87 -43.80 -45.09 5.59
N ALA H 88 -44.12 -45.15 4.29
CA ALA H 88 -44.16 -46.40 3.50
C ALA H 88 -42.85 -46.54 2.73
N LEU H 89 -42.41 -47.77 2.55
CA LEU H 89 -41.38 -48.11 1.54
C LEU H 89 -42.13 -48.64 0.32
N GLU H 90 -41.71 -48.26 -0.89
CA GLU H 90 -42.40 -48.66 -2.14
C GLU H 90 -41.40 -49.42 -3.03
N ASN H 91 -41.78 -50.64 -3.40
CA ASN H 91 -40.91 -51.57 -4.16
C ASN H 91 -40.60 -50.93 -5.52
N ASP H 92 -41.58 -50.23 -6.11
CA ASP H 92 -41.47 -49.61 -7.46
C ASP H 92 -40.69 -48.27 -7.41
N LYS H 93 -40.25 -47.77 -6.24
CA LYS H 93 -39.64 -46.41 -6.09
C LYS H 93 -38.29 -46.47 -5.37
N ASP H 94 -37.49 -45.42 -5.53
CA ASP H 94 -36.23 -45.18 -4.76
C ASP H 94 -36.65 -44.53 -3.43
N ASN H 95 -36.28 -45.13 -2.31
CA ASN H 95 -36.73 -44.67 -0.96
C ASN H 95 -35.57 -43.90 -0.34
N ILE H 96 -35.72 -42.58 -0.32
CA ILE H 96 -34.64 -41.61 -0.05
C ILE H 96 -35.13 -40.62 1.01
N THR H 97 -34.33 -40.37 2.05
CA THR H 97 -34.69 -39.39 3.10
C THR H 97 -34.55 -37.98 2.51
N PRO H 98 -35.26 -36.96 3.06
CA PRO H 98 -35.08 -35.56 2.64
C PRO H 98 -33.61 -35.10 2.65
N PHE H 99 -32.81 -35.49 3.65
CA PHE H 99 -31.39 -35.05 3.83
C PHE H 99 -30.47 -35.85 2.87
N GLU H 100 -30.94 -36.96 2.31
CA GLU H 100 -30.19 -37.73 1.28
C GLU H 100 -30.50 -37.19 -0.11
N PHE H 101 -31.49 -36.28 -0.24
CA PHE H 101 -32.12 -35.92 -1.54
C PHE H 101 -31.11 -35.21 -2.44
N ILE H 102 -30.31 -34.27 -1.91
CA ILE H 102 -29.30 -33.52 -2.72
C ILE H 102 -28.19 -34.48 -3.18
N PRO H 103 -27.58 -35.29 -2.27
CA PRO H 103 -26.64 -36.33 -2.68
C PRO H 103 -27.18 -37.26 -3.78
N TRP H 104 -28.41 -37.77 -3.58
CA TRP H 104 -29.11 -38.70 -4.52
C TRP H 104 -29.24 -38.07 -5.91
N ILE H 105 -29.67 -36.80 -6.01
CA ILE H 105 -29.86 -36.12 -7.34
C ILE H 105 -28.49 -35.70 -7.89
N LEU H 106 -27.71 -34.93 -7.11
CA LEU H 106 -26.54 -34.20 -7.67
C LEU H 106 -25.42 -35.21 -7.92
N GLY H 107 -25.32 -36.23 -7.05
CA GLY H 107 -24.35 -37.34 -7.15
C GLY H 107 -24.46 -38.08 -8.47
N GLN H 108 -25.66 -38.19 -9.03
CA GLN H 108 -25.96 -39.14 -10.14
C GLN H 108 -26.33 -38.39 -11.42
N CYS H 109 -26.86 -37.17 -11.33
CA CYS H 109 -27.49 -36.42 -12.47
C CYS H 109 -26.59 -35.29 -12.97
N SER H 110 -26.58 -35.09 -14.27
CA SER H 110 -25.74 -34.10 -14.97
C SER H 110 -26.53 -32.82 -15.28
N ASP H 111 -27.86 -32.92 -15.39
CA ASP H 111 -28.71 -31.80 -15.87
C ASP H 111 -30.13 -31.96 -15.34
N VAL H 112 -31.04 -31.06 -15.70
CA VAL H 112 -32.40 -31.02 -15.07
C VAL H 112 -33.25 -32.18 -15.60
N ASN H 113 -33.16 -32.51 -16.89
CA ASN H 113 -33.94 -33.63 -17.51
C ASN H 113 -33.67 -34.93 -16.75
N GLU H 114 -32.40 -35.22 -16.47
CA GLU H 114 -31.95 -36.41 -15.70
C GLU H 114 -32.52 -36.31 -14.28
N ALA H 115 -32.40 -35.14 -13.63
CA ALA H 115 -32.93 -34.88 -12.27
C ALA H 115 -34.43 -35.21 -12.26
N ARG H 116 -35.18 -34.68 -13.23
CA ARG H 116 -36.65 -34.88 -13.37
C ARG H 116 -36.97 -36.38 -13.45
N ASN H 117 -36.27 -37.12 -14.33
CA ASN H 117 -36.48 -38.59 -14.51
C ASN H 117 -36.24 -39.31 -13.17
N LEU H 118 -35.19 -38.96 -12.44
CA LEU H 118 -34.86 -39.58 -11.14
C LEU H 118 -35.90 -39.20 -10.09
N VAL H 119 -36.36 -37.94 -10.04
CA VAL H 119 -37.40 -37.51 -9.05
C VAL H 119 -38.72 -38.24 -9.34
N GLU H 120 -39.02 -38.52 -10.60
CA GLU H 120 -40.27 -39.23 -11.01
C GLU H 120 -40.30 -40.64 -10.42
N LYS H 121 -39.16 -41.18 -9.98
CA LYS H 121 -39.00 -42.55 -9.43
C LYS H 121 -38.78 -42.50 -7.92
N ILE H 122 -38.97 -41.35 -7.27
CA ILE H 122 -38.55 -41.20 -5.85
C ILE H 122 -39.77 -41.30 -4.96
N ASN H 123 -39.50 -41.72 -3.72
CA ASN H 123 -40.41 -41.68 -2.56
C ASN H 123 -39.58 -41.12 -1.41
N LEU H 124 -39.84 -39.88 -1.02
CA LEU H 124 -39.20 -39.22 0.15
C LEU H 124 -39.84 -39.82 1.40
N ILE H 125 -39.01 -40.41 2.26
CA ILE H 125 -39.44 -41.19 3.45
C ILE H 125 -39.20 -40.37 4.71
N ASN H 126 -40.08 -40.57 5.68
CA ASN H 126 -40.13 -39.83 6.97
C ASN H 126 -39.09 -40.41 7.96
N LEU H 127 -37.81 -40.41 7.59
CA LEU H 127 -36.69 -40.95 8.43
C LEU H 127 -35.75 -39.81 8.82
N SER H 128 -35.70 -39.43 10.10
CA SER H 128 -34.85 -38.35 10.66
C SER H 128 -33.36 -38.72 10.60
N PHE H 129 -32.49 -37.73 10.45
CA PHE H 129 -31.03 -37.97 10.43
C PHE H 129 -30.56 -38.32 11.85
N SER H 130 -31.12 -37.68 12.89
CA SER H 130 -30.74 -37.90 14.30
C SER H 130 -31.81 -37.29 15.22
N GLU H 131 -31.80 -37.66 16.50
CA GLU H 131 -32.67 -37.05 17.55
C GLU H 131 -32.36 -35.55 17.65
N GLN H 132 -31.08 -35.17 17.49
CA GLN H 132 -30.60 -33.75 17.54
C GLN H 132 -31.18 -32.94 16.36
N LEU H 133 -31.23 -33.52 15.16
CA LEU H 133 -31.60 -32.84 13.88
C LEU H 133 -32.83 -33.54 13.28
N PRO H 134 -34.06 -33.27 13.74
CA PRO H 134 -35.25 -33.93 13.18
C PRO H 134 -35.62 -33.30 11.83
N LEU H 135 -36.41 -34.02 11.02
CA LEU H 135 -36.87 -33.53 9.70
C LEU H 135 -37.69 -32.26 9.88
N ALA H 136 -37.46 -31.24 9.04
CA ALA H 136 -38.42 -30.13 8.79
C ALA H 136 -38.92 -30.19 7.34
N GLY H 137 -40.09 -29.61 7.10
CA GLY H 137 -40.69 -29.53 5.76
C GLY H 137 -39.84 -28.68 4.84
N LEU H 138 -39.45 -29.21 3.68
CA LEU H 138 -38.66 -28.53 2.64
C LEU H 138 -39.34 -28.68 1.28
N HIS H 139 -39.06 -27.74 0.37
CA HIS H 139 -39.23 -27.94 -1.09
C HIS H 139 -37.91 -27.55 -1.73
N TRP H 140 -37.76 -27.91 -3.00
CA TRP H 140 -36.45 -27.82 -3.67
C TRP H 140 -36.57 -27.02 -4.95
N LEU H 141 -35.54 -26.24 -5.22
CA LEU H 141 -35.24 -25.74 -6.59
C LEU H 141 -34.05 -26.56 -7.11
N ILE H 142 -34.16 -27.05 -8.35
CA ILE H 142 -33.09 -27.80 -9.06
C ILE H 142 -32.87 -27.07 -10.39
N ALA H 143 -31.65 -26.61 -10.64
CA ALA H 143 -31.33 -25.71 -11.78
C ALA H 143 -30.06 -26.20 -12.49
N ASP H 144 -30.04 -26.16 -13.83
CA ASP H 144 -28.79 -26.20 -14.63
C ASP H 144 -28.67 -24.88 -15.38
N ARG H 145 -27.71 -24.81 -16.28
CA ARG H 145 -27.30 -23.58 -17.00
C ARG H 145 -28.44 -23.16 -17.93
N GLU H 146 -29.41 -24.04 -18.17
CA GLU H 146 -30.51 -23.84 -19.13
C GLU H 146 -31.85 -23.58 -18.41
N LYS H 147 -32.16 -24.28 -17.33
CA LYS H 147 -33.55 -24.28 -16.83
C LYS H 147 -33.62 -24.83 -15.39
N SER H 148 -34.81 -24.77 -14.81
CA SER H 148 -35.01 -25.13 -13.39
C SER H 148 -36.40 -25.73 -13.20
N ILE H 149 -36.53 -26.52 -12.14
CA ILE H 149 -37.79 -27.17 -11.75
C ILE H 149 -37.92 -26.99 -10.26
N VAL H 150 -39.16 -27.04 -9.82
CA VAL H 150 -39.51 -27.06 -8.38
C VAL H 150 -40.00 -28.46 -8.03
N VAL H 151 -39.50 -29.01 -6.93
CA VAL H 151 -40.01 -30.30 -6.36
C VAL H 151 -40.70 -29.97 -5.06
N GLU H 152 -41.99 -30.26 -4.99
CA GLU H 152 -42.83 -30.17 -3.77
C GLU H 152 -43.46 -31.54 -3.57
N VAL H 153 -43.13 -32.19 -2.45
CA VAL H 153 -43.75 -33.47 -2.04
C VAL H 153 -44.75 -33.15 -0.94
N THR H 154 -46.04 -33.30 -1.26
CA THR H 154 -47.15 -32.99 -0.35
C THR H 154 -48.01 -34.24 -0.13
N LYS H 155 -49.07 -34.11 0.68
CA LYS H 155 -50.10 -35.14 0.95
C LYS H 155 -50.60 -35.75 -0.37
N SER H 156 -50.67 -34.97 -1.46
CA SER H 156 -51.21 -35.41 -2.77
C SER H 156 -50.11 -35.98 -3.68
N GLY H 157 -48.83 -36.02 -3.24
CA GLY H 157 -47.76 -36.72 -3.98
C GLY H 157 -46.55 -35.85 -4.30
N VAL H 158 -45.63 -36.41 -5.09
CA VAL H 158 -44.39 -35.80 -5.62
C VAL H 158 -44.75 -34.89 -6.80
N HIS H 159 -44.73 -33.56 -6.62
CA HIS H 159 -45.09 -32.60 -7.70
C HIS H 159 -43.81 -31.99 -8.24
N ILE H 160 -43.70 -31.92 -9.54
CA ILE H 160 -42.50 -31.33 -10.21
C ILE H 160 -43.04 -30.21 -11.08
N TYR H 161 -42.46 -29.02 -11.03
CA TYR H 161 -42.92 -27.88 -11.86
C TYR H 161 -41.74 -27.37 -12.67
N ASP H 162 -42.00 -27.14 -13.97
CA ASP H 162 -41.21 -26.19 -14.79
C ASP H 162 -41.25 -24.85 -14.02
N ASN H 163 -40.07 -24.27 -13.76
CA ASN H 163 -39.99 -22.92 -13.13
C ASN H 163 -39.67 -21.92 -14.23
N PRO H 164 -40.65 -21.21 -14.81
CA PRO H 164 -40.39 -20.34 -15.96
C PRO H 164 -39.62 -19.05 -15.62
N ILE H 165 -39.39 -18.77 -14.32
CA ILE H 165 -38.75 -17.50 -13.87
C ILE H 165 -37.51 -17.74 -12.99
N GLY H 166 -37.29 -18.96 -12.51
CA GLY H 166 -36.11 -19.27 -11.69
C GLY H 166 -36.16 -18.56 -10.35
N ILE H 167 -37.32 -18.60 -9.68
CA ILE H 167 -37.55 -18.03 -8.33
C ILE H 167 -38.24 -19.07 -7.45
N LEU H 168 -37.81 -19.19 -6.21
CA LEU H 168 -38.57 -19.94 -5.19
C LEU H 168 -38.40 -19.26 -3.84
N THR H 169 -39.44 -19.28 -3.01
CA THR H 169 -39.29 -18.87 -1.58
C THR H 169 -39.80 -20.01 -0.71
N ASN H 170 -40.80 -19.73 0.13
CA ASN H 170 -41.37 -20.68 1.13
C ASN H 170 -42.82 -20.96 0.70
N ASN H 171 -43.73 -20.98 1.65
CA ASN H 171 -45.19 -21.15 1.38
C ASN H 171 -45.74 -19.89 0.74
N PRO H 172 -46.82 -19.98 -0.08
CA PRO H 172 -47.49 -21.24 -0.39
C PRO H 172 -46.88 -22.09 -1.53
N GLU H 173 -47.61 -23.13 -1.93
CA GLU H 173 -47.21 -24.08 -3.00
C GLU H 173 -47.03 -23.31 -4.29
N PHE H 174 -46.37 -23.91 -5.27
CA PHE H 174 -45.72 -23.16 -6.37
C PHE H 174 -46.75 -22.55 -7.30
N ASN H 175 -47.87 -23.26 -7.53
CA ASN H 175 -48.93 -22.79 -8.45
C ASN H 175 -49.54 -21.52 -7.85
N TYR H 176 -49.65 -21.46 -6.53
CA TYR H 176 -50.22 -20.30 -5.80
C TYR H 176 -49.28 -19.07 -5.96
N GLN H 177 -47.99 -19.29 -5.84
CA GLN H 177 -46.94 -18.23 -5.97
C GLN H 177 -46.97 -17.68 -7.40
N MET H 178 -47.08 -18.56 -8.40
CA MET H 178 -47.06 -18.15 -9.82
C MET H 178 -48.36 -17.40 -10.11
N TYR H 179 -49.49 -17.93 -9.66
CA TYR H 179 -50.79 -17.25 -9.85
C TYR H 179 -50.75 -15.86 -9.25
N ASN H 180 -50.09 -15.71 -8.10
CA ASN H 180 -50.07 -14.45 -7.33
C ASN H 180 -49.38 -13.34 -8.14
N LEU H 181 -48.43 -13.68 -9.00
CA LEU H 181 -47.75 -12.67 -9.88
C LEU H 181 -48.75 -11.95 -10.77
N ASN H 182 -49.85 -12.62 -11.15
CA ASN H 182 -50.78 -12.09 -12.18
C ASN H 182 -51.31 -10.69 -11.82
N LYS H 183 -51.62 -10.45 -10.54
CA LYS H 183 -52.24 -9.16 -10.11
C LYS H 183 -51.26 -7.99 -10.22
N TYR H 184 -49.98 -8.25 -10.46
CA TYR H 184 -48.94 -7.20 -10.51
C TYR H 184 -48.61 -6.83 -11.97
N ARG H 185 -49.41 -7.22 -12.95
CA ARG H 185 -49.05 -7.05 -14.39
C ARG H 185 -48.82 -5.58 -14.71
N ASN H 186 -49.41 -4.65 -13.94
CA ASN H 186 -49.38 -3.20 -14.21
C ASN H 186 -48.11 -2.53 -13.66
N LEU H 187 -47.32 -3.19 -12.84
CA LEU H 187 -46.04 -2.60 -12.32
C LEU H 187 -45.11 -2.32 -13.49
N SER H 188 -44.22 -1.37 -13.31
CA SER H 188 -43.38 -0.87 -14.43
C SER H 188 -42.04 -0.41 -13.89
N ILE H 189 -41.00 -0.51 -14.72
CA ILE H 189 -39.63 -0.01 -14.43
C ILE H 189 -39.54 1.47 -14.79
N SER H 190 -40.55 2.02 -15.46
CA SER H 190 -40.55 3.43 -15.98
C SER H 190 -41.76 4.19 -15.43
N THR H 191 -41.68 5.52 -15.41
CA THR H 191 -42.79 6.42 -15.01
C THR H 191 -43.99 6.11 -15.90
N PRO H 192 -45.12 5.63 -15.37
CA PRO H 192 -46.28 5.38 -16.22
C PRO H 192 -46.92 6.70 -16.68
N GLN H 193 -47.63 6.64 -17.80
CA GLN H 193 -48.53 7.71 -18.23
C GLN H 193 -49.72 7.74 -17.26
N ASN H 194 -50.43 8.86 -17.22
CA ASN H 194 -51.66 8.98 -16.39
C ASN H 194 -52.81 8.25 -17.11
N THR H 195 -53.15 7.02 -16.67
CA THR H 195 -54.34 6.28 -17.15
C THR H 195 -55.52 6.48 -16.22
N PHE H 196 -55.29 7.10 -15.05
CA PHE H 196 -56.30 7.28 -13.97
C PHE H 196 -57.51 8.04 -14.51
N SER H 197 -57.22 9.14 -15.20
CA SER H 197 -58.26 9.95 -15.89
C SER H 197 -57.62 10.97 -16.80
N ASP H 198 -58.27 11.25 -17.93
CA ASP H 198 -57.79 12.29 -18.90
C ASP H 198 -58.34 13.64 -18.45
N SER H 199 -58.90 13.75 -17.24
CA SER H 199 -59.61 14.95 -16.73
C SER H 199 -58.88 15.52 -15.53
N VAL H 200 -57.74 14.96 -15.13
CA VAL H 200 -56.99 15.50 -13.96
C VAL H 200 -55.49 15.44 -14.22
N ASP H 201 -54.80 16.53 -13.88
CA ASP H 201 -53.36 16.69 -14.10
C ASP H 201 -52.57 16.11 -12.92
N LEU H 202 -52.26 14.82 -12.96
CA LEU H 202 -51.50 14.16 -11.87
C LEU H 202 -50.03 14.38 -12.14
N LYS H 203 -49.31 14.85 -11.13
CA LYS H 203 -47.91 15.31 -11.25
C LYS H 203 -46.97 14.23 -10.70
N VAL H 204 -45.84 14.10 -11.36
CA VAL H 204 -44.75 13.18 -10.97
C VAL H 204 -43.58 14.04 -10.49
N ASP H 205 -43.17 13.90 -9.21
CA ASP H 205 -42.11 14.72 -8.58
C ASP H 205 -40.86 13.88 -8.27
N GLY H 206 -40.77 12.66 -8.79
CA GLY H 206 -39.62 11.78 -8.56
C GLY H 206 -39.61 10.61 -9.53
N THR H 207 -38.52 9.86 -9.58
CA THR H 207 -38.44 8.62 -10.40
C THR H 207 -38.94 7.40 -9.59
N GLY H 208 -39.14 6.29 -10.27
CA GLY H 208 -39.55 5.05 -9.62
C GLY H 208 -41.05 4.91 -9.42
N PHE H 209 -41.90 5.81 -9.93
CA PHE H 209 -43.37 5.68 -9.71
C PHE H 209 -43.91 4.38 -10.33
N GLY H 210 -43.27 3.81 -11.35
CA GLY H 210 -43.79 2.62 -12.07
C GLY H 210 -43.88 1.44 -11.13
N GLY H 211 -43.04 1.38 -10.11
CA GLY H 211 -43.01 0.27 -9.14
C GLY H 211 -44.13 0.26 -8.09
N ILE H 212 -44.89 1.36 -7.97
CA ILE H 212 -45.88 1.55 -6.85
C ILE H 212 -46.90 0.39 -6.90
N GLY H 213 -47.03 -0.36 -5.79
CA GLY H 213 -47.84 -1.58 -5.71
C GLY H 213 -46.95 -2.79 -5.47
N LEU H 214 -45.64 -2.68 -5.71
CA LEU H 214 -44.67 -3.79 -5.42
C LEU H 214 -44.59 -3.96 -3.89
N PRO H 215 -44.79 -5.17 -3.33
CA PRO H 215 -44.74 -5.35 -1.88
C PRO H 215 -43.30 -5.29 -1.35
N GLY H 216 -43.14 -4.68 -0.19
CA GLY H 216 -41.81 -4.38 0.39
C GLY H 216 -41.55 -5.24 1.62
N ASP H 217 -42.54 -5.97 2.13
CA ASP H 217 -42.36 -6.73 3.41
C ASP H 217 -41.58 -8.06 3.16
N VAL H 218 -41.32 -8.84 4.21
CA VAL H 218 -40.44 -10.06 4.08
C VAL H 218 -41.26 -11.35 4.25
N SER H 219 -42.58 -11.26 4.14
CA SER H 219 -43.41 -12.50 3.97
C SER H 219 -42.89 -13.25 2.74
N PRO H 220 -43.02 -14.59 2.72
CA PRO H 220 -42.57 -15.36 1.56
C PRO H 220 -43.22 -14.95 0.23
N GLU H 221 -44.53 -14.64 0.22
CA GLU H 221 -45.22 -14.23 -1.03
C GLU H 221 -44.68 -12.88 -1.54
N SER H 222 -44.54 -11.90 -0.67
CA SER H 222 -43.98 -10.56 -1.00
C SER H 222 -42.55 -10.70 -1.51
N ARG H 223 -41.74 -11.56 -0.89
CA ARG H 223 -40.35 -11.80 -1.37
C ARG H 223 -40.39 -12.49 -2.75
N PHE H 224 -41.34 -13.39 -2.96
CA PHE H 224 -41.49 -14.07 -4.26
C PHE H 224 -41.75 -13.02 -5.34
N VAL H 225 -42.67 -12.10 -5.10
CA VAL H 225 -43.07 -11.08 -6.10
C VAL H 225 -41.87 -10.15 -6.32
N ARG H 226 -41.22 -9.71 -5.24
CA ARG H 226 -40.17 -8.65 -5.32
C ARG H 226 -38.93 -9.25 -5.97
N ALA H 227 -38.55 -10.49 -5.63
CA ALA H 227 -37.39 -11.17 -6.27
C ALA H 227 -37.66 -11.38 -7.75
N THR H 228 -38.89 -11.71 -8.11
CA THR H 228 -39.25 -11.95 -9.54
C THR H 228 -39.10 -10.63 -10.32
N PHE H 229 -39.67 -9.55 -9.82
CA PHE H 229 -39.61 -8.21 -10.46
C PHE H 229 -38.16 -7.77 -10.61
N SER H 230 -37.38 -7.88 -9.54
CA SER H 230 -35.96 -7.46 -9.50
C SER H 230 -35.12 -8.29 -10.49
N LYS H 231 -35.32 -9.61 -10.50
CA LYS H 231 -34.49 -10.54 -11.31
C LYS H 231 -34.83 -10.36 -12.79
N LEU H 232 -36.10 -10.45 -13.16
CA LEU H 232 -36.48 -10.37 -14.60
C LEU H 232 -36.10 -9.01 -15.19
N ASN H 233 -36.06 -7.93 -14.41
CA ASN H 233 -35.80 -6.56 -14.94
C ASN H 233 -34.31 -6.20 -14.79
N SER H 234 -33.53 -7.02 -14.12
CA SER H 234 -32.12 -6.64 -13.80
C SER H 234 -31.36 -6.47 -15.13
N SER H 235 -30.54 -5.43 -15.23
CA SER H 235 -29.70 -5.15 -16.43
C SER H 235 -28.74 -6.31 -16.67
N LYS H 236 -28.47 -6.59 -17.93
CA LYS H 236 -27.43 -7.58 -18.34
C LYS H 236 -26.04 -7.03 -17.98
N GLY H 237 -25.15 -7.89 -17.48
CA GLY H 237 -23.72 -7.57 -17.28
C GLY H 237 -22.93 -7.83 -18.55
N MET H 238 -21.80 -7.14 -18.72
CA MET H 238 -20.88 -7.28 -19.87
C MET H 238 -19.84 -8.36 -19.57
N THR H 239 -19.70 -8.76 -18.31
CA THR H 239 -18.73 -9.78 -17.85
C THR H 239 -19.35 -10.69 -16.80
N VAL H 240 -18.70 -11.82 -16.53
CA VAL H 240 -19.10 -12.76 -15.44
C VAL H 240 -19.04 -11.99 -14.11
N GLU H 241 -18.02 -11.16 -13.90
CA GLU H 241 -17.91 -10.35 -12.65
C GLU H 241 -19.16 -9.46 -12.49
N GLU H 242 -19.58 -8.74 -13.52
CA GLU H 242 -20.78 -7.86 -13.42
C GLU H 242 -22.02 -8.70 -13.09
N ASP H 243 -22.11 -9.91 -13.65
CA ASP H 243 -23.27 -10.82 -13.42
C ASP H 243 -23.31 -11.16 -11.93
N ILE H 244 -22.17 -11.53 -11.34
CA ILE H 244 -22.11 -11.97 -9.91
C ILE H 244 -22.52 -10.80 -9.03
N THR H 245 -21.99 -9.60 -9.32
CA THR H 245 -22.33 -8.33 -8.62
C THR H 245 -23.85 -8.15 -8.66
N GLN H 246 -24.44 -8.25 -9.85
CA GLN H 246 -25.90 -8.12 -10.10
C GLN H 246 -26.66 -9.16 -9.28
N PHE H 247 -26.18 -10.40 -9.30
CA PHE H 247 -26.82 -11.54 -8.57
C PHE H 247 -27.00 -11.19 -7.07
N PHE H 248 -25.95 -10.70 -6.43
CA PHE H 248 -25.98 -10.32 -5.00
C PHE H 248 -26.92 -9.10 -4.80
N HIS H 249 -26.92 -8.16 -5.74
CA HIS H 249 -27.86 -7.01 -5.69
C HIS H 249 -29.29 -7.56 -5.72
N ILE H 250 -29.57 -8.56 -6.55
CA ILE H 250 -30.94 -9.15 -6.60
C ILE H 250 -31.33 -9.82 -5.27
N LEU H 251 -30.47 -10.66 -4.69
CA LEU H 251 -30.79 -11.28 -3.36
C LEU H 251 -30.94 -10.18 -2.31
N GLY H 252 -30.24 -9.06 -2.50
CA GLY H 252 -30.31 -7.93 -1.56
C GLY H 252 -31.74 -7.41 -1.47
N THR H 253 -32.45 -7.39 -2.59
CA THR H 253 -33.81 -6.77 -2.66
C THR H 253 -34.76 -7.51 -1.74
N VAL H 254 -34.48 -8.78 -1.39
CA VAL H 254 -35.37 -9.63 -0.56
C VAL H 254 -34.65 -10.13 0.68
N GLU H 255 -33.57 -9.44 1.04
CA GLU H 255 -32.76 -9.70 2.26
C GLU H 255 -33.61 -9.43 3.49
N GLN H 256 -33.41 -10.17 4.58
CA GLN H 256 -34.12 -9.90 5.86
C GLN H 256 -33.11 -9.29 6.85
N ILE H 257 -33.33 -8.07 7.30
CA ILE H 257 -32.41 -7.43 8.29
C ILE H 257 -32.94 -7.75 9.70
N LYS H 258 -32.03 -7.88 10.67
CA LYS H 258 -32.41 -8.15 12.08
C LYS H 258 -33.28 -7.02 12.64
N GLY H 259 -34.45 -7.37 13.13
CA GLY H 259 -35.37 -6.43 13.77
C GLY H 259 -36.73 -6.39 13.10
N VAL H 260 -36.83 -6.66 11.80
CA VAL H 260 -38.10 -6.38 11.04
C VAL H 260 -39.00 -7.61 11.02
N ASN H 261 -38.50 -8.78 11.43
CA ASN H 261 -39.27 -10.05 11.34
C ASN H 261 -39.07 -10.84 12.64
N LYS H 262 -40.00 -10.66 13.58
CA LYS H 262 -39.95 -11.24 14.95
C LYS H 262 -40.79 -12.52 14.95
N THR H 263 -40.18 -13.68 15.16
CA THR H 263 -40.90 -15.00 15.18
C THR H 263 -41.75 -15.11 16.46
N GLU H 264 -42.59 -16.15 16.54
CA GLU H 264 -43.43 -16.51 17.71
C GLU H 264 -42.52 -16.66 18.95
N SER H 265 -41.40 -17.37 18.77
CA SER H 265 -40.32 -17.61 19.78
C SER H 265 -39.70 -16.30 20.28
N GLY H 266 -39.88 -15.18 19.56
CA GLY H 266 -39.42 -13.83 19.94
C GLY H 266 -38.04 -13.51 19.38
N LYS H 267 -37.45 -14.42 18.60
CA LYS H 267 -36.13 -14.23 17.97
C LYS H 267 -36.34 -13.45 16.66
N GLU H 268 -35.27 -12.84 16.14
CA GLU H 268 -35.26 -12.02 14.89
C GLU H 268 -34.78 -12.87 13.70
N GLU H 269 -35.65 -13.09 12.71
CA GLU H 269 -35.25 -13.77 11.43
C GLU H 269 -34.34 -12.81 10.63
N TYR H 270 -33.29 -13.34 10.01
CA TYR H 270 -32.37 -12.53 9.18
C TYR H 270 -31.71 -13.41 8.14
N THR H 271 -31.17 -12.77 7.11
CA THR H 271 -30.44 -13.45 6.00
C THR H 271 -29.04 -13.81 6.52
N VAL H 272 -28.91 -15.07 6.93
CA VAL H 272 -27.67 -15.66 7.53
C VAL H 272 -26.57 -15.53 6.51
N TYR H 273 -26.86 -15.95 5.27
CA TYR H 273 -25.87 -15.95 4.18
C TYR H 273 -26.63 -15.80 2.87
N SER H 274 -25.87 -15.34 1.87
CA SER H 274 -26.30 -15.22 0.46
C SER H 274 -25.27 -15.88 -0.42
N ASN H 275 -25.67 -16.64 -1.43
CA ASN H 275 -24.65 -17.21 -2.35
C ASN H 275 -25.13 -17.16 -3.79
N CYS H 276 -24.14 -17.30 -4.64
CA CYS H 276 -24.23 -17.31 -6.11
C CYS H 276 -23.24 -18.37 -6.60
N TYR H 277 -23.74 -19.48 -7.14
CA TYR H 277 -22.90 -20.47 -7.83
C TYR H 277 -22.80 -20.10 -9.30
N ASP H 278 -21.58 -19.98 -9.83
CA ASP H 278 -21.32 -20.00 -11.29
C ASP H 278 -21.36 -21.48 -11.68
N LEU H 279 -22.39 -21.92 -12.41
CA LEU H 279 -22.55 -23.31 -12.86
C LEU H 279 -21.49 -23.65 -13.92
N ASP H 280 -21.27 -22.82 -14.94
CA ASP H 280 -20.33 -23.12 -16.05
C ASP H 280 -18.90 -23.31 -15.50
N ASN H 281 -18.49 -22.50 -14.52
CA ASN H 281 -17.11 -22.48 -13.94
C ASN H 281 -17.11 -23.17 -12.58
N LYS H 282 -18.24 -23.75 -12.15
CA LYS H 282 -18.40 -24.53 -10.89
C LYS H 282 -17.66 -23.82 -9.76
N THR H 283 -18.02 -22.56 -9.48
CA THR H 283 -17.46 -21.75 -8.37
C THR H 283 -18.62 -21.23 -7.46
N LEU H 284 -18.41 -21.37 -6.15
CA LEU H 284 -19.29 -20.85 -5.07
C LEU H 284 -18.75 -19.47 -4.64
N TYR H 285 -19.57 -18.43 -4.82
CA TYR H 285 -19.41 -17.11 -4.18
C TYR H 285 -20.39 -17.00 -3.02
N TYR H 286 -19.98 -16.41 -1.89
CA TYR H 286 -20.94 -16.13 -0.80
C TYR H 286 -20.56 -14.93 0.06
N THR H 287 -21.61 -14.45 0.72
CA THR H 287 -21.61 -13.40 1.76
C THR H 287 -22.36 -13.94 2.96
N THR H 288 -22.13 -13.35 4.12
CA THR H 288 -22.87 -13.61 5.37
C THR H 288 -23.49 -12.30 5.84
N TYR H 289 -24.39 -12.34 6.81
CA TYR H 289 -24.94 -11.12 7.44
C TYR H 289 -23.78 -10.26 7.97
N GLU H 290 -22.72 -10.85 8.53
CA GLU H 290 -21.68 -10.13 9.30
C GLU H 290 -20.52 -9.66 8.42
N ASN H 291 -20.39 -10.20 7.21
CA ASN H 291 -19.24 -9.92 6.32
C ASN H 291 -19.76 -9.64 4.91
N ARG H 292 -19.59 -8.41 4.43
CA ARG H 292 -20.14 -8.02 3.09
C ARG H 292 -19.21 -8.56 2.01
N GLN H 293 -17.93 -8.74 2.33
CA GLN H 293 -16.93 -9.17 1.32
C GLN H 293 -17.33 -10.52 0.74
N ILE H 294 -17.43 -10.58 -0.57
CA ILE H 294 -17.70 -11.86 -1.30
C ILE H 294 -16.48 -12.77 -1.09
N VAL H 295 -16.76 -14.02 -0.73
CA VAL H 295 -15.79 -15.16 -0.63
C VAL H 295 -16.05 -16.13 -1.81
N ALA H 296 -15.00 -16.55 -2.52
CA ALA H 296 -15.07 -17.48 -3.66
C ALA H 296 -14.32 -18.78 -3.35
N VAL H 297 -14.93 -19.92 -3.67
CA VAL H 297 -14.29 -21.27 -3.59
C VAL H 297 -14.66 -22.06 -4.85
N THR H 298 -13.66 -22.59 -5.55
CA THR H 298 -13.81 -23.45 -6.75
C THR H 298 -13.82 -24.93 -6.32
N LEU H 299 -14.55 -25.75 -7.08
CA LEU H 299 -14.51 -27.23 -7.11
C LEU H 299 -13.50 -27.61 -8.21
N ASN H 300 -12.29 -28.07 -7.87
CA ASN H 300 -11.20 -28.36 -8.85
C ASN H 300 -11.22 -29.84 -9.25
N GLY H 305 -10.16 -37.91 -4.25
CA GLY H 305 -10.32 -37.79 -2.79
C GLY H 305 -11.45 -38.66 -2.26
N ASN H 306 -11.52 -38.84 -0.93
CA ASN H 306 -12.54 -39.69 -0.26
C ASN H 306 -13.05 -39.01 1.02
N ARG H 307 -12.34 -38.01 1.54
CA ARG H 307 -12.76 -37.28 2.75
C ARG H 307 -13.38 -35.92 2.35
N LEU H 308 -14.32 -35.44 3.17
CA LEU H 308 -14.95 -34.08 3.06
C LEU H 308 -13.89 -33.02 3.37
N VAL H 309 -13.82 -31.99 2.54
CA VAL H 309 -12.95 -30.79 2.65
C VAL H 309 -13.89 -29.61 2.97
N THR H 310 -13.77 -29.03 4.16
CA THR H 310 -14.61 -27.91 4.64
C THR H 310 -13.80 -26.61 4.70
N TYR H 311 -14.52 -25.49 4.74
CA TYR H 311 -14.02 -24.10 4.87
C TYR H 311 -15.03 -23.32 5.69
N PRO H 312 -14.75 -23.00 6.97
CA PRO H 312 -15.70 -22.27 7.83
C PRO H 312 -15.99 -20.84 7.36
N PHE H 313 -17.23 -20.38 7.61
CA PHE H 313 -17.70 -19.02 7.23
C PHE H 313 -17.08 -18.00 8.19
N GLU H 314 -16.48 -16.93 7.65
CA GLU H 314 -16.07 -15.82 8.54
C GLU H 314 -17.26 -14.89 8.76
N ARG H 315 -17.52 -14.60 10.05
CA ARG H 315 -18.68 -13.81 10.55
C ARG H 315 -18.12 -12.56 11.22
N LYS H 316 -17.15 -11.92 10.57
CA LYS H 316 -16.67 -10.58 10.97
C LYS H 316 -16.55 -9.76 9.70
N GLN H 317 -16.88 -8.47 9.81
CA GLN H 317 -16.81 -7.50 8.69
C GLN H 317 -15.35 -7.31 8.27
N ILE H 318 -14.97 -7.79 7.09
CA ILE H 318 -13.61 -7.59 6.53
C ILE H 318 -13.59 -6.29 5.73
N ILE H 319 -13.09 -5.25 6.38
CA ILE H 319 -13.05 -3.85 5.88
C ILE H 319 -11.66 -3.58 5.33
N ASN H 320 -11.58 -2.98 4.16
CA ASN H 320 -10.33 -2.49 3.54
C ASN H 320 -9.99 -1.09 4.11
N LYS H 321 -9.19 -1.03 5.19
CA LYS H 321 -8.71 0.25 5.79
C LYS H 321 -7.62 0.86 4.89
N LEU H 322 -7.96 1.96 4.19
CA LEU H 322 -7.04 2.76 3.33
C LEU H 322 -6.01 3.49 4.19
N ASN H 323 -6.37 3.92 5.41
CA ASN H 323 -5.45 4.61 6.35
C ASN H 323 -5.78 4.20 7.79
#